data_8W7W
# 
_entry.id   8W7W 
# 
_audit_conform.dict_name       mmcif_pdbx.dic 
_audit_conform.dict_version    5.395 
_audit_conform.dict_location   http://mmcif.pdb.org/dictionaries/ascii/mmcif_pdbx.dic 
# 
loop_
_database_2.database_id 
_database_2.database_code 
_database_2.pdbx_database_accession 
_database_2.pdbx_DOI 
PDB   8W7W         pdb_00008w7w 10.2210/pdb8w7w/pdb 
WWPDB D_1300040730 ?            ?                   
# 
loop_
_pdbx_audit_revision_history.ordinal 
_pdbx_audit_revision_history.data_content_type 
_pdbx_audit_revision_history.major_revision 
_pdbx_audit_revision_history.minor_revision 
_pdbx_audit_revision_history.revision_date 
1 'Structure model' 1 0 2024-08-07 
2 'Structure model' 1 1 2024-09-11 
# 
_pdbx_audit_revision_details.ordinal             1 
_pdbx_audit_revision_details.revision_ordinal    1 
_pdbx_audit_revision_details.data_content_type   'Structure model' 
_pdbx_audit_revision_details.provider            repository 
_pdbx_audit_revision_details.type                'Initial release' 
_pdbx_audit_revision_details.description         ? 
_pdbx_audit_revision_details.details             ? 
# 
_pdbx_audit_revision_group.ordinal             1 
_pdbx_audit_revision_group.revision_ordinal    2 
_pdbx_audit_revision_group.data_content_type   'Structure model' 
_pdbx_audit_revision_group.group               'Database references' 
# 
loop_
_pdbx_audit_revision_category.ordinal 
_pdbx_audit_revision_category.revision_ordinal 
_pdbx_audit_revision_category.data_content_type 
_pdbx_audit_revision_category.category 
1 2 'Structure model' citation        
2 2 'Structure model' citation_author 
# 
loop_
_pdbx_audit_revision_item.ordinal 
_pdbx_audit_revision_item.revision_ordinal 
_pdbx_audit_revision_item.data_content_type 
_pdbx_audit_revision_item.item 
1 2 'Structure model' '_citation.journal_volume'          
2 2 'Structure model' '_citation.page_first'              
3 2 'Structure model' '_citation.page_last'               
4 2 'Structure model' '_citation_author.identifier_ORCID' 
# 
_pdbx_database_status.status_code                     REL 
_pdbx_database_status.status_code_sf                  REL 
_pdbx_database_status.status_code_mr                  ? 
_pdbx_database_status.entry_id                        8W7W 
_pdbx_database_status.recvd_initial_deposition_date   2023-08-31 
_pdbx_database_status.SG_entry                        N 
_pdbx_database_status.deposit_site                    PDBJ 
_pdbx_database_status.process_site                    PDBJ 
_pdbx_database_status.status_code_cs                  ? 
_pdbx_database_status.status_code_nmr_data            ? 
_pdbx_database_status.methods_development_category    ? 
_pdbx_database_status.pdb_format_compatible           Y 
# 
_pdbx_contact_author.id                 3 
_pdbx_contact_author.email              mhho@nchu.edu.tw 
_pdbx_contact_author.name_first         Ming-Hon 
_pdbx_contact_author.name_last          Hou 
_pdbx_contact_author.name_mi            ? 
_pdbx_contact_author.role               'principal investigator/group leader' 
_pdbx_contact_author.identifier_ORCID   0000-0003-4170-1527 
# 
loop_
_audit_author.name 
_audit_author.pdbx_ordinal 
_audit_author.identifier_ORCID 
'Huang, S.C.'   1 ? 
'Satange, R.B.' 2 ? 
'Hou, M.H.'     3 ? 
# 
_citation.abstract                  ? 
_citation.abstract_id_CAS           ? 
_citation.book_id_ISBN              ? 
_citation.book_publisher            ? 
_citation.book_publisher_city       ? 
_citation.book_title                ? 
_citation.coordinate_linkage        ? 
_citation.country                   UK 
_citation.database_id_Medline       ? 
_citation.details                   ? 
_citation.id                        primary 
_citation.journal_abbrev            'Nucleic Acids Res.' 
_citation.journal_id_ASTM           NARHAD 
_citation.journal_id_CSD            0389 
_citation.journal_id_ISSN           1362-4962 
_citation.journal_full              ? 
_citation.journal_issue             ? 
_citation.journal_volume            52 
_citation.language                  ? 
_citation.page_first                9303 
_citation.page_last                 9316 
_citation.title                     
'Targeting DNA junction sites by bis-intercalators induces topological changes with potent antitumor effects.' 
_citation.year                      2024 
_citation.database_id_CSD           ? 
_citation.pdbx_database_id_DOI      10.1093/nar/gkae643 
_citation.pdbx_database_id_PubMed   39036959 
_citation.pdbx_database_id_patent   ? 
_citation.unpublished_flag          ? 
# 
loop_
_citation_author.citation_id 
_citation_author.name 
_citation_author.ordinal 
_citation_author.identifier_ORCID 
primary 'Huang, S.C.'  1  ? 
primary 'Chen, C.W.'   2  ? 
primary 'Satange, R.'  3  ? 
primary 'Hsieh, C.C.'  4  ? 
primary 'Chang, C.C.'  5  ? 
primary 'Wang, S.C.'   6  ? 
primary 'Peng, C.L.'   7  ? 
primary 'Chen, T.L.'   8  ? 
primary 'Chiang, M.H.' 9  ? 
primary 'Horng, Y.C.'  10 ? 
primary 'Hou, M.H.'    11 ? 
# 
loop_
_entity.id 
_entity.type 
_entity.src_method 
_entity.pdbx_description 
_entity.formula_weight 
_entity.pdbx_number_of_molecules 
_entity.pdbx_ec 
_entity.pdbx_mutation 
_entity.pdbx_fragment 
_entity.details 
1 polymer     syn 
;DNA (5'-D(P*CP*GP*TP*AP*TP*AP*CP*G)-3')
;
2426.617 4  ? ? ? ? 
2 non-polymer syn "~{N},~{N}'-di(acridin-9-yl)pentane-1,5-diamine" 456.581  4  ? ? ? ? 
3 non-polymer syn 'MAGNESIUM ION'                                  24.305   2  ? ? ? ? 
4 water       nat water                                            18.015   39 ? ? ? ? 
# 
_entity_poly.entity_id                      1 
_entity_poly.type                           polydeoxyribonucleotide 
_entity_poly.nstd_linkage                   no 
_entity_poly.nstd_monomer                   no 
_entity_poly.pdbx_seq_one_letter_code       '(DC)(DG)(DT)(DA)(DT)(DA)(DC)(DG)' 
_entity_poly.pdbx_seq_one_letter_code_can   CGTATACG 
_entity_poly.pdbx_strand_id                 A,B,D,E 
_entity_poly.pdbx_target_identifier         ? 
# 
loop_
_pdbx_entity_nonpoly.entity_id 
_pdbx_entity_nonpoly.name 
_pdbx_entity_nonpoly.comp_id 
2 "~{N},~{N}'-di(acridin-9-yl)pentane-1,5-diamine" VZX 
3 'MAGNESIUM ION'                                  MG  
4 water                                            HOH 
# 
loop_
_entity_poly_seq.entity_id 
_entity_poly_seq.num 
_entity_poly_seq.mon_id 
_entity_poly_seq.hetero 
1 1 DC n 
1 2 DG n 
1 3 DT n 
1 4 DA n 
1 5 DT n 
1 6 DA n 
1 7 DC n 
1 8 DG n 
# 
_pdbx_entity_src_syn.entity_id              1 
_pdbx_entity_src_syn.pdbx_src_id            1 
_pdbx_entity_src_syn.pdbx_alt_source_flag   sample 
_pdbx_entity_src_syn.pdbx_beg_seq_num       1 
_pdbx_entity_src_syn.pdbx_end_seq_num       8 
_pdbx_entity_src_syn.organism_scientific    'synthetic construct' 
_pdbx_entity_src_syn.organism_common_name   ? 
_pdbx_entity_src_syn.ncbi_taxonomy_id       32630 
_pdbx_entity_src_syn.details                ? 
# 
loop_
_chem_comp.id 
_chem_comp.type 
_chem_comp.mon_nstd_flag 
_chem_comp.name 
_chem_comp.pdbx_synonyms 
_chem_comp.formula 
_chem_comp.formula_weight 
DA  'DNA linking' y "2'-DEOXYADENOSINE-5'-MONOPHOSPHATE"             ? 'C10 H14 N5 O6 P' 331.222 
DC  'DNA linking' y "2'-DEOXYCYTIDINE-5'-MONOPHOSPHATE"              ? 'C9 H14 N3 O7 P'  307.197 
DG  'DNA linking' y "2'-DEOXYGUANOSINE-5'-MONOPHOSPHATE"             ? 'C10 H14 N5 O7 P' 347.221 
DT  'DNA linking' y "THYMIDINE-5'-MONOPHOSPHATE"                     ? 'C10 H15 N2 O8 P' 322.208 
HOH non-polymer   . WATER                                            ? 'H2 O'            18.015  
MG  non-polymer   . 'MAGNESIUM ION'                                  ? 'Mg 2'            24.305  
VZX non-polymer   . "~{N},~{N}'-di(acridin-9-yl)pentane-1,5-diamine" ? 'C31 H28 N4'      456.581 
# 
loop_
_pdbx_poly_seq_scheme.asym_id 
_pdbx_poly_seq_scheme.entity_id 
_pdbx_poly_seq_scheme.seq_id 
_pdbx_poly_seq_scheme.mon_id 
_pdbx_poly_seq_scheme.ndb_seq_num 
_pdbx_poly_seq_scheme.pdb_seq_num 
_pdbx_poly_seq_scheme.auth_seq_num 
_pdbx_poly_seq_scheme.pdb_mon_id 
_pdbx_poly_seq_scheme.auth_mon_id 
_pdbx_poly_seq_scheme.pdb_strand_id 
_pdbx_poly_seq_scheme.pdb_ins_code 
_pdbx_poly_seq_scheme.hetero 
A 1 1 DC 1 1 1 DC DC A . n 
A 1 2 DG 2 2 2 DG DG A . n 
A 1 3 DT 3 3 3 DT DT A . n 
A 1 4 DA 4 4 4 DA DA A . n 
A 1 5 DT 5 5 5 DT DT A . n 
A 1 6 DA 6 6 6 DA DA A . n 
A 1 7 DC 7 7 7 DC DC A . n 
A 1 8 DG 8 8 8 DG DG A . n 
B 1 1 DC 1 1 1 DC DC B . n 
B 1 2 DG 2 2 2 DG DG B . n 
B 1 3 DT 3 3 3 DT DT B . n 
B 1 4 DA 4 4 4 DA DA B . n 
B 1 5 DT 5 5 5 DT DT B . n 
B 1 6 DA 6 6 6 DA DA B . n 
B 1 7 DC 7 7 7 DC DC B . n 
B 1 8 DG 8 8 8 DG DG B . n 
C 1 1 DC 1 1 1 DC DC D . n 
C 1 2 DG 2 2 2 DG DG D . n 
C 1 3 DT 3 3 3 DT DT D . n 
C 1 4 DA 4 4 4 DA DA D . n 
C 1 5 DT 5 5 5 DT DT D . n 
C 1 6 DA 6 6 6 DA DA D . n 
C 1 7 DC 7 7 7 DC DC D . n 
C 1 8 DG 8 8 8 DG DG D . n 
D 1 1 DC 1 1 1 DC DC E . n 
D 1 2 DG 2 2 2 DG DG E . n 
D 1 3 DT 3 3 3 DT DT E . n 
D 1 4 DA 4 4 4 DA DA E . n 
D 1 5 DT 5 5 5 DT DT E . n 
D 1 6 DA 6 6 6 DA DA E . n 
D 1 7 DC 7 7 7 DC DC E . n 
D 1 8 DG 8 8 8 DG DG E . n 
# 
_pdbx_entity_instance_feature.ordinal        1 
_pdbx_entity_instance_feature.comp_id        VZX 
_pdbx_entity_instance_feature.asym_id        ? 
_pdbx_entity_instance_feature.seq_num        ? 
_pdbx_entity_instance_feature.auth_comp_id   VZX 
_pdbx_entity_instance_feature.auth_asym_id   ? 
_pdbx_entity_instance_feature.auth_seq_num   ? 
_pdbx_entity_instance_feature.feature_type   'SUBJECT OF INVESTIGATION' 
_pdbx_entity_instance_feature.details        ? 
# 
loop_
_pdbx_nonpoly_scheme.asym_id 
_pdbx_nonpoly_scheme.entity_id 
_pdbx_nonpoly_scheme.mon_id 
_pdbx_nonpoly_scheme.ndb_seq_num 
_pdbx_nonpoly_scheme.pdb_seq_num 
_pdbx_nonpoly_scheme.auth_seq_num 
_pdbx_nonpoly_scheme.pdb_mon_id 
_pdbx_nonpoly_scheme.auth_mon_id 
_pdbx_nonpoly_scheme.pdb_strand_id 
_pdbx_nonpoly_scheme.pdb_ins_code 
E 2 VZX 1  101 101 VZX F1R A . 
F 2 VZX 1  101 102 VZX F1R B . 
G 3 MG  1  102 2   MG  MG  B . 
H 2 VZX 1  101 101 VZX F1R D . 
I 2 VZX 1  101 102 VZX F1R E . 
J 3 MG  1  102 1   MG  MG  E . 
K 4 HOH 1  201 34  HOH HOH A . 
K 4 HOH 2  202 10  HOH HOH A . 
K 4 HOH 3  203 15  HOH HOH A . 
K 4 HOH 4  204 8   HOH HOH A . 
K 4 HOH 5  205 13  HOH HOH A . 
K 4 HOH 6  206 12  HOH HOH A . 
K 4 HOH 7  207 7   HOH HOH A . 
K 4 HOH 8  208 14  HOH HOH A . 
K 4 HOH 9  209 24  HOH HOH A . 
K 4 HOH 10 210 18  HOH HOH A . 
K 4 HOH 11 211 16  HOH HOH A . 
K 4 HOH 12 212 38  HOH HOH A . 
K 4 HOH 13 213 6   HOH HOH A . 
K 4 HOH 14 214 35  HOH HOH A . 
K 4 HOH 15 215 11  HOH HOH A . 
L 4 HOH 1  201 25  HOH HOH B . 
L 4 HOH 2  202 17  HOH HOH B . 
L 4 HOH 3  203 1   HOH HOH B . 
L 4 HOH 4  204 27  HOH HOH B . 
L 4 HOH 5  205 5   HOH HOH B . 
L 4 HOH 6  206 40  HOH HOH B . 
M 4 HOH 1  201 39  HOH HOH D . 
M 4 HOH 2  202 3   HOH HOH D . 
M 4 HOH 3  203 28  HOH HOH D . 
M 4 HOH 4  204 36  HOH HOH D . 
M 4 HOH 5  205 22  HOH HOH D . 
M 4 HOH 6  206 23  HOH HOH D . 
M 4 HOH 7  207 20  HOH HOH D . 
M 4 HOH 8  208 4   HOH HOH D . 
M 4 HOH 9  209 21  HOH HOH D . 
M 4 HOH 10 210 19  HOH HOH D . 
M 4 HOH 11 211 2   HOH HOH D . 
M 4 HOH 12 212 33  HOH HOH D . 
N 4 HOH 1  201 31  HOH HOH E . 
N 4 HOH 2  202 29  HOH HOH E . 
N 4 HOH 3  203 37  HOH HOH E . 
N 4 HOH 4  204 32  HOH HOH E . 
N 4 HOH 5  205 9   HOH HOH E . 
N 4 HOH 6  206 30  HOH HOH E . 
# 
loop_
_software.citation_id 
_software.classification 
_software.compiler_name 
_software.compiler_version 
_software.contact_author 
_software.contact_author_email 
_software.date 
_software.description 
_software.dependencies 
_software.hardware 
_software.language 
_software.location 
_software.mods 
_software.name 
_software.os 
_software.os_version 
_software.type 
_software.version 
_software.pdbx_ordinal 
? refinement       ? ? ? ? ? ? ? ? ? ? ? PHENIX   ? ? ? '(1.17.1_3660: ???)' 1 
? 'data scaling'   ? ? ? ? ? ? ? ? ? ? ? HKL-2000 ? ? ? .                    2 
? 'data reduction' ? ? ? ? ? ? ? ? ? ? ? HKL-2000 ? ? ? .                    3 
? phasing          ? ? ? ? ? ? ? ? ? ? ? PHENIX   ? ? ? .                    4 
# 
_cell.angle_alpha                  90.00 
_cell.angle_alpha_esd              ? 
_cell.angle_beta                   92.67 
_cell.angle_beta_esd               ? 
_cell.angle_gamma                  90.00 
_cell.angle_gamma_esd              ? 
_cell.entry_id                     8W7W 
_cell.details                      ? 
_cell.formula_units_Z              ? 
_cell.length_a                     24.146 
_cell.length_a_esd                 ? 
_cell.length_b                     72.095 
_cell.length_b_esd                 ? 
_cell.length_c                     24.127 
_cell.length_c_esd                 ? 
_cell.volume                       ? 
_cell.volume_esd                   ? 
_cell.Z_PDB                        8 
_cell.reciprocal_angle_alpha       ? 
_cell.reciprocal_angle_beta        ? 
_cell.reciprocal_angle_gamma       ? 
_cell.reciprocal_angle_alpha_esd   ? 
_cell.reciprocal_angle_beta_esd    ? 
_cell.reciprocal_angle_gamma_esd   ? 
_cell.reciprocal_length_a          ? 
_cell.reciprocal_length_b          ? 
_cell.reciprocal_length_c          ? 
_cell.reciprocal_length_a_esd      ? 
_cell.reciprocal_length_b_esd      ? 
_cell.reciprocal_length_c_esd      ? 
_cell.pdbx_unique_axis             ? 
_cell.pdbx_esd_method              ? 
# 
_symmetry.entry_id                         8W7W 
_symmetry.cell_setting                     ? 
_symmetry.Int_Tables_number                4 
_symmetry.space_group_name_Hall            ? 
_symmetry.space_group_name_H-M             'P 1 21 1' 
_symmetry.pdbx_full_space_group_name_H-M   ? 
# 
_exptl.absorpt_coefficient_mu     ? 
_exptl.absorpt_correction_T_max   ? 
_exptl.absorpt_correction_T_min   ? 
_exptl.absorpt_correction_type    ? 
_exptl.absorpt_process_details    ? 
_exptl.entry_id                   8W7W 
_exptl.crystals_number            1 
_exptl.details                    ? 
_exptl.method                     'X-RAY DIFFRACTION' 
_exptl.method_details             ? 
# 
_exptl_crystal.colour                       ? 
_exptl_crystal.density_diffrn               ? 
_exptl_crystal.density_Matthews             2.16 
_exptl_crystal.density_method               ? 
_exptl_crystal.density_percent_sol          43.09 
_exptl_crystal.description                  ? 
_exptl_crystal.F_000                        ? 
_exptl_crystal.id                           1 
_exptl_crystal.preparation                  ? 
_exptl_crystal.size_max                     ? 
_exptl_crystal.size_mid                     ? 
_exptl_crystal.size_min                     ? 
_exptl_crystal.size_rad                     ? 
_exptl_crystal.colour_lustre                ? 
_exptl_crystal.colour_modifier              ? 
_exptl_crystal.colour_primary               ? 
_exptl_crystal.density_meas                 ? 
_exptl_crystal.density_meas_esd             ? 
_exptl_crystal.density_meas_gt              ? 
_exptl_crystal.density_meas_lt              ? 
_exptl_crystal.density_meas_temp            ? 
_exptl_crystal.density_meas_temp_esd        ? 
_exptl_crystal.density_meas_temp_gt         ? 
_exptl_crystal.density_meas_temp_lt         ? 
_exptl_crystal.pdbx_crystal_image_url       ? 
_exptl_crystal.pdbx_crystal_image_format    ? 
_exptl_crystal.pdbx_mosaicity               ? 
_exptl_crystal.pdbx_mosaicity_esd           ? 
_exptl_crystal.pdbx_mosaic_method           ? 
_exptl_crystal.pdbx_mosaic_block_size       ? 
_exptl_crystal.pdbx_mosaic_block_size_esd   ? 
# 
_exptl_crystal_grow.apparatus       ? 
_exptl_crystal_grow.atmosphere      ? 
_exptl_crystal_grow.crystal_id      1 
_exptl_crystal_grow.details         ? 
_exptl_crystal_grow.method          'VAPOR DIFFUSION, SITTING DROP' 
_exptl_crystal_grow.method_ref      ? 
_exptl_crystal_grow.pH              7.0 
_exptl_crystal_grow.pressure        ? 
_exptl_crystal_grow.pressure_esd    ? 
_exptl_crystal_grow.seeding         ? 
_exptl_crystal_grow.seeding_ref     ? 
_exptl_crystal_grow.temp_details    ? 
_exptl_crystal_grow.temp_esd        ? 
_exptl_crystal_grow.time            ? 
_exptl_crystal_grow.pdbx_details    
;0.3mM oligonucleotides, 0.3mM ligand, 25mM bis-tris (pH 7.0), 50mM sodium chloride, 10mM magnesium chloride hexahydrate, 15% (v/v) 2-methyl-2,4-pentanediol
;
_exptl_crystal_grow.pdbx_pH_range   ? 
_exptl_crystal_grow.temp            293 
# 
_diffrn.ambient_environment              ? 
_diffrn.ambient_temp                     100 
_diffrn.ambient_temp_details             ? 
_diffrn.ambient_temp_esd                 ? 
_diffrn.crystal_id                       1 
_diffrn.crystal_support                  ? 
_diffrn.crystal_treatment                ? 
_diffrn.details                          ? 
_diffrn.id                               1 
_diffrn.ambient_pressure                 ? 
_diffrn.ambient_pressure_esd             ? 
_diffrn.ambient_pressure_gt              ? 
_diffrn.ambient_pressure_lt              ? 
_diffrn.ambient_temp_gt                  ? 
_diffrn.ambient_temp_lt                  ? 
_diffrn.pdbx_serial_crystal_experiment   N 
# 
_diffrn_detector.details                      ? 
_diffrn_detector.detector                     CCD 
_diffrn_detector.diffrn_id                    1 
_diffrn_detector.type                         'RAYONIX MX300HE' 
_diffrn_detector.area_resol_mean              ? 
_diffrn_detector.dtime                        ? 
_diffrn_detector.pdbx_frames_total            ? 
_diffrn_detector.pdbx_collection_time_total   ? 
_diffrn_detector.pdbx_collection_date         2021-11-22 
_diffrn_detector.pdbx_frequency               ? 
_diffrn_detector.id                           ? 
_diffrn_detector.number_of_axes               ? 
# 
_diffrn_radiation.collimation                      ? 
_diffrn_radiation.diffrn_id                        1 
_diffrn_radiation.filter_edge                      ? 
_diffrn_radiation.inhomogeneity                    ? 
_diffrn_radiation.monochromator                    ? 
_diffrn_radiation.polarisn_norm                    ? 
_diffrn_radiation.polarisn_ratio                   ? 
_diffrn_radiation.probe                            ? 
_diffrn_radiation.type                             ? 
_diffrn_radiation.xray_symbol                      ? 
_diffrn_radiation.wavelength_id                    1 
_diffrn_radiation.pdbx_monochromatic_or_laue_m_l   M 
_diffrn_radiation.pdbx_wavelength_list             ? 
_diffrn_radiation.pdbx_wavelength                  ? 
_diffrn_radiation.pdbx_diffrn_protocol             'SINGLE WAVELENGTH' 
_diffrn_radiation.pdbx_analyzer                    ? 
_diffrn_radiation.pdbx_scattering_type             x-ray 
# 
_diffrn_radiation_wavelength.id           1 
_diffrn_radiation_wavelength.wavelength   1.0000 
_diffrn_radiation_wavelength.wt           1.0 
# 
_diffrn_source.current                     ? 
_diffrn_source.details                     ? 
_diffrn_source.diffrn_id                   1 
_diffrn_source.power                       ? 
_diffrn_source.size                        ? 
_diffrn_source.source                      SYNCHROTRON 
_diffrn_source.target                      ? 
_diffrn_source.type                        'NSRRC BEAMLINE BL15A1' 
_diffrn_source.voltage                     ? 
_diffrn_source.take-off_angle              ? 
_diffrn_source.pdbx_wavelength_list        1.0000 
_diffrn_source.pdbx_wavelength             ? 
_diffrn_source.pdbx_synchrotron_beamline   BL15A1 
_diffrn_source.pdbx_synchrotron_site       NSRRC 
# 
_reflns.B_iso_Wilson_estimate                          ? 
_reflns.entry_id                                       8W7W 
_reflns.data_reduction_details                         ? 
_reflns.data_reduction_method                          ? 
_reflns.d_resolution_high                              1.58 
_reflns.d_resolution_low                               30.00 
_reflns.details                                        ? 
_reflns.limit_h_max                                    ? 
_reflns.limit_h_min                                    ? 
_reflns.limit_k_max                                    ? 
_reflns.limit_k_min                                    ? 
_reflns.limit_l_max                                    ? 
_reflns.limit_l_min                                    ? 
_reflns.number_all                                     ? 
_reflns.number_obs                                     11068 
_reflns.observed_criterion                             ? 
_reflns.observed_criterion_F_max                       ? 
_reflns.observed_criterion_F_min                       ? 
_reflns.observed_criterion_I_max                       ? 
_reflns.observed_criterion_I_min                       ? 
_reflns.observed_criterion_sigma_F                     ? 
_reflns.observed_criterion_sigma_I                     ? 
_reflns.percent_possible_obs                           96.4 
_reflns.R_free_details                                 ? 
_reflns.Rmerge_F_all                                   ? 
_reflns.Rmerge_F_obs                                   ? 
_reflns.Friedel_coverage                               ? 
_reflns.number_gt                                      ? 
_reflns.threshold_expression                           ? 
_reflns.pdbx_redundancy                                3.6 
_reflns.pdbx_netI_over_av_sigmaI                       ? 
_reflns.pdbx_netI_over_sigmaI                          29.2 
_reflns.pdbx_res_netI_over_av_sigmaI_2                 ? 
_reflns.pdbx_res_netI_over_sigmaI_2                    ? 
_reflns.pdbx_chi_squared                               ? 
_reflns.pdbx_scaling_rejects                           ? 
_reflns.pdbx_d_res_high_opt                            ? 
_reflns.pdbx_d_res_low_opt                             ? 
_reflns.pdbx_d_res_opt_method                          ? 
_reflns.phase_calculation_details                      ? 
_reflns.pdbx_Rrim_I_all                                ? 
_reflns.pdbx_Rpim_I_all                                ? 
_reflns.pdbx_d_opt                                     ? 
_reflns.pdbx_number_measured_all                       ? 
_reflns.pdbx_diffrn_id                                 1 
_reflns.pdbx_ordinal                                   1 
_reflns.pdbx_CC_half                                   ? 
_reflns.pdbx_CC_star                                   ? 
_reflns.pdbx_R_split                                   ? 
_reflns.pdbx_Rmerge_I_obs                              ? 
_reflns.pdbx_Rmerge_I_all                              ? 
_reflns.pdbx_Rsym_value                                0.022 
_reflns.pdbx_CC_split_method                           ? 
_reflns.pdbx_aniso_diffraction_limit_axis_1_ortho[1]   ? 
_reflns.pdbx_aniso_diffraction_limit_axis_1_ortho[2]   ? 
_reflns.pdbx_aniso_diffraction_limit_axis_1_ortho[3]   ? 
_reflns.pdbx_aniso_diffraction_limit_axis_2_ortho[1]   ? 
_reflns.pdbx_aniso_diffraction_limit_axis_2_ortho[2]   ? 
_reflns.pdbx_aniso_diffraction_limit_axis_2_ortho[3]   ? 
_reflns.pdbx_aniso_diffraction_limit_axis_3_ortho[1]   ? 
_reflns.pdbx_aniso_diffraction_limit_axis_3_ortho[2]   ? 
_reflns.pdbx_aniso_diffraction_limit_axis_3_ortho[3]   ? 
_reflns.pdbx_aniso_diffraction_limit_1                 ? 
_reflns.pdbx_aniso_diffraction_limit_2                 ? 
_reflns.pdbx_aniso_diffraction_limit_3                 ? 
_reflns.pdbx_aniso_B_tensor_eigenvector_1_ortho[1]     ? 
_reflns.pdbx_aniso_B_tensor_eigenvector_1_ortho[2]     ? 
_reflns.pdbx_aniso_B_tensor_eigenvector_1_ortho[3]     ? 
_reflns.pdbx_aniso_B_tensor_eigenvector_2_ortho[1]     ? 
_reflns.pdbx_aniso_B_tensor_eigenvector_2_ortho[2]     ? 
_reflns.pdbx_aniso_B_tensor_eigenvector_2_ortho[3]     ? 
_reflns.pdbx_aniso_B_tensor_eigenvector_3_ortho[1]     ? 
_reflns.pdbx_aniso_B_tensor_eigenvector_3_ortho[2]     ? 
_reflns.pdbx_aniso_B_tensor_eigenvector_3_ortho[3]     ? 
_reflns.pdbx_aniso_B_tensor_eigenvalue_1               ? 
_reflns.pdbx_aniso_B_tensor_eigenvalue_2               ? 
_reflns.pdbx_aniso_B_tensor_eigenvalue_3               ? 
_reflns.pdbx_orthogonalization_convention              ? 
_reflns.pdbx_percent_possible_ellipsoidal              ? 
_reflns.pdbx_percent_possible_spherical                ? 
_reflns.pdbx_percent_possible_ellipsoidal_anomalous    ? 
_reflns.pdbx_percent_possible_spherical_anomalous      ? 
_reflns.pdbx_redundancy_anomalous                      ? 
_reflns.pdbx_CC_half_anomalous                         ? 
_reflns.pdbx_absDiff_over_sigma_anomalous              ? 
_reflns.pdbx_percent_possible_anomalous                ? 
_reflns.pdbx_observed_signal_threshold                 ? 
_reflns.pdbx_signal_type                               ? 
_reflns.pdbx_signal_details                            ? 
_reflns.pdbx_signal_software_id                        ? 
# 
loop_
_reflns_shell.d_res_high 
_reflns_shell.d_res_low 
_reflns_shell.meanI_over_sigI_all 
_reflns_shell.meanI_over_sigI_obs 
_reflns_shell.number_measured_all 
_reflns_shell.number_measured_obs 
_reflns_shell.number_possible 
_reflns_shell.number_unique_all 
_reflns_shell.number_unique_obs 
_reflns_shell.percent_possible_obs 
_reflns_shell.Rmerge_F_all 
_reflns_shell.Rmerge_F_obs 
_reflns_shell.meanI_over_sigI_gt 
_reflns_shell.meanI_over_uI_all 
_reflns_shell.meanI_over_uI_gt 
_reflns_shell.number_measured_gt 
_reflns_shell.number_unique_gt 
_reflns_shell.percent_possible_gt 
_reflns_shell.Rmerge_F_gt 
_reflns_shell.Rmerge_I_gt 
_reflns_shell.pdbx_redundancy 
_reflns_shell.pdbx_chi_squared 
_reflns_shell.pdbx_netI_over_sigmaI_all 
_reflns_shell.pdbx_netI_over_sigmaI_obs 
_reflns_shell.pdbx_Rrim_I_all 
_reflns_shell.pdbx_Rpim_I_all 
_reflns_shell.pdbx_rejects 
_reflns_shell.pdbx_ordinal 
_reflns_shell.pdbx_diffrn_id 
_reflns_shell.pdbx_CC_half 
_reflns_shell.pdbx_CC_star 
_reflns_shell.pdbx_R_split 
_reflns_shell.percent_possible_all 
_reflns_shell.Rmerge_I_all 
_reflns_shell.Rmerge_I_obs 
_reflns_shell.pdbx_Rsym_value 
_reflns_shell.pdbx_percent_possible_ellipsoidal 
_reflns_shell.pdbx_percent_possible_spherical 
_reflns_shell.pdbx_percent_possible_ellipsoidal_anomalous 
_reflns_shell.pdbx_percent_possible_spherical_anomalous 
_reflns_shell.pdbx_redundancy_anomalous 
_reflns_shell.pdbx_CC_half_anomalous 
_reflns_shell.pdbx_absDiff_over_sigma_anomalous 
_reflns_shell.pdbx_percent_possible_anomalous 
1.58 1.64  ? ? ? ? ? ? 1032 ? ? ? ? ? ? ? ? ? ? ? 3.6 1.078 ? ? 0.199 0.104 ? 1  1 0.969 0.992 ? 91.0 ? 0.169 ? ? ? ? ? ? ? ? ? 
1.64 1.70  ? ? ? ? ? ? 1156 ? ? ? ? ? ? ? ? ? ? ? 3.7 1.096 ? ? 0.119 0.062 ? 2  1 0.992 0.998 ? 99.9 ? 0.102 ? ? ? ? ? ? ? ? ? 
1.70 1.78  ? ? ? ? ? ? 1138 ? ? ? ? ? ? ? ? ? ? ? 3.7 1.058 ? ? 0.088 0.045 ? 3  1 0.995 0.999 ? 99.7 ? 0.075 ? ? ? ? ? ? ? ? ? 
1.78 1.87  ? ? ? ? ? ? 1145 ? ? ? ? ? ? ? ? ? ? ? 3.7 1.071 ? ? 0.068 0.035 ? 4  1 0.997 0.999 ? 99.5 ? 0.058 ? ? ? ? ? ? ? ? ? 
1.87 1.99  ? ? ? ? ? ? 1124 ? ? ? ? ? ? ? ? ? ? ? 3.7 1.051 ? ? 0.061 0.032 ? 5  1 0.996 0.999 ? 99.5 ? 0.052 ? ? ? ? ? ? ? ? ? 
1.99 2.14  ? ? ? ? ? ? 1116 ? ? ? ? ? ? ? ? ? ? ? 3.7 1.072 ? ? 0.053 0.027 ? 6  1 0.997 0.999 ? 98.8 ? 0.045 ? ? ? ? ? ? ? ? ? 
2.14 2.36  ? ? ? ? ? ? 1142 ? ? ? ? ? ? ? ? ? ? ? 3.7 1.075 ? ? 0.040 0.021 ? 7  1 0.998 0.999 ? 98.4 ? 0.034 ? ? ? ? ? ? ? ? ? 
2.36 2.70  ? ? ? ? ? ? 1133 ? ? ? ? ? ? ? ? ? ? ? 3.6 1.073 ? ? 0.031 0.016 ? 8  1 0.999 1.000 ? 97.6 ? 0.026 ? ? ? ? ? ? ? ? ? 
2.70 3.40  ? ? ? ? ? ? 1061 ? ? ? ? ? ? ? ? ? ? ? 3.5 1.012 ? ? 0.025 0.013 ? 9  1 0.999 1.000 ? 93.2 ? 0.021 ? ? ? ? ? ? ? ? ? 
3.40 30.00 ? ? ? ? ? ? 1021 ? ? ? ? ? ? ? ? ? ? ? 3.4 1.070 ? ? 0.018 0.010 ? 10 1 0.999 1.000 ? 86.8 ? 0.015 ? ? ? ? ? ? ? ? ? 
# 
_refine.aniso_B[1][1]                            ? 
_refine.aniso_B[1][2]                            ? 
_refine.aniso_B[1][3]                            ? 
_refine.aniso_B[2][2]                            ? 
_refine.aniso_B[2][3]                            ? 
_refine.aniso_B[3][3]                            ? 
_refine.B_iso_max                                ? 
_refine.B_iso_mean                               ? 
_refine.B_iso_min                                ? 
_refine.correlation_coeff_Fo_to_Fc               ? 
_refine.correlation_coeff_Fo_to_Fc_free          ? 
_refine.details                                  ? 
_refine.diff_density_max                         ? 
_refine.diff_density_max_esd                     ? 
_refine.diff_density_min                         ? 
_refine.diff_density_min_esd                     ? 
_refine.diff_density_rms                         ? 
_refine.diff_density_rms_esd                     ? 
_refine.entry_id                                 8W7W 
_refine.pdbx_refine_id                           'X-RAY DIFFRACTION' 
_refine.ls_abs_structure_details                 ? 
_refine.ls_abs_structure_Flack                   ? 
_refine.ls_abs_structure_Flack_esd               ? 
_refine.ls_abs_structure_Rogers                  ? 
_refine.ls_abs_structure_Rogers_esd              ? 
_refine.ls_d_res_high                            1.58 
_refine.ls_d_res_low                             24.12 
_refine.ls_extinction_coef                       ? 
_refine.ls_extinction_coef_esd                   ? 
_refine.ls_extinction_expression                 ? 
_refine.ls_extinction_method                     ? 
_refine.ls_goodness_of_fit_all                   ? 
_refine.ls_goodness_of_fit_all_esd               ? 
_refine.ls_goodness_of_fit_obs                   ? 
_refine.ls_goodness_of_fit_obs_esd               ? 
_refine.ls_hydrogen_treatment                    ? 
_refine.ls_matrix_type                           ? 
_refine.ls_number_constraints                    ? 
_refine.ls_number_parameters                     ? 
_refine.ls_number_reflns_all                     ? 
_refine.ls_number_reflns_obs                     11047 
_refine.ls_number_reflns_R_free                  1113 
_refine.ls_number_reflns_R_work                  ? 
_refine.ls_number_restraints                     ? 
_refine.ls_percent_reflns_obs                    96.91 
_refine.ls_percent_reflns_R_free                 10.08 
_refine.ls_R_factor_all                          ? 
_refine.ls_R_factor_obs                          0.2193 
_refine.ls_R_factor_R_free                       0.2268 
_refine.ls_R_factor_R_free_error                 ? 
_refine.ls_R_factor_R_free_error_details         ? 
_refine.ls_R_factor_R_work                       0.2183 
_refine.ls_R_Fsqd_factor_obs                     ? 
_refine.ls_R_I_factor_obs                        ? 
_refine.ls_redundancy_reflns_all                 ? 
_refine.ls_redundancy_reflns_obs                 ? 
_refine.ls_restrained_S_all                      ? 
_refine.ls_restrained_S_obs                      ? 
_refine.ls_shift_over_esd_max                    ? 
_refine.ls_shift_over_esd_mean                   ? 
_refine.ls_structure_factor_coef                 ? 
_refine.ls_weighting_details                     ? 
_refine.ls_weighting_scheme                      ? 
_refine.ls_wR_factor_all                         ? 
_refine.ls_wR_factor_obs                         ? 
_refine.ls_wR_factor_R_free                      ? 
_refine.ls_wR_factor_R_work                      ? 
_refine.occupancy_max                            ? 
_refine.occupancy_min                            ? 
_refine.solvent_model_details                    'FLAT BULK SOLVENT MODEL' 
_refine.solvent_model_param_bsol                 ? 
_refine.solvent_model_param_ksol                 ? 
_refine.pdbx_R_complete                          ? 
_refine.ls_R_factor_gt                           ? 
_refine.ls_goodness_of_fit_gt                    ? 
_refine.ls_goodness_of_fit_ref                   ? 
_refine.ls_shift_over_su_max                     ? 
_refine.ls_shift_over_su_max_lt                  ? 
_refine.ls_shift_over_su_mean                    ? 
_refine.ls_shift_over_su_mean_lt                 ? 
_refine.pdbx_ls_sigma_I                          ? 
_refine.pdbx_ls_sigma_F                          1.36 
_refine.pdbx_ls_sigma_Fsqd                       ? 
_refine.pdbx_data_cutoff_high_absF               ? 
_refine.pdbx_data_cutoff_high_rms_absF           ? 
_refine.pdbx_data_cutoff_low_absF                ? 
_refine.pdbx_isotropic_thermal_model             ? 
_refine.pdbx_ls_cross_valid_method               NONE 
_refine.pdbx_method_to_determine_struct          'MOLECULAR REPLACEMENT' 
_refine.pdbx_starting_model                      ? 
_refine.pdbx_stereochemistry_target_values       ML 
_refine.pdbx_R_Free_selection_details            ? 
_refine.pdbx_stereochem_target_val_spec_case     ? 
_refine.pdbx_overall_ESU_R                       ? 
_refine.pdbx_overall_ESU_R_Free                  ? 
_refine.pdbx_solvent_vdw_probe_radii             1.11 
_refine.pdbx_solvent_ion_probe_radii             ? 
_refine.pdbx_solvent_shrinkage_radii             0.90 
_refine.pdbx_real_space_R                        ? 
_refine.pdbx_density_correlation                 ? 
_refine.pdbx_pd_number_of_powder_patterns        ? 
_refine.pdbx_pd_number_of_points                 ? 
_refine.pdbx_pd_meas_number_of_points            ? 
_refine.pdbx_pd_proc_ls_prof_R_factor            ? 
_refine.pdbx_pd_proc_ls_prof_wR_factor           ? 
_refine.pdbx_pd_Marquardt_correlation_coeff      ? 
_refine.pdbx_pd_Fsqrd_R_factor                   ? 
_refine.pdbx_pd_ls_matrix_band_width             ? 
_refine.pdbx_overall_phase_error                 27.35 
_refine.pdbx_overall_SU_R_free_Cruickshank_DPI   ? 
_refine.pdbx_overall_SU_R_free_Blow_DPI          ? 
_refine.pdbx_overall_SU_R_Blow_DPI               ? 
_refine.pdbx_TLS_residual_ADP_flag               ? 
_refine.pdbx_diffrn_id                           1 
_refine.overall_SU_B                             ? 
_refine.overall_SU_ML                            0.21 
_refine.overall_SU_R_Cruickshank_DPI             ? 
_refine.overall_SU_R_free                        ? 
_refine.overall_FOM_free_R_set                   ? 
_refine.overall_FOM_work_R_set                   ? 
_refine.pdbx_average_fsc_overall                 ? 
_refine.pdbx_average_fsc_work                    ? 
_refine.pdbx_average_fsc_free                    ? 
# 
_refine_hist.pdbx_refine_id                   'X-RAY DIFFRACTION' 
_refine_hist.cycle_id                         LAST 
_refine_hist.pdbx_number_atoms_protein        0 
_refine_hist.pdbx_number_atoms_nucleic_acid   656 
_refine_hist.pdbx_number_atoms_ligand         72 
_refine_hist.number_atoms_solvent             39 
_refine_hist.number_atoms_total               767 
_refine_hist.d_res_high                       1.58 
_refine_hist.d_res_low                        24.12 
# 
loop_
_refine_ls_restr.pdbx_refine_id 
_refine_ls_restr.criterion 
_refine_ls_restr.dev_ideal 
_refine_ls_restr.dev_ideal_target 
_refine_ls_restr.number 
_refine_ls_restr.rejects 
_refine_ls_restr.type 
_refine_ls_restr.weight 
_refine_ls_restr.pdbx_restraint_function 
'X-RAY DIFFRACTION' ? 0.009  ? 810  ? f_bond_d           ? ? 
'X-RAY DIFFRACTION' ? 1.263  ? 1226 ? f_angle_d          ? ? 
'X-RAY DIFFRACTION' ? 32.979 ? 314  ? f_dihedral_angle_d ? ? 
'X-RAY DIFFRACTION' ? 0.051  ? 128  ? f_chiral_restr     ? ? 
'X-RAY DIFFRACTION' ? 0.009  ? 36   ? f_plane_restr      ? ? 
# 
loop_
_refine_ls_shell.pdbx_refine_id 
_refine_ls_shell.d_res_high 
_refine_ls_shell.d_res_low 
_refine_ls_shell.number_reflns_all 
_refine_ls_shell.number_reflns_obs 
_refine_ls_shell.number_reflns_R_free 
_refine_ls_shell.number_reflns_R_work 
_refine_ls_shell.percent_reflns_obs 
_refine_ls_shell.percent_reflns_R_free 
_refine_ls_shell.R_factor_all 
_refine_ls_shell.R_factor_obs 
_refine_ls_shell.R_factor_R_free_error 
_refine_ls_shell.R_factor_R_work 
_refine_ls_shell.redundancy_reflns_all 
_refine_ls_shell.redundancy_reflns_obs 
_refine_ls_shell.wR_factor_all 
_refine_ls_shell.wR_factor_obs 
_refine_ls_shell.wR_factor_R_free 
_refine_ls_shell.wR_factor_R_work 
_refine_ls_shell.pdbx_R_complete 
_refine_ls_shell.pdbx_total_number_of_bins_used 
_refine_ls_shell.pdbx_phase_error 
_refine_ls_shell.pdbx_fsc_work 
_refine_ls_shell.pdbx_fsc_free 
_refine_ls_shell.R_factor_R_free 
'X-RAY DIFFRACTION' 1.58 1.65  . . 141 1242 97.00  . . . . 0.2617 . . . . . . . . . . . 0.3298 
'X-RAY DIFFRACTION' 1.65 1.74  . . 146 1285 100.00 . . . . 0.2324 . . . . . . . . . . . 0.2603 
'X-RAY DIFFRACTION' 1.74 1.84  . . 132 1281 99.00  . . . . 0.2364 . . . . . . . . . . . 0.2731 
'X-RAY DIFFRACTION' 1.84 1.99  . . 145 1232 99.00  . . . . 0.2466 . . . . . . . . . . . 0.2782 
'X-RAY DIFFRACTION' 1.99 2.19  . . 150 1274 99.00  . . . . 0.2676 . . . . . . . . . . . 0.3085 
'X-RAY DIFFRACTION' 2.19 2.50  . . 140 1243 98.00  . . . . 0.2497 . . . . . . . . . . . 0.2494 
'X-RAY DIFFRACTION' 2.50 3.15  . . 128 1234 95.00  . . . . 0.2653 . . . . . . . . . . . 0.2810 
'X-RAY DIFFRACTION' 3.15 24.12 . . 131 1143 88.00  . . . . 0.1616 . . . . . . . . . . . 0.1521 
# 
_struct.entry_id                     8W7W 
_struct.title                        'Crystal structure of d(CGTATACG)2 with acridine complex' 
_struct.pdbx_model_details           ? 
_struct.pdbx_formula_weight          ? 
_struct.pdbx_formula_weight_method   ? 
_struct.pdbx_model_type_details      ? 
_struct.pdbx_CASP_flag               N 
# 
_struct_keywords.entry_id        8W7W 
_struct_keywords.text            'Drug-DNA complex, bis-intercalator, acridine, DNA' 
_struct_keywords.pdbx_keywords   DNA 
# 
loop_
_struct_asym.id 
_struct_asym.pdbx_blank_PDB_chainid_flag 
_struct_asym.pdbx_modified 
_struct_asym.entity_id 
_struct_asym.details 
A N N 1 ? 
B N N 1 ? 
C N N 1 ? 
D N N 1 ? 
E N N 2 ? 
F N N 2 ? 
G N N 3 ? 
H N N 2 ? 
I N N 2 ? 
J N N 3 ? 
K N N 4 ? 
L N N 4 ? 
M N N 4 ? 
N N N 4 ? 
# 
_struct_ref.id                         1 
_struct_ref.db_name                    PDB 
_struct_ref.db_code                    8W7W 
_struct_ref.pdbx_db_accession          8W7W 
_struct_ref.pdbx_db_isoform            ? 
_struct_ref.entity_id                  1 
_struct_ref.pdbx_seq_one_letter_code   ? 
_struct_ref.pdbx_align_begin           1 
# 
loop_
_struct_ref_seq.align_id 
_struct_ref_seq.ref_id 
_struct_ref_seq.pdbx_PDB_id_code 
_struct_ref_seq.pdbx_strand_id 
_struct_ref_seq.seq_align_beg 
_struct_ref_seq.pdbx_seq_align_beg_ins_code 
_struct_ref_seq.seq_align_end 
_struct_ref_seq.pdbx_seq_align_end_ins_code 
_struct_ref_seq.pdbx_db_accession 
_struct_ref_seq.db_align_beg 
_struct_ref_seq.pdbx_db_align_beg_ins_code 
_struct_ref_seq.db_align_end 
_struct_ref_seq.pdbx_db_align_end_ins_code 
_struct_ref_seq.pdbx_auth_seq_align_beg 
_struct_ref_seq.pdbx_auth_seq_align_end 
1 1 8W7W A 1 ? 8 ? 8W7W 1 ? 8 ? 1 8 
2 1 8W7W B 1 ? 8 ? 8W7W 1 ? 8 ? 1 8 
3 1 8W7W D 1 ? 8 ? 8W7W 1 ? 8 ? 1 8 
4 1 8W7W E 1 ? 8 ? 8W7W 1 ? 8 ? 1 8 
# 
loop_
_pdbx_struct_assembly.id 
_pdbx_struct_assembly.details 
_pdbx_struct_assembly.method_details 
_pdbx_struct_assembly.oligomeric_details 
_pdbx_struct_assembly.oligomeric_count 
1 author_and_software_defined_assembly PISA dimeric 2 
2 author_and_software_defined_assembly PISA dimeric 2 
# 
loop_
_pdbx_struct_assembly_prop.biol_id 
_pdbx_struct_assembly_prop.type 
_pdbx_struct_assembly_prop.value 
_pdbx_struct_assembly_prop.details 
1 'ABSA (A^2)' 940  ? 
1 MORE         -6   ? 
1 'SSA (A^2)'  3940 ? 
2 'ABSA (A^2)' 940  ? 
2 MORE         -6   ? 
2 'SSA (A^2)'  3920 ? 
# 
loop_
_pdbx_struct_assembly_gen.assembly_id 
_pdbx_struct_assembly_gen.oper_expression 
_pdbx_struct_assembly_gen.asym_id_list 
1 1 A,B,E,F,G,K,L 
2 1 C,D,H,I,J,M,N 
# 
_pdbx_struct_assembly_auth_evidence.id                     1 
_pdbx_struct_assembly_auth_evidence.assembly_id            1 
_pdbx_struct_assembly_auth_evidence.experimental_support   none 
_pdbx_struct_assembly_auth_evidence.details                ? 
# 
_pdbx_struct_oper_list.id                   1 
_pdbx_struct_oper_list.type                 'identity operation' 
_pdbx_struct_oper_list.name                 1_555 
_pdbx_struct_oper_list.symmetry_operation   x,y,z 
_pdbx_struct_oper_list.matrix[1][1]         1.0000000000 
_pdbx_struct_oper_list.matrix[1][2]         0.0000000000 
_pdbx_struct_oper_list.matrix[1][3]         0.0000000000 
_pdbx_struct_oper_list.vector[1]            0.0000000000 
_pdbx_struct_oper_list.matrix[2][1]         0.0000000000 
_pdbx_struct_oper_list.matrix[2][2]         1.0000000000 
_pdbx_struct_oper_list.matrix[2][3]         0.0000000000 
_pdbx_struct_oper_list.vector[2]            0.0000000000 
_pdbx_struct_oper_list.matrix[3][1]         0.0000000000 
_pdbx_struct_oper_list.matrix[3][2]         0.0000000000 
_pdbx_struct_oper_list.matrix[3][3]         1.0000000000 
_pdbx_struct_oper_list.vector[3]            0.0000000000 
# 
loop_
_struct_conn.id 
_struct_conn.conn_type_id 
_struct_conn.pdbx_leaving_atom_flag 
_struct_conn.pdbx_PDB_id 
_struct_conn.ptnr1_label_asym_id 
_struct_conn.ptnr1_label_comp_id 
_struct_conn.ptnr1_label_seq_id 
_struct_conn.ptnr1_label_atom_id 
_struct_conn.pdbx_ptnr1_label_alt_id 
_struct_conn.pdbx_ptnr1_PDB_ins_code 
_struct_conn.pdbx_ptnr1_standard_comp_id 
_struct_conn.ptnr1_symmetry 
_struct_conn.ptnr2_label_asym_id 
_struct_conn.ptnr2_label_comp_id 
_struct_conn.ptnr2_label_seq_id 
_struct_conn.ptnr2_label_atom_id 
_struct_conn.pdbx_ptnr2_label_alt_id 
_struct_conn.pdbx_ptnr2_PDB_ins_code 
_struct_conn.ptnr1_auth_asym_id 
_struct_conn.ptnr1_auth_comp_id 
_struct_conn.ptnr1_auth_seq_id 
_struct_conn.ptnr2_auth_asym_id 
_struct_conn.ptnr2_auth_comp_id 
_struct_conn.ptnr2_auth_seq_id 
_struct_conn.ptnr2_symmetry 
_struct_conn.pdbx_ptnr3_label_atom_id 
_struct_conn.pdbx_ptnr3_label_seq_id 
_struct_conn.pdbx_ptnr3_label_comp_id 
_struct_conn.pdbx_ptnr3_label_asym_id 
_struct_conn.pdbx_ptnr3_label_alt_id 
_struct_conn.pdbx_ptnr3_PDB_ins_code 
_struct_conn.details 
_struct_conn.pdbx_dist_value 
_struct_conn.pdbx_value_order 
_struct_conn.pdbx_role 
covale1  covale none ? E VZX . CBC ? ? ? 1_555 F VZX . C1 ? ? A VZX 101 B VZX 101 1_555 ? ? ? ? ? ? ?            1.489 ? ? 
covale2  covale none ? H VZX . CBC ? ? ? 1_555 I VZX . C1 ? ? D VZX 101 E VZX 101 1_555 ? ? ? ? ? ? ?            1.490 ? ? 
metalc1  metalc ?    ? K HOH . O   ? ? ? 2_655 J MG  . MG ? ? A HOH 202 E MG  102 1_555 ? ? ? ? ? ? ?            2.358 ? ? 
metalc2  metalc ?    ? K HOH . O   ? ? ? 2_655 J MG  . MG ? ? A HOH 204 E MG  102 1_555 ? ? ? ? ? ? ?            2.042 ? ? 
metalc3  metalc ?    ? K HOH . O   ? ? ? 2_655 J MG  . MG ? ? A HOH 207 E MG  102 1_555 ? ? ? ? ? ? ?            2.271 ? ? 
metalc4  metalc ?    ? K HOH . O   ? ? ? 2_655 J MG  . MG ? ? A HOH 213 E MG  102 1_555 ? ? ? ? ? ? ?            2.015 ? ? 
metalc5  metalc ?    ? B DT  5 OP2 ? ? ? 1_555 G MG  . MG ? ? B DT  5   B MG  102 1_555 ? ? ? ? ? ? ?            2.119 ? ? 
metalc6  metalc ?    ? G MG  . MG  ? ? ? 1_555 L HOH . O  ? ? B MG  102 B HOH 203 1_555 ? ? ? ? ? ? ?            2.233 ? ? 
metalc7  metalc ?    ? G MG  . MG  ? ? ? 1_555 L HOH . O  ? ? B MG  102 B HOH 205 1_555 ? ? ? ? ? ? ?            2.350 ? ? 
metalc8  metalc ?    ? G MG  . MG  ? ? ? 1_555 M HOH . O  ? ? B MG  102 D HOH 202 2_645 ? ? ? ? ? ? ?            2.138 ? ? 
metalc9  metalc ?    ? G MG  . MG  ? ? ? 1_555 M HOH . O  ? ? B MG  102 D HOH 208 2_645 ? ? ? ? ? ? ?            2.211 ? ? 
metalc10 metalc ?    ? G MG  . MG  ? ? ? 1_555 M HOH . O  ? ? B MG  102 D HOH 211 2_645 ? ? ? ? ? ? ?            2.167 ? ? 
metalc11 metalc ?    ? D DT  5 OP2 ? ? ? 1_555 J MG  . MG ? ? E DT  5   E MG  102 1_555 ? ? ? ? ? ? ?            2.168 ? ? 
metalc12 metalc ?    ? J MG  . MG  ? ? ? 1_555 N HOH . O  ? ? E MG  102 E HOH 205 1_555 ? ? ? ? ? ? ?            2.056 ? ? 
hydrog1  hydrog ?    ? A DC  1 N3  ? ? ? 1_555 B DG  8 N1 ? ? A DC  1   B DG  8   1_555 ? ? ? ? ? ? WATSON-CRICK ?     ? ? 
hydrog2  hydrog ?    ? A DC  1 N4  ? ? ? 1_555 B DG  8 O6 ? ? A DC  1   B DG  8   1_555 ? ? ? ? ? ? WATSON-CRICK ?     ? ? 
hydrog3  hydrog ?    ? A DC  1 O2  ? ? ? 1_555 B DG  8 N2 ? ? A DC  1   B DG  8   1_555 ? ? ? ? ? ? WATSON-CRICK ?     ? ? 
hydrog4  hydrog ?    ? A DG  2 N1  ? ? ? 1_555 B DC  7 N3 ? ? A DG  2   B DC  7   1_555 ? ? ? ? ? ? WATSON-CRICK ?     ? ? 
hydrog5  hydrog ?    ? A DG  2 N2  ? ? ? 1_555 B DC  7 O2 ? ? A DG  2   B DC  7   1_555 ? ? ? ? ? ? WATSON-CRICK ?     ? ? 
hydrog6  hydrog ?    ? A DG  2 O6  ? ? ? 1_555 B DC  7 N4 ? ? A DG  2   B DC  7   1_555 ? ? ? ? ? ? WATSON-CRICK ?     ? ? 
hydrog7  hydrog ?    ? A DT  3 N3  ? ? ? 1_555 B DA  6 N1 ? ? A DT  3   B DA  6   1_555 ? ? ? ? ? ? WATSON-CRICK ?     ? ? 
hydrog8  hydrog ?    ? A DT  3 O4  ? ? ? 1_555 B DA  6 N6 ? ? A DT  3   B DA  6   1_555 ? ? ? ? ? ? WATSON-CRICK ?     ? ? 
hydrog9  hydrog ?    ? A DA  4 N1  ? ? ? 1_555 B DT  5 N3 ? ? A DA  4   B DT  5   1_555 ? ? ? ? ? ? WATSON-CRICK ?     ? ? 
hydrog10 hydrog ?    ? A DA  4 N6  ? ? ? 1_555 B DT  5 O4 ? ? A DA  4   B DT  5   1_555 ? ? ? ? ? ? WATSON-CRICK ?     ? ? 
hydrog11 hydrog ?    ? A DT  5 N3  ? ? ? 1_555 B DA  4 N1 ? ? A DT  5   B DA  4   1_555 ? ? ? ? ? ? WATSON-CRICK ?     ? ? 
hydrog12 hydrog ?    ? A DT  5 O4  ? ? ? 1_555 B DA  4 N6 ? ? A DT  5   B DA  4   1_555 ? ? ? ? ? ? WATSON-CRICK ?     ? ? 
hydrog13 hydrog ?    ? A DA  6 N1  ? ? ? 1_555 B DT  3 N3 ? ? A DA  6   B DT  3   1_555 ? ? ? ? ? ? WATSON-CRICK ?     ? ? 
hydrog14 hydrog ?    ? A DA  6 N6  ? ? ? 1_555 B DT  3 O4 ? ? A DA  6   B DT  3   1_555 ? ? ? ? ? ? WATSON-CRICK ?     ? ? 
hydrog15 hydrog ?    ? A DC  7 N3  ? ? ? 1_555 B DG  2 N1 ? ? A DC  7   B DG  2   1_555 ? ? ? ? ? ? WATSON-CRICK ?     ? ? 
hydrog16 hydrog ?    ? A DC  7 N4  ? ? ? 1_555 B DG  2 O6 ? ? A DC  7   B DG  2   1_555 ? ? ? ? ? ? WATSON-CRICK ?     ? ? 
hydrog17 hydrog ?    ? A DC  7 O2  ? ? ? 1_555 B DG  2 N2 ? ? A DC  7   B DG  2   1_555 ? ? ? ? ? ? WATSON-CRICK ?     ? ? 
hydrog18 hydrog ?    ? A DG  8 N1  ? ? ? 1_555 B DC  1 N3 ? ? A DG  8   B DC  1   1_555 ? ? ? ? ? ? WATSON-CRICK ?     ? ? 
hydrog19 hydrog ?    ? A DG  8 N2  ? ? ? 1_555 B DC  1 O2 ? ? A DG  8   B DC  1   1_555 ? ? ? ? ? ? WATSON-CRICK ?     ? ? 
hydrog20 hydrog ?    ? A DG  8 O6  ? ? ? 1_555 B DC  1 N4 ? ? A DG  8   B DC  1   1_555 ? ? ? ? ? ? WATSON-CRICK ?     ? ? 
hydrog21 hydrog ?    ? C DC  1 N3  ? ? ? 1_555 D DG  8 N1 ? ? D DC  1   E DG  8   1_555 ? ? ? ? ? ? WATSON-CRICK ?     ? ? 
hydrog22 hydrog ?    ? C DC  1 N4  ? ? ? 1_555 D DG  8 O6 ? ? D DC  1   E DG  8   1_555 ? ? ? ? ? ? WATSON-CRICK ?     ? ? 
hydrog23 hydrog ?    ? C DC  1 O2  ? ? ? 1_555 D DG  8 N2 ? ? D DC  1   E DG  8   1_555 ? ? ? ? ? ? WATSON-CRICK ?     ? ? 
hydrog24 hydrog ?    ? C DG  2 N1  ? ? ? 1_555 D DC  7 N3 ? ? D DG  2   E DC  7   1_555 ? ? ? ? ? ? WATSON-CRICK ?     ? ? 
hydrog25 hydrog ?    ? C DG  2 N2  ? ? ? 1_555 D DC  7 O2 ? ? D DG  2   E DC  7   1_555 ? ? ? ? ? ? WATSON-CRICK ?     ? ? 
hydrog26 hydrog ?    ? C DG  2 O6  ? ? ? 1_555 D DC  7 N4 ? ? D DG  2   E DC  7   1_555 ? ? ? ? ? ? WATSON-CRICK ?     ? ? 
hydrog27 hydrog ?    ? C DT  3 N3  ? ? ? 1_555 D DA  6 N1 ? ? D DT  3   E DA  6   1_555 ? ? ? ? ? ? WATSON-CRICK ?     ? ? 
hydrog28 hydrog ?    ? C DT  3 O4  ? ? ? 1_555 D DA  6 N6 ? ? D DT  3   E DA  6   1_555 ? ? ? ? ? ? WATSON-CRICK ?     ? ? 
hydrog29 hydrog ?    ? C DA  4 N1  ? ? ? 1_555 D DT  5 N3 ? ? D DA  4   E DT  5   1_555 ? ? ? ? ? ? WATSON-CRICK ?     ? ? 
hydrog30 hydrog ?    ? C DA  4 N6  ? ? ? 1_555 D DT  5 O4 ? ? D DA  4   E DT  5   1_555 ? ? ? ? ? ? WATSON-CRICK ?     ? ? 
hydrog31 hydrog ?    ? C DT  5 N3  ? ? ? 1_555 D DA  4 N1 ? ? D DT  5   E DA  4   1_555 ? ? ? ? ? ? WATSON-CRICK ?     ? ? 
hydrog32 hydrog ?    ? C DT  5 O4  ? ? ? 1_555 D DA  4 N6 ? ? D DT  5   E DA  4   1_555 ? ? ? ? ? ? WATSON-CRICK ?     ? ? 
hydrog33 hydrog ?    ? C DA  6 N1  ? ? ? 1_555 D DT  3 N3 ? ? D DA  6   E DT  3   1_555 ? ? ? ? ? ? WATSON-CRICK ?     ? ? 
hydrog34 hydrog ?    ? C DA  6 N6  ? ? ? 1_555 D DT  3 O4 ? ? D DA  6   E DT  3   1_555 ? ? ? ? ? ? WATSON-CRICK ?     ? ? 
hydrog35 hydrog ?    ? C DC  7 N3  ? ? ? 1_555 D DG  2 N1 ? ? D DC  7   E DG  2   1_555 ? ? ? ? ? ? WATSON-CRICK ?     ? ? 
hydrog36 hydrog ?    ? C DC  7 N4  ? ? ? 1_555 D DG  2 O6 ? ? D DC  7   E DG  2   1_555 ? ? ? ? ? ? WATSON-CRICK ?     ? ? 
hydrog37 hydrog ?    ? C DC  7 O2  ? ? ? 1_555 D DG  2 N2 ? ? D DC  7   E DG  2   1_555 ? ? ? ? ? ? WATSON-CRICK ?     ? ? 
hydrog38 hydrog ?    ? C DG  8 N1  ? ? ? 1_555 D DC  1 N3 ? ? D DG  8   E DC  1   1_555 ? ? ? ? ? ? WATSON-CRICK ?     ? ? 
hydrog39 hydrog ?    ? C DG  8 N2  ? ? ? 1_555 D DC  1 O2 ? ? D DG  8   E DC  1   1_555 ? ? ? ? ? ? WATSON-CRICK ?     ? ? 
hydrog40 hydrog ?    ? C DG  8 O6  ? ? ? 1_555 D DC  1 N4 ? ? D DG  8   E DC  1   1_555 ? ? ? ? ? ? WATSON-CRICK ?     ? ? 
# 
loop_
_struct_conn_type.id 
_struct_conn_type.criteria 
_struct_conn_type.reference 
covale ? ? 
metalc ? ? 
hydrog ? ? 
# 
loop_
_pdbx_struct_conn_angle.id 
_pdbx_struct_conn_angle.ptnr1_label_atom_id 
_pdbx_struct_conn_angle.ptnr1_label_alt_id 
_pdbx_struct_conn_angle.ptnr1_label_asym_id 
_pdbx_struct_conn_angle.ptnr1_label_comp_id 
_pdbx_struct_conn_angle.ptnr1_label_seq_id 
_pdbx_struct_conn_angle.ptnr1_auth_atom_id 
_pdbx_struct_conn_angle.ptnr1_auth_asym_id 
_pdbx_struct_conn_angle.ptnr1_auth_comp_id 
_pdbx_struct_conn_angle.ptnr1_auth_seq_id 
_pdbx_struct_conn_angle.ptnr1_PDB_ins_code 
_pdbx_struct_conn_angle.ptnr1_symmetry 
_pdbx_struct_conn_angle.ptnr2_label_atom_id 
_pdbx_struct_conn_angle.ptnr2_label_alt_id 
_pdbx_struct_conn_angle.ptnr2_label_asym_id 
_pdbx_struct_conn_angle.ptnr2_label_comp_id 
_pdbx_struct_conn_angle.ptnr2_label_seq_id 
_pdbx_struct_conn_angle.ptnr2_auth_atom_id 
_pdbx_struct_conn_angle.ptnr2_auth_asym_id 
_pdbx_struct_conn_angle.ptnr2_auth_comp_id 
_pdbx_struct_conn_angle.ptnr2_auth_seq_id 
_pdbx_struct_conn_angle.ptnr2_PDB_ins_code 
_pdbx_struct_conn_angle.ptnr2_symmetry 
_pdbx_struct_conn_angle.ptnr3_label_atom_id 
_pdbx_struct_conn_angle.ptnr3_label_alt_id 
_pdbx_struct_conn_angle.ptnr3_label_asym_id 
_pdbx_struct_conn_angle.ptnr3_label_comp_id 
_pdbx_struct_conn_angle.ptnr3_label_seq_id 
_pdbx_struct_conn_angle.ptnr3_auth_atom_id 
_pdbx_struct_conn_angle.ptnr3_auth_asym_id 
_pdbx_struct_conn_angle.ptnr3_auth_comp_id 
_pdbx_struct_conn_angle.ptnr3_auth_seq_id 
_pdbx_struct_conn_angle.ptnr3_PDB_ins_code 
_pdbx_struct_conn_angle.ptnr3_symmetry 
_pdbx_struct_conn_angle.value 
_pdbx_struct_conn_angle.value_esd 
1  O   ? K HOH . ? A HOH 202 ? 2_655 MG ? J MG . ? E MG 102 ? 1_555 O   ? K HOH . ? A HOH 204 ? 2_655 168.8 ? 
2  O   ? K HOH . ? A HOH 202 ? 2_655 MG ? J MG . ? E MG 102 ? 1_555 O   ? K HOH . ? A HOH 207 ? 2_655 85.5  ? 
3  O   ? K HOH . ? A HOH 204 ? 2_655 MG ? J MG . ? E MG 102 ? 1_555 O   ? K HOH . ? A HOH 207 ? 2_655 83.7  ? 
4  O   ? K HOH . ? A HOH 202 ? 2_655 MG ? J MG . ? E MG 102 ? 1_555 O   ? K HOH . ? A HOH 213 ? 2_655 94.4  ? 
5  O   ? K HOH . ? A HOH 204 ? 2_655 MG ? J MG . ? E MG 102 ? 1_555 O   ? K HOH . ? A HOH 213 ? 2_655 81.2  ? 
6  O   ? K HOH . ? A HOH 207 ? 2_655 MG ? J MG . ? E MG 102 ? 1_555 O   ? K HOH . ? A HOH 213 ? 2_655 82.4  ? 
7  O   ? K HOH . ? A HOH 202 ? 2_655 MG ? J MG . ? E MG 102 ? 1_555 OP2 ? D DT  5 ? E DT  5   ? 1_555 82.5  ? 
8  O   ? K HOH . ? A HOH 204 ? 2_655 MG ? J MG . ? E MG 102 ? 1_555 OP2 ? D DT  5 ? E DT  5   ? 1_555 104.0 ? 
9  O   ? K HOH . ? A HOH 207 ? 2_655 MG ? J MG . ? E MG 102 ? 1_555 OP2 ? D DT  5 ? E DT  5   ? 1_555 110.2 ? 
10 O   ? K HOH . ? A HOH 213 ? 2_655 MG ? J MG . ? E MG 102 ? 1_555 OP2 ? D DT  5 ? E DT  5   ? 1_555 166.6 ? 
11 O   ? K HOH . ? A HOH 202 ? 2_655 MG ? J MG . ? E MG 102 ? 1_555 O   ? N HOH . ? E HOH 205 ? 1_555 90.6  ? 
12 O   ? K HOH . ? A HOH 204 ? 2_655 MG ? J MG . ? E MG 102 ? 1_555 O   ? N HOH . ? E HOH 205 ? 1_555 97.8  ? 
13 O   ? K HOH . ? A HOH 207 ? 2_655 MG ? J MG . ? E MG 102 ? 1_555 O   ? N HOH . ? E HOH 205 ? 1_555 154.0 ? 
14 O   ? K HOH . ? A HOH 213 ? 2_655 MG ? J MG . ? E MG 102 ? 1_555 O   ? N HOH . ? E HOH 205 ? 1_555 72.3  ? 
15 OP2 ? D DT  5 ? E DT  5   ? 1_555 MG ? J MG . ? E MG 102 ? 1_555 O   ? N HOH . ? E HOH 205 ? 1_555 94.7  ? 
16 OP2 ? B DT  5 ? B DT  5   ? 1_555 MG ? G MG . ? B MG 102 ? 1_555 O   ? L HOH . ? B HOH 203 ? 1_555 81.3  ? 
17 OP2 ? B DT  5 ? B DT  5   ? 1_555 MG ? G MG . ? B MG 102 ? 1_555 O   ? L HOH . ? B HOH 205 ? 1_555 103.6 ? 
18 O   ? L HOH . ? B HOH 203 ? 1_555 MG ? G MG . ? B MG 102 ? 1_555 O   ? L HOH . ? B HOH 205 ? 1_555 90.6  ? 
19 OP2 ? B DT  5 ? B DT  5   ? 1_555 MG ? G MG . ? B MG 102 ? 1_555 O   ? M HOH . ? D HOH 202 ? 2_645 102.4 ? 
20 O   ? L HOH . ? B HOH 203 ? 1_555 MG ? G MG . ? B MG 102 ? 1_555 O   ? M HOH . ? D HOH 202 ? 2_645 165.4 ? 
21 O   ? L HOH . ? B HOH 205 ? 1_555 MG ? G MG . ? B MG 102 ? 1_555 O   ? M HOH . ? D HOH 202 ? 2_645 102.1 ? 
22 OP2 ? B DT  5 ? B DT  5   ? 1_555 MG ? G MG . ? B MG 102 ? 1_555 O   ? M HOH . ? D HOH 208 ? 2_645 105.4 ? 
23 O   ? L HOH . ? B HOH 203 ? 1_555 MG ? G MG . ? B MG 102 ? 1_555 O   ? M HOH . ? D HOH 208 ? 2_645 81.0  ? 
24 O   ? L HOH . ? B HOH 205 ? 1_555 MG ? G MG . ? B MG 102 ? 1_555 O   ? M HOH . ? D HOH 208 ? 2_645 148.0 ? 
25 O   ? M HOH . ? D HOH 202 ? 2_645 MG ? G MG . ? B MG 102 ? 1_555 O   ? M HOH . ? D HOH 208 ? 2_645 84.4  ? 
26 OP2 ? B DT  5 ? B DT  5   ? 1_555 MG ? G MG . ? B MG 102 ? 1_555 O   ? M HOH . ? D HOH 211 ? 2_645 171.9 ? 
27 O   ? L HOH . ? B HOH 203 ? 1_555 MG ? G MG . ? B MG 102 ? 1_555 O   ? M HOH . ? D HOH 211 ? 2_645 95.8  ? 
28 O   ? L HOH . ? B HOH 205 ? 1_555 MG ? G MG . ? B MG 102 ? 1_555 O   ? M HOH . ? D HOH 211 ? 2_645 68.8  ? 
29 O   ? M HOH . ? D HOH 202 ? 2_645 MG ? G MG . ? B MG 102 ? 1_555 O   ? M HOH . ? D HOH 211 ? 2_645 82.4  ? 
30 O   ? M HOH . ? D HOH 208 ? 2_645 MG ? G MG . ? B MG 102 ? 1_555 O   ? M HOH . ? D HOH 211 ? 2_645 81.4  ? 
# 
_pdbx_entry_details.entry_id                   8W7W 
_pdbx_entry_details.has_ligand_of_interest     Y 
_pdbx_entry_details.compound_details           ? 
_pdbx_entry_details.source_details             ? 
_pdbx_entry_details.nonpolymer_details         ? 
_pdbx_entry_details.sequence_details           ? 
_pdbx_entry_details.has_protein_modification   ? 
# 
loop_
_pdbx_refine_tls.id 
_pdbx_refine_tls.pdbx_refine_id 
_pdbx_refine_tls.details 
_pdbx_refine_tls.method 
_pdbx_refine_tls.origin_x 
_pdbx_refine_tls.origin_y 
_pdbx_refine_tls.origin_z 
_pdbx_refine_tls.T[1][1] 
_pdbx_refine_tls.T[1][1]_esd 
_pdbx_refine_tls.T[1][2] 
_pdbx_refine_tls.T[1][2]_esd 
_pdbx_refine_tls.T[1][3] 
_pdbx_refine_tls.T[1][3]_esd 
_pdbx_refine_tls.T[2][2] 
_pdbx_refine_tls.T[2][2]_esd 
_pdbx_refine_tls.T[2][3] 
_pdbx_refine_tls.T[2][3]_esd 
_pdbx_refine_tls.T[3][3] 
_pdbx_refine_tls.T[3][3]_esd 
_pdbx_refine_tls.L[1][1] 
_pdbx_refine_tls.L[1][1]_esd 
_pdbx_refine_tls.L[1][2] 
_pdbx_refine_tls.L[1][2]_esd 
_pdbx_refine_tls.L[1][3] 
_pdbx_refine_tls.L[1][3]_esd 
_pdbx_refine_tls.L[2][2] 
_pdbx_refine_tls.L[2][2]_esd 
_pdbx_refine_tls.L[2][3] 
_pdbx_refine_tls.L[2][3]_esd 
_pdbx_refine_tls.L[3][3] 
_pdbx_refine_tls.L[3][3]_esd 
_pdbx_refine_tls.S[1][1] 
_pdbx_refine_tls.S[1][1]_esd 
_pdbx_refine_tls.S[1][2] 
_pdbx_refine_tls.S[1][2]_esd 
_pdbx_refine_tls.S[1][3] 
_pdbx_refine_tls.S[1][3]_esd 
_pdbx_refine_tls.S[2][1] 
_pdbx_refine_tls.S[2][1]_esd 
_pdbx_refine_tls.S[2][2] 
_pdbx_refine_tls.S[2][2]_esd 
_pdbx_refine_tls.S[2][3] 
_pdbx_refine_tls.S[2][3]_esd 
_pdbx_refine_tls.S[3][1] 
_pdbx_refine_tls.S[3][1]_esd 
_pdbx_refine_tls.S[3][2] 
_pdbx_refine_tls.S[3][2]_esd 
_pdbx_refine_tls.S[3][3] 
_pdbx_refine_tls.S[3][3]_esd 
1 'X-RAY DIFFRACTION' ? refined 3.2520  -0.4130 -6.3694 0.2662 ? 0.0066  ? -0.0336 ? 0.2438 ? 0.0043 ? 0.2246 ? 2.4063 ? -2.4837 ? 1.2271 ? 4.2409 ? -2.3851 ? 2.9416 ? -0.0481 ? 0.1907  ? -0.1638 ? 0.6687  ? 0.0315  ? 0.0249  ? -0.3213 ? 0.1760  ? 0.0413  ? 
2 'X-RAY DIFFRACTION' ? refined 6.5743  0.0723  -9.8573 0.2113 ? -0.0088 ? -0.0031 ? 0.2368 ? 0.0006 ? 0.2386 ? 2.7652 ? -2.3026 ? 1.6171 ? 3.0447 ? -2.3139 ? 2.1115 ? 0.3657  ? 0.2199  ? -0.0073 ? 0.0338  ? -0.1566 ? 0.3283  ? -0.0421 ? 0.3408  ? -0.1118 ? 
3 'X-RAY DIFFRACTION' ? refined -3.3222 1.0522  6.3885  0.2174 ? 0.0009  ? -0.0215 ? 0.1735 ? 0.0085 ? 0.1825 ? 2.3125 ? 2.4827  ? 0.6165 ? 4.7611 ? 1.1088  ? 1.2826 ? -0.0759 ? -0.1328 ? -0.1116 ? -0.7058 ? -0.0254 ? -0.0863 ? -0.1552 ? -0.1900 ? 0.0546  ? 
4 'X-RAY DIFFRACTION' ? refined -6.7121 2.1501  9.6307  0.2034 ? 0.0114  ? 0.0001  ? 0.2566 ? 0.0027 ? 0.2154 ? 1.8342 ? 2.2596  ? 0.5797 ? 3.9333 ? 1.4389  ? 0.8378 ? 0.2683  ? -0.2389 ? 0.0594  ? -0.0405 ? -0.4229 ? -0.0866 ? -0.1724 ? -0.3020 ? 0.0497  ? 
# 
loop_
_pdbx_refine_tls_group.id 
_pdbx_refine_tls_group.pdbx_refine_id 
_pdbx_refine_tls_group.refine_tls_id 
_pdbx_refine_tls_group.beg_label_asym_id 
_pdbx_refine_tls_group.beg_label_seq_id 
_pdbx_refine_tls_group.beg_auth_asym_id 
_pdbx_refine_tls_group.beg_auth_seq_id 
_pdbx_refine_tls_group.beg_PDB_ins_code 
_pdbx_refine_tls_group.end_label_asym_id 
_pdbx_refine_tls_group.end_label_seq_id 
_pdbx_refine_tls_group.end_auth_asym_id 
_pdbx_refine_tls_group.end_auth_seq_id 
_pdbx_refine_tls_group.end_PDB_ins_code 
_pdbx_refine_tls_group.selection 
_pdbx_refine_tls_group.selection_details 
1 'X-RAY DIFFRACTION' 1 ? ? ? ? ? ? ? ? ? ? ? 
;chain 'A' and (resid 1 through 8 )
;
2 'X-RAY DIFFRACTION' 2 ? ? ? ? ? ? ? ? ? ? ? 
;chain 'B' and (resid 1 through 8 )
;
3 'X-RAY DIFFRACTION' 3 ? ? ? ? ? ? ? ? ? ? ? 
;chain 'D' and (resid 1 through 8 )
;
4 'X-RAY DIFFRACTION' 4 ? ? ? ? ? ? ? ? ? ? ? 
;chain 'E' and (resid 1 through 8 )
;
# 
loop_
_chem_comp_atom.comp_id 
_chem_comp_atom.atom_id 
_chem_comp_atom.type_symbol 
_chem_comp_atom.pdbx_aromatic_flag 
_chem_comp_atom.pdbx_stereo_config 
_chem_comp_atom.pdbx_ordinal 
DA  OP3    O  N N 1   
DA  P      P  N N 2   
DA  OP1    O  N N 3   
DA  OP2    O  N N 4   
DA  "O5'"  O  N N 5   
DA  "C5'"  C  N N 6   
DA  "C4'"  C  N R 7   
DA  "O4'"  O  N N 8   
DA  "C3'"  C  N S 9   
DA  "O3'"  O  N N 10  
DA  "C2'"  C  N N 11  
DA  "C1'"  C  N R 12  
DA  N9     N  Y N 13  
DA  C8     C  Y N 14  
DA  N7     N  Y N 15  
DA  C5     C  Y N 16  
DA  C6     C  Y N 17  
DA  N6     N  N N 18  
DA  N1     N  Y N 19  
DA  C2     C  Y N 20  
DA  N3     N  Y N 21  
DA  C4     C  Y N 22  
DA  HOP3   H  N N 23  
DA  HOP2   H  N N 24  
DA  "H5'"  H  N N 25  
DA  "H5''" H  N N 26  
DA  "H4'"  H  N N 27  
DA  "H3'"  H  N N 28  
DA  "HO3'" H  N N 29  
DA  "H2'"  H  N N 30  
DA  "H2''" H  N N 31  
DA  "H1'"  H  N N 32  
DA  H8     H  N N 33  
DA  H61    H  N N 34  
DA  H62    H  N N 35  
DA  H2     H  N N 36  
DC  OP3    O  N N 37  
DC  P      P  N N 38  
DC  OP1    O  N N 39  
DC  OP2    O  N N 40  
DC  "O5'"  O  N N 41  
DC  "C5'"  C  N N 42  
DC  "C4'"  C  N R 43  
DC  "O4'"  O  N N 44  
DC  "C3'"  C  N S 45  
DC  "O3'"  O  N N 46  
DC  "C2'"  C  N N 47  
DC  "C1'"  C  N R 48  
DC  N1     N  N N 49  
DC  C2     C  N N 50  
DC  O2     O  N N 51  
DC  N3     N  N N 52  
DC  C4     C  N N 53  
DC  N4     N  N N 54  
DC  C5     C  N N 55  
DC  C6     C  N N 56  
DC  HOP3   H  N N 57  
DC  HOP2   H  N N 58  
DC  "H5'"  H  N N 59  
DC  "H5''" H  N N 60  
DC  "H4'"  H  N N 61  
DC  "H3'"  H  N N 62  
DC  "HO3'" H  N N 63  
DC  "H2'"  H  N N 64  
DC  "H2''" H  N N 65  
DC  "H1'"  H  N N 66  
DC  H41    H  N N 67  
DC  H42    H  N N 68  
DC  H5     H  N N 69  
DC  H6     H  N N 70  
DG  OP3    O  N N 71  
DG  P      P  N N 72  
DG  OP1    O  N N 73  
DG  OP2    O  N N 74  
DG  "O5'"  O  N N 75  
DG  "C5'"  C  N N 76  
DG  "C4'"  C  N R 77  
DG  "O4'"  O  N N 78  
DG  "C3'"  C  N S 79  
DG  "O3'"  O  N N 80  
DG  "C2'"  C  N N 81  
DG  "C1'"  C  N R 82  
DG  N9     N  Y N 83  
DG  C8     C  Y N 84  
DG  N7     N  Y N 85  
DG  C5     C  Y N 86  
DG  C6     C  N N 87  
DG  O6     O  N N 88  
DG  N1     N  N N 89  
DG  C2     C  N N 90  
DG  N2     N  N N 91  
DG  N3     N  N N 92  
DG  C4     C  Y N 93  
DG  HOP3   H  N N 94  
DG  HOP2   H  N N 95  
DG  "H5'"  H  N N 96  
DG  "H5''" H  N N 97  
DG  "H4'"  H  N N 98  
DG  "H3'"  H  N N 99  
DG  "HO3'" H  N N 100 
DG  "H2'"  H  N N 101 
DG  "H2''" H  N N 102 
DG  "H1'"  H  N N 103 
DG  H8     H  N N 104 
DG  H1     H  N N 105 
DG  H21    H  N N 106 
DG  H22    H  N N 107 
DT  OP3    O  N N 108 
DT  P      P  N N 109 
DT  OP1    O  N N 110 
DT  OP2    O  N N 111 
DT  "O5'"  O  N N 112 
DT  "C5'"  C  N N 113 
DT  "C4'"  C  N R 114 
DT  "O4'"  O  N N 115 
DT  "C3'"  C  N S 116 
DT  "O3'"  O  N N 117 
DT  "C2'"  C  N N 118 
DT  "C1'"  C  N R 119 
DT  N1     N  N N 120 
DT  C2     C  N N 121 
DT  O2     O  N N 122 
DT  N3     N  N N 123 
DT  C4     C  N N 124 
DT  O4     O  N N 125 
DT  C5     C  N N 126 
DT  C7     C  N N 127 
DT  C6     C  N N 128 
DT  HOP3   H  N N 129 
DT  HOP2   H  N N 130 
DT  "H5'"  H  N N 131 
DT  "H5''" H  N N 132 
DT  "H4'"  H  N N 133 
DT  "H3'"  H  N N 134 
DT  "HO3'" H  N N 135 
DT  "H2'"  H  N N 136 
DT  "H2''" H  N N 137 
DT  "H1'"  H  N N 138 
DT  H3     H  N N 139 
DT  H71    H  N N 140 
DT  H72    H  N N 141 
DT  H73    H  N N 142 
DT  H6     H  N N 143 
HOH O      O  N N 144 
HOH H1     H  N N 145 
HOH H2     H  N N 146 
MG  MG     MG N N 147 
VZX CAI    C  Y N 148 
VZX CAJ    C  Y N 149 
VZX CAK    C  Y N 150 
VZX CAL    C  Y N 151 
VZX CAM    C  Y N 152 
VZX CAN    C  Y N 153 
VZX CAO    C  Y N 154 
VZX CAP    C  Y N 155 
VZX CAQ    C  Y N 156 
VZX CAR    C  Y N 157 
VZX CAS    C  Y N 158 
VZX CAU    C  Y N 159 
VZX CAV    C  Y N 160 
VZX CBB    C  N N 161 
VZX CBC    C  N N 162 
VZX NAA    N  Y N 163 
VZX NAB    N  N N 164 
VZX H1     H  N N 165 
VZX H2     H  N N 166 
VZX H3     H  N N 167 
VZX H4     H  N N 168 
VZX H5     H  N N 169 
VZX H6     H  N N 170 
VZX H7     H  N N 171 
VZX H8     H  N N 172 
VZX H9     H  N N 173 
VZX H10    H  N N 174 
VZX H11    H  N N 175 
VZX H12    H  N N 176 
VZX H14    H  N N 177 
VZX C1     C  N N 178 
VZX C2     C  N N 179 
VZX C3     C  N N 180 
VZX N2     N  N N 181 
VZX C5     C  Y N 182 
VZX C6     C  Y N 183 
VZX C7     C  Y N 184 
VZX N1     N  Y N 185 
VZX C9     C  Y N 186 
VZX C10    C  Y N 187 
VZX C11    C  Y N 188 
VZX C12    C  Y N 189 
VZX C13    C  Y N 190 
VZX C14    C  Y N 191 
VZX C15    C  Y N 192 
VZX C16    C  Y N 193 
VZX C17    C  Y N 194 
VZX C18    C  Y N 195 
VZX H13    H  N N 196 
VZX H15    H  N N 197 
VZX H16    H  N N 198 
VZX H17    H  N N 199 
VZX H18    H  N N 200 
VZX H19    H  N N 201 
VZX H20    H  N N 202 
VZX H21    H  N N 203 
VZX H22    H  N N 204 
VZX H23    H  N N 205 
VZX H24    H  N N 206 
VZX H25    H  N N 207 
VZX H26    H  N N 208 
VZX H27    H  N N 209 
VZX H28    H  N N 210 
# 
loop_
_chem_comp_bond.comp_id 
_chem_comp_bond.atom_id_1 
_chem_comp_bond.atom_id_2 
_chem_comp_bond.value_order 
_chem_comp_bond.pdbx_aromatic_flag 
_chem_comp_bond.pdbx_stereo_config 
_chem_comp_bond.pdbx_ordinal 
DA  OP3   P      sing N N 1   
DA  OP3   HOP3   sing N N 2   
DA  P     OP1    doub N N 3   
DA  P     OP2    sing N N 4   
DA  P     "O5'"  sing N N 5   
DA  OP2   HOP2   sing N N 6   
DA  "O5'" "C5'"  sing N N 7   
DA  "C5'" "C4'"  sing N N 8   
DA  "C5'" "H5'"  sing N N 9   
DA  "C5'" "H5''" sing N N 10  
DA  "C4'" "O4'"  sing N N 11  
DA  "C4'" "C3'"  sing N N 12  
DA  "C4'" "H4'"  sing N N 13  
DA  "O4'" "C1'"  sing N N 14  
DA  "C3'" "O3'"  sing N N 15  
DA  "C3'" "C2'"  sing N N 16  
DA  "C3'" "H3'"  sing N N 17  
DA  "O3'" "HO3'" sing N N 18  
DA  "C2'" "C1'"  sing N N 19  
DA  "C2'" "H2'"  sing N N 20  
DA  "C2'" "H2''" sing N N 21  
DA  "C1'" N9     sing N N 22  
DA  "C1'" "H1'"  sing N N 23  
DA  N9    C8     sing Y N 24  
DA  N9    C4     sing Y N 25  
DA  C8    N7     doub Y N 26  
DA  C8    H8     sing N N 27  
DA  N7    C5     sing Y N 28  
DA  C5    C6     sing Y N 29  
DA  C5    C4     doub Y N 30  
DA  C6    N6     sing N N 31  
DA  C6    N1     doub Y N 32  
DA  N6    H61    sing N N 33  
DA  N6    H62    sing N N 34  
DA  N1    C2     sing Y N 35  
DA  C2    N3     doub Y N 36  
DA  C2    H2     sing N N 37  
DA  N3    C4     sing Y N 38  
DC  OP3   P      sing N N 39  
DC  OP3   HOP3   sing N N 40  
DC  P     OP1    doub N N 41  
DC  P     OP2    sing N N 42  
DC  P     "O5'"  sing N N 43  
DC  OP2   HOP2   sing N N 44  
DC  "O5'" "C5'"  sing N N 45  
DC  "C5'" "C4'"  sing N N 46  
DC  "C5'" "H5'"  sing N N 47  
DC  "C5'" "H5''" sing N N 48  
DC  "C4'" "O4'"  sing N N 49  
DC  "C4'" "C3'"  sing N N 50  
DC  "C4'" "H4'"  sing N N 51  
DC  "O4'" "C1'"  sing N N 52  
DC  "C3'" "O3'"  sing N N 53  
DC  "C3'" "C2'"  sing N N 54  
DC  "C3'" "H3'"  sing N N 55  
DC  "O3'" "HO3'" sing N N 56  
DC  "C2'" "C1'"  sing N N 57  
DC  "C2'" "H2'"  sing N N 58  
DC  "C2'" "H2''" sing N N 59  
DC  "C1'" N1     sing N N 60  
DC  "C1'" "H1'"  sing N N 61  
DC  N1    C2     sing N N 62  
DC  N1    C6     sing N N 63  
DC  C2    O2     doub N N 64  
DC  C2    N3     sing N N 65  
DC  N3    C4     doub N N 66  
DC  C4    N4     sing N N 67  
DC  C4    C5     sing N N 68  
DC  N4    H41    sing N N 69  
DC  N4    H42    sing N N 70  
DC  C5    C6     doub N N 71  
DC  C5    H5     sing N N 72  
DC  C6    H6     sing N N 73  
DG  OP3   P      sing N N 74  
DG  OP3   HOP3   sing N N 75  
DG  P     OP1    doub N N 76  
DG  P     OP2    sing N N 77  
DG  P     "O5'"  sing N N 78  
DG  OP2   HOP2   sing N N 79  
DG  "O5'" "C5'"  sing N N 80  
DG  "C5'" "C4'"  sing N N 81  
DG  "C5'" "H5'"  sing N N 82  
DG  "C5'" "H5''" sing N N 83  
DG  "C4'" "O4'"  sing N N 84  
DG  "C4'" "C3'"  sing N N 85  
DG  "C4'" "H4'"  sing N N 86  
DG  "O4'" "C1'"  sing N N 87  
DG  "C3'" "O3'"  sing N N 88  
DG  "C3'" "C2'"  sing N N 89  
DG  "C3'" "H3'"  sing N N 90  
DG  "O3'" "HO3'" sing N N 91  
DG  "C2'" "C1'"  sing N N 92  
DG  "C2'" "H2'"  sing N N 93  
DG  "C2'" "H2''" sing N N 94  
DG  "C1'" N9     sing N N 95  
DG  "C1'" "H1'"  sing N N 96  
DG  N9    C8     sing Y N 97  
DG  N9    C4     sing Y N 98  
DG  C8    N7     doub Y N 99  
DG  C8    H8     sing N N 100 
DG  N7    C5     sing Y N 101 
DG  C5    C6     sing N N 102 
DG  C5    C4     doub Y N 103 
DG  C6    O6     doub N N 104 
DG  C6    N1     sing N N 105 
DG  N1    C2     sing N N 106 
DG  N1    H1     sing N N 107 
DG  C2    N2     sing N N 108 
DG  C2    N3     doub N N 109 
DG  N2    H21    sing N N 110 
DG  N2    H22    sing N N 111 
DG  N3    C4     sing N N 112 
DT  OP3   P      sing N N 113 
DT  OP3   HOP3   sing N N 114 
DT  P     OP1    doub N N 115 
DT  P     OP2    sing N N 116 
DT  P     "O5'"  sing N N 117 
DT  OP2   HOP2   sing N N 118 
DT  "O5'" "C5'"  sing N N 119 
DT  "C5'" "C4'"  sing N N 120 
DT  "C5'" "H5'"  sing N N 121 
DT  "C5'" "H5''" sing N N 122 
DT  "C4'" "O4'"  sing N N 123 
DT  "C4'" "C3'"  sing N N 124 
DT  "C4'" "H4'"  sing N N 125 
DT  "O4'" "C1'"  sing N N 126 
DT  "C3'" "O3'"  sing N N 127 
DT  "C3'" "C2'"  sing N N 128 
DT  "C3'" "H3'"  sing N N 129 
DT  "O3'" "HO3'" sing N N 130 
DT  "C2'" "C1'"  sing N N 131 
DT  "C2'" "H2'"  sing N N 132 
DT  "C2'" "H2''" sing N N 133 
DT  "C1'" N1     sing N N 134 
DT  "C1'" "H1'"  sing N N 135 
DT  N1    C2     sing N N 136 
DT  N1    C6     sing N N 137 
DT  C2    O2     doub N N 138 
DT  C2    N3     sing N N 139 
DT  N3    C4     sing N N 140 
DT  N3    H3     sing N N 141 
DT  C4    O4     doub N N 142 
DT  C4    C5     sing N N 143 
DT  C5    C7     sing N N 144 
DT  C5    C6     doub N N 145 
DT  C7    H71    sing N N 146 
DT  C7    H72    sing N N 147 
DT  C7    H73    sing N N 148 
DT  C6    H6     sing N N 149 
HOH O     H1     sing N N 150 
HOH O     H2     sing N N 151 
VZX CAS   CAU    doub Y N 152 
VZX CAS   CAR    sing Y N 153 
VZX CAU   CAV    sing Y N 154 
VZX CAR   CAP    doub Y N 155 
VZX CAV   CAO    doub Y N 156 
VZX CAP   CAO    sing Y N 157 
VZX CAP   CAQ    sing Y N 158 
VZX CAO   NAA    sing Y N 159 
VZX NAB   CAQ    sing N N 160 
VZX NAB   CBB    sing N N 161 
VZX NAA   CAM    doub Y N 162 
VZX CAQ   CAL    doub Y N 163 
VZX CAM   CAL    sing Y N 164 
VZX CAM   CAN    sing Y N 165 
VZX CAL   CAK    sing Y N 166 
VZX CBC   CBB    sing N N 167 
VZX CAN   CAI    doub Y N 168 
VZX CAK   CAJ    doub Y N 169 
VZX CAI   CAJ    sing Y N 170 
VZX CAI   H1     sing N N 171 
VZX CAJ   H2     sing N N 172 
VZX CAK   H3     sing N N 173 
VZX CAN   H4     sing N N 174 
VZX CAR   H5     sing N N 175 
VZX CAS   H6     sing N N 176 
VZX CAU   H7     sing N N 177 
VZX CAV   H8     sing N N 178 
VZX CBB   H9     sing N N 179 
VZX CBB   H10    sing N N 180 
VZX CBC   H11    sing N N 181 
VZX CBC   H12    sing N N 182 
VZX NAB   H14    sing N N 183 
VZX CBC   C1     sing N N 184 
VZX C1    C2     sing N N 185 
VZX C2    C3     sing N N 186 
VZX C3    N2     sing N N 187 
VZX N2    C5     sing N N 188 
VZX C5    C6     sing Y N 189 
VZX C6    C7     sing Y N 190 
VZX C7    N1     sing Y N 191 
VZX N1    C9     doub Y N 192 
VZX C9    C10    sing Y N 193 
VZX C10   C5     doub Y N 194 
VZX C6    C11    doub Y N 195 
VZX C11   C12    sing Y N 196 
VZX C12   C13    doub Y N 197 
VZX C13   C14    sing Y N 198 
VZX C7    C14    doub Y N 199 
VZX C10   C15    sing Y N 200 
VZX C15   C16    doub Y N 201 
VZX C16   C17    sing Y N 202 
VZX C17   C18    doub Y N 203 
VZX C9    C18    sing Y N 204 
VZX C1    H13    sing N N 205 
VZX C1    H15    sing N N 206 
VZX C2    H16    sing N N 207 
VZX C2    H17    sing N N 208 
VZX C3    H18    sing N N 209 
VZX C3    H19    sing N N 210 
VZX N2    H20    sing N N 211 
VZX C11   H21    sing N N 212 
VZX C12   H22    sing N N 213 
VZX C13   H23    sing N N 214 
VZX C14   H24    sing N N 215 
VZX C15   H25    sing N N 216 
VZX C16   H26    sing N N 217 
VZX C17   H27    sing N N 218 
VZX C18   H28    sing N N 219 
# 
loop_
_ndb_struct_conf_na.entry_id 
_ndb_struct_conf_na.feature 
8W7W 'double helix'        
8W7W 'b-form double helix' 
# 
loop_
_ndb_struct_na_base_pair.model_number 
_ndb_struct_na_base_pair.i_label_asym_id 
_ndb_struct_na_base_pair.i_label_comp_id 
_ndb_struct_na_base_pair.i_label_seq_id 
_ndb_struct_na_base_pair.i_symmetry 
_ndb_struct_na_base_pair.j_label_asym_id 
_ndb_struct_na_base_pair.j_label_comp_id 
_ndb_struct_na_base_pair.j_label_seq_id 
_ndb_struct_na_base_pair.j_symmetry 
_ndb_struct_na_base_pair.shear 
_ndb_struct_na_base_pair.stretch 
_ndb_struct_na_base_pair.stagger 
_ndb_struct_na_base_pair.buckle 
_ndb_struct_na_base_pair.propeller 
_ndb_struct_na_base_pair.opening 
_ndb_struct_na_base_pair.pair_number 
_ndb_struct_na_base_pair.pair_name 
_ndb_struct_na_base_pair.i_auth_asym_id 
_ndb_struct_na_base_pair.i_auth_seq_id 
_ndb_struct_na_base_pair.i_PDB_ins_code 
_ndb_struct_na_base_pair.j_auth_asym_id 
_ndb_struct_na_base_pair.j_auth_seq_id 
_ndb_struct_na_base_pair.j_PDB_ins_code 
_ndb_struct_na_base_pair.hbond_type_28 
_ndb_struct_na_base_pair.hbond_type_12 
1 A DC 1 1_555 B DG 8 1_555 0.273  -0.284 -0.064 1.452   1.509   0.194  1  A_DC1:DG8_B A 1 ? B 8 ? 19 1 
1 A DG 2 1_555 B DC 7 1_555 -0.208 -0.184 -0.087 -18.602 -1.032  -4.100 2  A_DG2:DC7_B A 2 ? B 7 ? 19 1 
1 A DT 3 1_555 B DA 6 1_555 -0.200 -0.057 -0.002 -7.454  -5.362  2.546  3  A_DT3:DA6_B A 3 ? B 6 ? 20 1 
1 A DA 4 1_555 B DT 5 1_555 -0.023 -0.127 0.051  0.643   -11.556 3.500  4  A_DA4:DT5_B A 4 ? B 5 ? 20 1 
1 A DT 5 1_555 B DA 4 1_555 0.051  -0.072 -0.076 7.360   -10.223 3.893  5  A_DT5:DA4_B A 5 ? B 4 ? 20 1 
1 A DA 6 1_555 B DT 3 1_555 0.003  -0.237 -0.072 -0.848  -5.996  5.023  6  A_DA6:DT3_B A 6 ? B 3 ? 20 1 
1 A DC 7 1_555 B DG 2 1_555 0.134  -0.139 -0.058 16.287  7.204   -2.100 7  A_DC7:DG2_B A 7 ? B 2 ? 19 1 
1 A DG 8 1_555 B DC 1 1_555 -0.305 -0.147 -0.153 -0.659  5.201   1.753  8  A_DG8:DC1_B A 8 ? B 1 ? 19 1 
1 C DC 1 1_555 D DG 8 1_555 0.320  -0.351 -0.087 1.436   3.163   -1.088 9  D_DC1:DG8_E D 1 ? E 8 ? 19 1 
1 C DG 2 1_555 D DC 7 1_555 -0.266 -0.149 0.120  -16.156 -3.338  -0.009 10 D_DG2:DC7_E D 2 ? E 7 ? 19 1 
1 C DT 3 1_555 D DA 6 1_555 -0.100 -0.092 0.037  -8.568  -3.419  3.864  11 D_DT3:DA6_E D 3 ? E 6 ? 20 1 
1 C DA 4 1_555 D DT 5 1_555 -0.075 -0.150 0.081  0.235   -12.480 2.800  12 D_DA4:DT5_E D 4 ? E 5 ? 20 1 
1 C DT 5 1_555 D DA 4 1_555 0.090  -0.083 -0.062 6.550   -11.487 3.411  13 D_DT5:DA4_E D 5 ? E 4 ? 20 1 
1 C DA 6 1_555 D DT 3 1_555 -0.016 -0.228 -0.068 -1.130  -6.579  4.909  14 D_DA6:DT3_E D 6 ? E 3 ? 20 1 
1 C DC 7 1_555 D DG 2 1_555 0.211  -0.145 -0.029 16.464  6.362   -1.219 15 D_DC7:DG2_E D 7 ? E 2 ? 19 1 
1 C DG 8 1_555 D DC 1 1_555 -0.280 -0.122 -0.186 1.052   6.627   1.662  16 D_DG8:DC1_E D 8 ? E 1 ? 19 1 
# 
loop_
_ndb_struct_na_base_pair_step.model_number 
_ndb_struct_na_base_pair_step.i_label_asym_id_1 
_ndb_struct_na_base_pair_step.i_label_comp_id_1 
_ndb_struct_na_base_pair_step.i_label_seq_id_1 
_ndb_struct_na_base_pair_step.i_symmetry_1 
_ndb_struct_na_base_pair_step.j_label_asym_id_1 
_ndb_struct_na_base_pair_step.j_label_comp_id_1 
_ndb_struct_na_base_pair_step.j_label_seq_id_1 
_ndb_struct_na_base_pair_step.j_symmetry_1 
_ndb_struct_na_base_pair_step.i_label_asym_id_2 
_ndb_struct_na_base_pair_step.i_label_comp_id_2 
_ndb_struct_na_base_pair_step.i_label_seq_id_2 
_ndb_struct_na_base_pair_step.i_symmetry_2 
_ndb_struct_na_base_pair_step.j_label_asym_id_2 
_ndb_struct_na_base_pair_step.j_label_comp_id_2 
_ndb_struct_na_base_pair_step.j_label_seq_id_2 
_ndb_struct_na_base_pair_step.j_symmetry_2 
_ndb_struct_na_base_pair_step.shift 
_ndb_struct_na_base_pair_step.slide 
_ndb_struct_na_base_pair_step.rise 
_ndb_struct_na_base_pair_step.tilt 
_ndb_struct_na_base_pair_step.roll 
_ndb_struct_na_base_pair_step.twist 
_ndb_struct_na_base_pair_step.x_displacement 
_ndb_struct_na_base_pair_step.y_displacement 
_ndb_struct_na_base_pair_step.helical_rise 
_ndb_struct_na_base_pair_step.inclination 
_ndb_struct_na_base_pair_step.tip 
_ndb_struct_na_base_pair_step.helical_twist 
_ndb_struct_na_base_pair_step.step_number 
_ndb_struct_na_base_pair_step.step_name 
_ndb_struct_na_base_pair_step.i_auth_asym_id_1 
_ndb_struct_na_base_pair_step.i_auth_seq_id_1 
_ndb_struct_na_base_pair_step.i_PDB_ins_code_1 
_ndb_struct_na_base_pair_step.j_auth_asym_id_1 
_ndb_struct_na_base_pair_step.j_auth_seq_id_1 
_ndb_struct_na_base_pair_step.j_PDB_ins_code_1 
_ndb_struct_na_base_pair_step.i_auth_asym_id_2 
_ndb_struct_na_base_pair_step.i_auth_seq_id_2 
_ndb_struct_na_base_pair_step.i_PDB_ins_code_2 
_ndb_struct_na_base_pair_step.j_auth_asym_id_2 
_ndb_struct_na_base_pair_step.j_auth_seq_id_2 
_ndb_struct_na_base_pair_step.j_PDB_ins_code_2 
1 A DG 2 1_555 B DC 7 1_555 A DT 3 1_555 B DA 6 1_555 0.300  0.221  3.126 -2.375 6.377  23.133 -1.434 -1.450 3.031 15.479 5.764   
24.100 1  AA_DG2DT3:DA6DC7_BB A 2 ? B 7 ? A 3 ? B 6 ? 
1 A DT 3 1_555 B DA 6 1_555 A DA 4 1_555 B DT 5 1_555 -0.567 1.109  3.242 -2.956 7.367  40.062 0.757  0.479  3.417 10.627 4.264   
40.809 2  AA_DT3DA4:DT5DA6_BB A 3 ? B 6 ? A 4 ? B 5 ? 
1 A DA 4 1_555 B DT 5 1_555 A DT 5 1_555 B DA 4 1_555 0.145  -0.338 3.166 0.887  6.228  25.945 -2.288 -0.093 3.007 13.619 -1.941  
26.684 3  AA_DA4DT5:DA4DT5_BB A 4 ? B 5 ? A 5 ? B 4 ? 
1 A DT 5 1_555 B DA 4 1_555 A DA 6 1_555 B DT 3 1_555 1.012  0.678  3.495 3.933  4.110  40.403 0.478  -0.978 3.623 5.915  -5.660  
40.785 4  AA_DT5DA6:DT3DA4_BB A 5 ? B 4 ? A 6 ? B 3 ? 
1 A DA 6 1_555 B DT 3 1_555 A DC 7 1_555 B DG 2 1_555 -0.015 0.079  3.070 3.863  10.236 19.859 -3.317 1.366  2.729 27.175 -10.257 
22.646 5  AA_DA6DC7:DG2DT3_BB A 6 ? B 3 ? A 7 ? B 2 ? 
1 C DG 2 1_555 D DC 7 1_555 C DT 3 1_555 D DA 6 1_555 0.239  0.180  3.218 -1.507 6.515  26.372 -1.235 -0.882 3.152 13.996 3.237   
27.192 6  DD_DG2DT3:DA6DC7_EE D 2 ? E 7 ? D 3 ? E 6 ? 
1 C DT 3 1_555 D DA 6 1_555 C DA 4 1_555 D DT 5 1_555 -0.572 1.045  3.227 -2.498 6.146  38.131 0.809  0.551  3.378 9.321  3.788   
38.683 7  DD_DT3DA4:DT5DA6_EE D 3 ? E 6 ? D 4 ? E 5 ? 
1 C DA 4 1_555 D DT 5 1_555 C DT 5 1_555 D DA 4 1_555 0.162  -0.352 3.162 1.219  7.100  26.441 -2.422 -0.054 2.972 15.167 -2.604  
27.388 8  DD_DA4DT5:DA4DT5_EE D 4 ? E 5 ? D 5 ? E 4 ? 
1 C DT 5 1_555 D DA 4 1_555 C DA 6 1_555 D DT 3 1_555 1.025  0.681  3.518 3.521  3.477  39.945 0.557  -1.052 3.636 5.066  -5.130  
40.238 9  DD_DT5DA6:DT3DA4_EE D 5 ? E 4 ? D 6 ? E 3 ? 
1 C DA 6 1_555 D DT 3 1_555 C DC 7 1_555 D DG 2 1_555 0.053  0.061  3.043 3.820  9.895  20.609 -3.073 1.112  2.747 25.585 -9.877  
23.152 10 DD_DA6DC7:DG2DT3_EE D 6 ? E 3 ? D 7 ? E 2 ? 
1 C DC 7 1_555 D DG 2 1_555 C DG 8 1_555 D DC 1 1_555 2.458  1.442  6.892 14.630 -2.952 28.172 3.860  1.606  7.097 -5.595 -27.730 
31.810 11 DD_DC7DG8:DC1DG2_EE D 7 ? E 2 ? D 8 ? E 1 ? 
# 
_pdbx_audit_support.funding_organization   'Ministry of Science and Technology (MoST, Taiwan)' 
_pdbx_audit_support.country                Taiwan 
_pdbx_audit_support.grant_number           109-2628-M-005-001-MY4 
_pdbx_audit_support.ordinal                1 
# 
_pdbx_initial_refinement_model.id               1 
_pdbx_initial_refinement_model.entity_id_list   ? 
_pdbx_initial_refinement_model.type             'experimental model' 
_pdbx_initial_refinement_model.source_name      PDB 
_pdbx_initial_refinement_model.accession_code   8W76 
_pdbx_initial_refinement_model.details          ? 
# 
_atom_sites.entry_id                    8W7W 
_atom_sites.Cartn_transf_matrix[1][1]   ? 
_atom_sites.Cartn_transf_matrix[1][2]   ? 
_atom_sites.Cartn_transf_matrix[1][3]   ? 
_atom_sites.Cartn_transf_matrix[2][1]   ? 
_atom_sites.Cartn_transf_matrix[2][2]   ? 
_atom_sites.Cartn_transf_matrix[2][3]   ? 
_atom_sites.Cartn_transf_matrix[3][1]   ? 
_atom_sites.Cartn_transf_matrix[3][2]   ? 
_atom_sites.Cartn_transf_matrix[3][3]   ? 
_atom_sites.Cartn_transf_vector[1]      ? 
_atom_sites.Cartn_transf_vector[2]      ? 
_atom_sites.Cartn_transf_vector[3]      ? 
_atom_sites.Cartn_transform_axes        ? 
_atom_sites.fract_transf_matrix[1][1]   0.01991985 
_atom_sites.fract_transf_matrix[1][2]   0.03170927 
_atom_sites.fract_transf_matrix[1][3]   0.01779443 
_atom_sites.fract_transf_matrix[2][1]   -0.01000228 
_atom_sites.fract_transf_matrix[2][2]   0.00091486 
_atom_sites.fract_transf_matrix[2][3]   0.00956672 
_atom_sites.fract_transf_matrix[3][1]   0.02161667 
_atom_sites.fract_transf_matrix[3][2]   -0.02508611 
_atom_sites.fract_transf_matrix[3][3]   0.02499985 
_atom_sites.fract_transf_vector[1]      0.411424 
_atom_sites.fract_transf_vector[2]      0.251258 
_atom_sites.fract_transf_vector[3]      0.088750 
_atom_sites.solution_primary            ? 
_atom_sites.solution_secondary          ? 
_atom_sites.solution_hydrogens          ? 
_atom_sites.special_details             ? 
# 
loop_
_atom_type.symbol 
C  
MG 
N  
O  
P  
# 
loop_
_atom_site.group_PDB 
_atom_site.id 
_atom_site.type_symbol 
_atom_site.label_atom_id 
_atom_site.label_alt_id 
_atom_site.label_comp_id 
_atom_site.label_asym_id 
_atom_site.label_entity_id 
_atom_site.label_seq_id 
_atom_site.pdbx_PDB_ins_code 
_atom_site.Cartn_x 
_atom_site.Cartn_y 
_atom_site.Cartn_z 
_atom_site.occupancy 
_atom_site.B_iso_or_equiv 
_atom_site.pdbx_formal_charge 
_atom_site.auth_seq_id 
_atom_site.auth_comp_id 
_atom_site.auth_asym_id 
_atom_site.auth_atom_id 
_atom_site.pdbx_PDB_model_num 
ATOM   1   P  P     . DC  A 1 1 ? 10.644  11.330  -12.805 1.00 107.46 ? 1   DC  A P     1 
ATOM   2   O  OP1   . DC  A 1 1 ? 11.528  12.398  -13.331 1.00 104.05 ? 1   DC  A OP1   1 
ATOM   3   O  OP2   . DC  A 1 1 ? 11.150  9.941   -12.670 1.00 100.06 ? 1   DC  A OP2   1 
ATOM   4   O  "O5'" . DC  A 1 1 ? 9.285   11.311  -13.662 1.00 93.06  ? 1   DC  A "O5'" 1 
ATOM   5   C  "C5'" . DC  A 1 1 ? 8.050   10.910  -13.056 1.00 54.68  ? 1   DC  A "C5'" 1 
ATOM   6   C  "C4'" . DC  A 1 1 ? 7.158   12.112  -12.759 1.00 42.54  ? 1   DC  A "C4'" 1 
ATOM   7   O  "O4'" . DC  A 1 1 ? 6.895   12.838  -13.989 1.00 37.47  ? 1   DC  A "O4'" 1 
ATOM   8   C  "C3'" . DC  A 1 1 ? 5.782   11.752  -12.233 1.00 36.73  ? 1   DC  A "C3'" 1 
ATOM   9   O  "O3'" . DC  A 1 1 ? 5.190   12.866  -11.581 1.00 36.22  ? 1   DC  A "O3'" 1 
ATOM   10  C  "C2'" . DC  A 1 1 ? 5.050   11.427  -13.520 1.00 27.21  ? 1   DC  A "C2'" 1 
ATOM   11  C  "C1'" . DC  A 1 1 ? 5.612   12.479  -14.479 1.00 33.28  ? 1   DC  A "C1'" 1 
ATOM   12  N  N1    . DC  A 1 1 ? 5.769   11.979  -15.860 1.00 35.20  ? 1   DC  A N1    1 
ATOM   13  C  C2    . DC  A 1 1 ? 4.642   11.600  -16.593 1.00 27.14  ? 1   DC  A C2    1 
ATOM   14  O  O2    . DC  A 1 1 ? 3.527   11.694  -16.073 1.00 32.26  ? 1   DC  A O2    1 
ATOM   15  N  N3    . DC  A 1 1 ? 4.804   11.134  -17.850 1.00 26.89  ? 1   DC  A N3    1 
ATOM   16  C  C4    . DC  A 1 1 ? 6.027   11.047  -18.377 1.00 32.77  ? 1   DC  A C4    1 
ATOM   17  N  N4    . DC  A 1 1 ? 6.136   10.581  -19.623 1.00 33.12  ? 1   DC  A N4    1 
ATOM   18  C  C5    . DC  A 1 1 ? 7.191   11.424  -17.644 1.00 33.33  ? 1   DC  A C5    1 
ATOM   19  C  C6    . DC  A 1 1 ? 7.018   11.881  -16.403 1.00 37.67  ? 1   DC  A C6    1 
ATOM   20  P  P     . DG  A 1 2 ? 5.189   12.961  -9.974  1.00 45.23  ? 2   DG  A P     1 
ATOM   21  O  OP1   . DG  A 1 2 ? 4.806   14.349  -9.627  1.00 53.65  ? 2   DG  A OP1   1 
ATOM   22  O  OP2   . DG  A 1 2 ? 6.453   12.389  -9.469  1.00 46.52  ? 2   DG  A OP2   1 
ATOM   23  O  "O5'" . DG  A 1 2 ? 3.988   12.007  -9.515  1.00 42.25  ? 2   DG  A "O5'" 1 
ATOM   24  C  "C5'" . DG  A 1 2 ? 2.651   12.405  -9.759  1.00 33.05  ? 2   DG  A "C5'" 1 
ATOM   25  C  "C4'" . DG  A 1 2 ? 1.652   11.399  -9.209  1.00 32.54  ? 2   DG  A "C4'" 1 
ATOM   26  O  "O4'" . DG  A 1 2 ? 1.586   10.231  -10.064 1.00 31.24  ? 2   DG  A "O4'" 1 
ATOM   27  C  "C3'" . DG  A 1 2 ? 1.919   10.865  -7.809  1.00 27.21  ? 2   DG  A "C3'" 1 
ATOM   28  O  "O3'" . DG  A 1 2 ? 0.667   10.606  -7.214  1.00 34.68  ? 2   DG  A "O3'" 1 
ATOM   29  C  "C2'" . DG  A 1 2 ? 2.702   9.579   -8.080  1.00 27.97  ? 2   DG  A "C2'" 1 
ATOM   30  C  "C1'" . DG  A 1 2 ? 2.043   9.081   -9.369  1.00 27.97  ? 2   DG  A "C1'" 1 
ATOM   31  N  N9    . DG  A 1 2 ? 2.945   8.391   -10.272 1.00 26.01  ? 2   DG  A N9    1 
ATOM   32  C  C8    . DG  A 1 2 ? 4.294   8.600   -10.426 1.00 29.40  ? 2   DG  A C8    1 
ATOM   33  N  N7    . DG  A 1 2 ? 4.828   7.865   -11.362 1.00 28.46  ? 2   DG  A N7    1 
ATOM   34  C  C5    . DG  A 1 2 ? 3.757   7.144   -11.876 1.00 20.78  ? 2   DG  A C5    1 
ATOM   35  C  C6    . DG  A 1 2 ? 3.717   6.180   -12.910 1.00 23.51  ? 2   DG  A C6    1 
ATOM   36  O  O6    . DG  A 1 2 ? 4.652   5.763   -13.605 1.00 28.46  ? 2   DG  A O6    1 
ATOM   37  N  N1    . DG  A 1 2 ? 2.421   5.694   -13.111 1.00 19.32  ? 2   DG  A N1    1 
ATOM   38  C  C2    . DG  A 1 2 ? 1.319   6.084   -12.404 1.00 19.10  ? 2   DG  A C2    1 
ATOM   39  N  N2    . DG  A 1 2 ? 0.148   5.505   -12.742 1.00 18.62  ? 2   DG  A N2    1 
ATOM   40  N  N3    . DG  A 1 2 ? 1.346   6.982   -11.428 1.00 22.46  ? 2   DG  A N3    1 
ATOM   41  C  C4    . DG  A 1 2 ? 2.594   7.464   -11.221 1.00 20.46  ? 2   DG  A C4    1 
ATOM   42  P  P     . DT  A 1 3 ? 0.426   10.143  -5.662  1.00 35.47  ? 3   DT  A P     1 
ATOM   43  O  OP1   . DT  A 1 3 ? -0.775  10.733  -5.201  1.00 38.07  ? 3   DT  A OP1   1 
ATOM   44  O  OP2   . DT  A 1 3 ? 1.671   10.259  -4.972  1.00 42.09  ? 3   DT  A OP2   1 
ATOM   45  O  "O5'" . DT  A 1 3 ? 0.090   8.609   -5.847  1.00 35.65  ? 3   DT  A "O5'" 1 
ATOM   46  C  "C5'" . DT  A 1 3 ? -1.020  8.235   -6.618  1.00 32.60  ? 3   DT  A "C5'" 1 
ATOM   47  C  "C4'" . DT  A 1 3 ? -0.939  6.770   -6.960  1.00 24.58  ? 3   DT  A "C4'" 1 
ATOM   48  O  "O4'" . DT  A 1 3 ? 0.119   6.544   -7.890  1.00 24.86  ? 3   DT  A "O4'" 1 
ATOM   49  C  "C3'" . DT  A 1 3 ? -0.667  5.841   -5.769  1.00 36.17  ? 3   DT  A "C3'" 1 
ATOM   50  O  "O3'" . DT  A 1 3 ? -1.678  4.853   -5.841  1.00 44.82  ? 3   DT  A "O3'" 1 
ATOM   51  C  "C2'" . DT  A 1 3 ? 0.649   5.187   -6.126  1.00 38.60  ? 3   DT  A "C2'" 1 
ATOM   52  C  "C1'" . DT  A 1 3 ? 0.597   5.264   -7.646  1.00 28.69  ? 3   DT  A "C1'" 1 
ATOM   53  N  N1    . DT  A 1 3 ? 1.873   5.113   -8.334  1.00 29.24  ? 3   DT  A N1    1 
ATOM   54  C  C2    . DT  A 1 3 ? 1.932   4.269   -9.418  1.00 23.81  ? 3   DT  A C2    1 
ATOM   55  O  O2    . DT  A 1 3 ? 0.971   3.656   -9.831  1.00 24.84  ? 3   DT  A O2    1 
ATOM   56  N  N3    . DT  A 1 3 ? 3.175   4.137   -9.968  1.00 24.10  ? 3   DT  A N3    1 
ATOM   57  C  C4    . DT  A 1 3 ? 4.334   4.761   -9.565  1.00 20.93  ? 3   DT  A C4    1 
ATOM   58  O  O4    . DT  A 1 3 ? 5.359   4.587   -10.186 1.00 29.46  ? 3   DT  A O4    1 
ATOM   59  C  C5    . DT  A 1 3 ? 4.197   5.641   -8.432  1.00 29.80  ? 3   DT  A C5    1 
ATOM   60  C  C7    . DT  A 1 3 ? 5.406   6.358   -7.919  1.00 42.03  ? 3   DT  A C7    1 
ATOM   61  C  C6    . DT  A 1 3 ? 2.993   5.755   -7.868  1.00 27.63  ? 3   DT  A C6    1 
ATOM   62  P  P     . DA  A 1 4 ? -2.299  4.210   -4.545  1.00 35.36  ? 4   DA  A P     1 
ATOM   63  O  OP1   . DA  A 1 4 ? -3.495  4.971   -4.157  1.00 38.43  ? 4   DA  A OP1   1 
ATOM   64  O  OP2   . DA  A 1 4 ? -1.212  3.974   -3.567  1.00 47.36  ? 4   DA  A OP2   1 
ATOM   65  O  "O5'" . DA  A 1 4 ? -2.817  2.822   -5.115  1.00 27.91  ? 4   DA  A "O5'" 1 
ATOM   66  C  "C5'" . DA  A 1 4 ? -3.594  2.830   -6.301  1.00 22.21  ? 4   DA  A "C5'" 1 
ATOM   67  C  "C4'" . DA  A 1 4 ? -3.525  1.480   -6.990  1.00 22.14  ? 4   DA  A "C4'" 1 
ATOM   68  O  "O4'" . DA  A 1 4 ? -2.251  1.324   -7.674  1.00 19.61  ? 4   DA  A "O4'" 1 
ATOM   69  C  "C3'" . DA  A 1 4 ? -3.644  0.283   -6.068  1.00 21.23  ? 4   DA  A "C3'" 1 
ATOM   70  O  "O3'" . DA  A 1 4 ? -4.316  -0.755  -6.771  1.00 23.93  ? 4   DA  A "O3'" 1 
ATOM   71  C  "C2'" . DA  A 1 4 ? -2.173  -0.066  -5.771  1.00 22.17  ? 4   DA  A "C2'" 1 
ATOM   72  C  "C1'" . DA  A 1 4 ? -1.500  0.264   -7.100  1.00 20.25  ? 4   DA  A "C1'" 1 
ATOM   73  N  N9    . DA  A 1 4 ? -0.130  0.744   -7.001  1.00 21.62  ? 4   DA  A N9    1 
ATOM   74  C  C8    . DA  A 1 4 ? 0.377   1.630   -6.089  1.00 24.20  ? 4   DA  A C8    1 
ATOM   75  N  N7    . DA  A 1 4 ? 1.639   1.929   -6.285  1.00 20.08  ? 4   DA  A N7    1 
ATOM   76  C  C5    . DA  A 1 4 ? 1.978   1.200   -7.414  1.00 20.24  ? 4   DA  A C5    1 
ATOM   77  C  C6    . DA  A 1 4 ? 3.174   1.085   -8.144  1.00 20.49  ? 4   DA  A C6    1 
ATOM   78  N  N6    . DA  A 1 4 ? 4.296   1.730   -7.822  1.00 23.99  ? 4   DA  A N6    1 
ATOM   79  N  N1    . DA  A 1 4 ? 3.167   0.285   -9.229  1.00 18.54  ? 4   DA  A N1    1 
ATOM   80  C  C2    . DA  A 1 4 ? 2.045   -0.365  -9.548  1.00 18.72  ? 4   DA  A C2    1 
ATOM   81  N  N3    . DA  A 1 4 ? 0.860   -0.334  -8.944  1.00 21.73  ? 4   DA  A N3    1 
ATOM   82  C  C4    . DA  A 1 4 ? 0.895   0.480   -7.877  1.00 20.81  ? 4   DA  A C4    1 
ATOM   83  P  P     . DT  A 1 5 ? -4.890  -2.048  -6.007  1.00 27.09  ? 5   DT  A P     1 
ATOM   84  O  OP1   . DT  A 1 5 ? -6.035  -2.551  -6.801  1.00 24.50  ? 5   DT  A OP1   1 
ATOM   85  O  OP2   . DT  A 1 5 ? -5.052  -1.680  -4.586  1.00 29.37  ? 5   DT  A OP2   1 
ATOM   86  O  "O5'" . DT  A 1 5 ? -3.694  -3.094  -6.069  1.00 25.59  ? 5   DT  A "O5'" 1 
ATOM   87  C  "C5'" . DT  A 1 5 ? -3.258  -3.567  -7.310  1.00 28.90  ? 5   DT  A "C5'" 1 
ATOM   88  C  "C4'" . DT  A 1 5 ? -1.937  -4.284  -7.166  1.00 26.68  ? 5   DT  A "C4'" 1 
ATOM   89  O  "O4'" . DT  A 1 5 ? -0.878  -3.334  -7.071  1.00 24.14  ? 5   DT  A "O4'" 1 
ATOM   90  C  "C3'" . DT  A 1 5 ? -1.796  -5.140  -5.907  1.00 27.47  ? 5   DT  A "C3'" 1 
ATOM   91  O  "O3'" . DT  A 1 5 ? -2.083  -6.479  -6.234  1.00 37.83  ? 5   DT  A "O3'" 1 
ATOM   92  C  "C2'" . DT  A 1 5 ? -0.323  -4.940  -5.485  1.00 30.72  ? 5   DT  A "C2'" 1 
ATOM   93  C  "C1'" . DT  A 1 5 ? 0.227   -4.039  -6.589  1.00 24.00  ? 5   DT  A "C1'" 1 
ATOM   94  N  N1    . DT  A 1 5 ? 1.241   -3.058  -6.150  1.00 19.63  ? 5   DT  A N1    1 
ATOM   95  C  C2    . DT  A 1 5 ? 2.398   -2.949  -6.867  1.00 19.96  ? 5   DT  A C2    1 
ATOM   96  O  O2    . DT  A 1 5 ? 2.634   -3.629  -7.858  1.00 22.35  ? 5   DT  A O2    1 
ATOM   97  N  N3    . DT  A 1 5 ? 3.264   -1.998  -6.414  1.00 21.43  ? 5   DT  A N3    1 
ATOM   98  C  C4    . DT  A 1 5 ? 3.100   -1.171  -5.319  1.00 19.73  ? 5   DT  A C4    1 
ATOM   99  O  O4    . DT  A 1 5 ? 3.951   -0.347  -4.982  1.00 20.40  ? 5   DT  A O4    1 
ATOM   100 C  C5    . DT  A 1 5 ? 1.857   -1.342  -4.603  1.00 22.05  ? 5   DT  A C5    1 
ATOM   101 C  C7    . DT  A 1 5 ? 1.553   -0.511  -3.394  1.00 21.48  ? 5   DT  A C7    1 
ATOM   102 C  C6    . DT  A 1 5 ? 0.993   -2.260  -5.057  1.00 22.16  ? 5   DT  A C6    1 
ATOM   103 P  P     . DA  A 1 6 ? -1.869  -7.669  -5.178  1.00 34.99  ? 6   DA  A P     1 
ATOM   104 O  OP1   . DA  A 1 6 ? -2.857  -8.690  -5.567  1.00 44.92  ? 6   DA  A OP1   1 
ATOM   105 O  OP2   . DA  A 1 6 ? -1.801  -7.185  -3.777  1.00 35.02  ? 6   DA  A OP2   1 
ATOM   106 O  "O5'" . DA  A 1 6 ? -0.394  -8.168  -5.497  1.00 30.86  ? 6   DA  A "O5'" 1 
ATOM   107 C  "C5'" . DA  A 1 6 ? -0.039  -8.576  -6.799  1.00 22.18  ? 6   DA  A "C5'" 1 
ATOM   108 C  "C4'" . DA  A 1 6 ? 1.459   -8.772  -6.859  1.00 21.59  ? 6   DA  A "C4'" 1 
ATOM   109 O  "O4'" . DA  A 1 6 ? 2.083   -7.493  -6.763  1.00 22.97  ? 6   DA  A "O4'" 1 
ATOM   110 C  "C3'" . DA  A 1 6 ? 2.027   -9.576  -5.700  1.00 23.92  ? 6   DA  A "C3'" 1 
ATOM   111 O  "O3'" . DA  A 1 6 ? 2.159   -10.924 -6.085  1.00 27.50  ? 6   DA  A "O3'" 1 
ATOM   112 C  "C2'" . DA  A 1 6 ? 3.406   -8.962  -5.452  1.00 28.22  ? 6   DA  A "C2'" 1 
ATOM   113 C  "C1'" . DA  A 1 6 ? 3.321   -7.588  -6.101  1.00 28.31  ? 6   DA  A "C1'" 1 
ATOM   114 N  N9    . DA  A 1 6 ? 3.414   -6.477  -5.164  1.00 24.44  ? 6   DA  A N9    1 
ATOM   115 C  C8    . DA  A 1 6 ? 2.505   -6.111  -4.213  1.00 22.68  ? 6   DA  A C8    1 
ATOM   116 N  N7    . DA  A 1 6 ? 2.855   -5.041  -3.533  1.00 21.75  ? 6   DA  A N7    1 
ATOM   117 C  C5    . DA  A 1 6 ? 4.080   -4.692  -4.082  1.00 20.39  ? 6   DA  A C5    1 
ATOM   118 C  C6    . DA  A 1 6 ? 4.988   -3.651  -3.806  1.00 20.58  ? 6   DA  A C6    1 
ATOM   119 N  N6    . DA  A 1 6 ? 4.793   -2.732  -2.869  1.00 21.63  ? 6   DA  A N6    1 
ATOM   120 N  N1    . DA  A 1 6 ? 6.121   -3.603  -4.528  1.00 21.00  ? 6   DA  A N1    1 
ATOM   121 C  C2    . DA  A 1 6 ? 6.326   -4.518  -5.471  1.00 20.18  ? 6   DA  A C2    1 
ATOM   122 N  N3    . DA  A 1 6 ? 5.549   -5.540  -5.822  1.00 22.70  ? 6   DA  A N3    1 
ATOM   123 C  C4    . DA  A 1 6 ? 4.434   -5.570  -5.081  1.00 20.10  ? 6   DA  A C4    1 
ATOM   124 P  P     . DC  A 1 7 ? 2.093   -12.090 -4.987  1.00 28.78  ? 7   DC  A P     1 
ATOM   125 O  OP1   . DC  A 1 7 ? 1.921   -13.350 -5.726  1.00 28.84  ? 7   DC  A OP1   1 
ATOM   126 O  OP2   . DC  A 1 7 ? 1.126   -11.699 -3.935  1.00 35.68  ? 7   DC  A OP2   1 
ATOM   127 O  "O5'" . DC  A 1 7 ? 3.542   -12.076 -4.316  1.00 28.35  ? 7   DC  A "O5'" 1 
ATOM   128 C  "C5'" . DC  A 1 7 ? 4.676   -12.365 -5.102  1.00 27.86  ? 7   DC  A "C5'" 1 
ATOM   129 C  "C4'" . DC  A 1 7 ? 5.919   -11.925 -4.375  1.00 24.89  ? 7   DC  A "C4'" 1 
ATOM   130 O  "O4'" . DC  A 1 7 ? 5.845   -10.511 -4.132  1.00 22.22  ? 7   DC  A "O4'" 1 
ATOM   131 C  "C3'" . DC  A 1 7 ? 6.104   -12.576 -3.012  1.00 25.45  ? 7   DC  A "C3'" 1 
ATOM   132 O  "O3'" . DC  A 1 7 ? 7.199   -13.460 -3.065  1.00 25.53  ? 7   DC  A "O3'" 1 
ATOM   133 C  "C2'" . DC  A 1 7 ? 6.370   -11.409 -2.057  1.00 28.26  ? 7   DC  A "C2'" 1 
ATOM   134 C  "C1'" . DC  A 1 7 ? 6.583   -10.226 -2.992  1.00 22.45  ? 7   DC  A "C1'" 1 
ATOM   135 N  N1    . DC  A 1 7 ? 6.099   -8.947  -2.415  1.00 23.85  ? 7   DC  A N1    1 
ATOM   136 C  C2    . DC  A 1 7 ? 6.929   -7.829  -2.447  1.00 23.57  ? 7   DC  A C2    1 
ATOM   137 O  O2    . DC  A 1 7 ? 8.047   -7.922  -2.982  1.00 22.29  ? 7   DC  A O2    1 
ATOM   138 N  N3    . DC  A 1 7 ? 6.487   -6.673  -1.898  1.00 22.03  ? 7   DC  A N3    1 
ATOM   139 C  C4    . DC  A 1 7 ? 5.285   -6.620  -1.324  1.00 22.28  ? 7   DC  A C4    1 
ATOM   140 N  N4    . DC  A 1 7 ? 4.915   -5.471  -0.764  1.00 22.62  ? 7   DC  A N4    1 
ATOM   141 C  C5    . DC  A 1 7 ? 4.425   -7.756  -1.277  1.00 22.55  ? 7   DC  A C5    1 
ATOM   142 C  C6    . DC  A 1 7 ? 4.869   -8.888  -1.829  1.00 22.49  ? 7   DC  A C6    1 
ATOM   143 P  P     . DG  A 1 8 ? 7.378   -14.610 -1.958  1.00 31.03  ? 8   DG  A P     1 
ATOM   144 O  OP1   . DG  A 1 8 ? 7.718   -15.860 -2.667  1.00 38.74  ? 8   DG  A OP1   1 
ATOM   145 O  OP2   . DG  A 1 8 ? 6.260   -14.550 -0.990  1.00 31.65  ? 8   DG  A OP2   1 
ATOM   146 O  "O5'" . DG  A 1 8 ? 8.675   -14.172 -1.185  1.00 38.53  ? 8   DG  A "O5'" 1 
ATOM   147 C  "C5'" . DG  A 1 8 ? 8.547   -13.577 0.034   1.00 34.41  ? 8   DG  A "C5'" 1 
ATOM   148 C  "C4'" . DG  A 1 8 ? 9.854   -13.656 0.768   1.00 29.57  ? 8   DG  A "C4'" 1 
ATOM   149 O  "O4'" . DG  A 1 8 ? 10.084  -12.385 1.384   1.00 26.75  ? 8   DG  A "O4'" 1 
ATOM   150 C  "C3'" . DG  A 1 8 ? 9.901   -14.720 1.859   1.00 27.36  ? 8   DG  A "C3'" 1 
ATOM   151 O  "O3'" . DG  A 1 8 ? 10.761  -15.813 1.451   1.00 27.89  ? 8   DG  A "O3'" 1 
ATOM   152 C  "C2'" . DG  A 1 8 ? 10.463  -14.004 3.080   1.00 28.04  ? 8   DG  A "C2'" 1 
ATOM   153 C  "C1'" . DG  A 1 8 ? 10.294  -12.519 2.758   1.00 27.26  ? 8   DG  A "C1'" 1 
ATOM   154 N  N9    . DG  A 1 8 ? 9.198   -11.861 3.455   1.00 27.46  ? 8   DG  A N9    1 
ATOM   155 C  C8    . DG  A 1 8 ? 8.021   -12.410 3.901   1.00 27.92  ? 8   DG  A C8    1 
ATOM   156 N  N7    . DG  A 1 8 ? 7.249   -11.550 4.506   1.00 28.34  ? 8   DG  A N7    1 
ATOM   157 C  C5    . DG  A 1 8 ? 7.960   -10.360 4.441   1.00 28.06  ? 8   DG  A C5    1 
ATOM   158 C  C6    . DG  A 1 8 ? 7.630   -9.059  4.900   1.00 33.89  ? 8   DG  A C6    1 
ATOM   159 O  O6    . DG  A 1 8 ? 6.611   -8.687  5.497   1.00 36.35  ? 8   DG  A O6    1 
ATOM   160 N  N1    . DG  A 1 8 ? 8.641   -8.140  4.608   1.00 28.37  ? 8   DG  A N1    1 
ATOM   161 C  C2    . DG  A 1 8 ? 9.810   -8.441  3.951   1.00 27.93  ? 8   DG  A C2    1 
ATOM   162 N  N2    . DG  A 1 8 ? 10.673  -7.436  3.759   1.00 28.27  ? 8   DG  A N2    1 
ATOM   163 N  N3    . DG  A 1 8 ? 10.116  -9.643  3.511   1.00 27.51  ? 8   DG  A N3    1 
ATOM   164 C  C4    . DG  A 1 8 ? 9.154   -10.546 3.792   1.00 27.56  ? 8   DG  A C4    1 
ATOM   165 P  P     . DC  B 1 1 ? 6.655   0.880   2.159   1.00 90.58  ? 1   DC  B P     1 
ATOM   166 O  OP1   . DC  B 1 1 ? 7.275   0.718   0.826   1.00 89.30  ? 1   DC  B OP1   1 
ATOM   167 O  OP2   . DC  B 1 1 ? 5.619   1.925   2.354   1.00 80.15  ? 1   DC  B OP2   1 
ATOM   168 O  "O5'" . DC  B 1 1 ? 7.815   1.078   3.257   1.00 83.99  ? 1   DC  B "O5'" 1 
ATOM   169 C  "C5'" . DC  B 1 1 ? 8.010   0.104   4.305   1.00 55.19  ? 1   DC  B "C5'" 1 
ATOM   170 C  "C4'" . DC  B 1 1 ? 9.482   -0.014  4.669   1.00 36.54  ? 1   DC  B "C4'" 1 
ATOM   171 O  "O4'" . DC  B 1 1 ? 9.637   -0.979  5.739   1.00 43.53  ? 1   DC  B "O4'" 1 
ATOM   172 C  "C3'" . DC  B 1 1 ? 10.350  -0.552  3.557   1.00 34.99  ? 1   DC  B "C3'" 1 
ATOM   173 O  "O3'" . DC  B 1 1 ? 11.714  -0.250  3.806   1.00 36.54  ? 1   DC  B "O3'" 1 
ATOM   174 C  "C2'" . DC  B 1 1 ? 10.083  -2.043  3.672   1.00 30.72  ? 1   DC  B "C2'" 1 
ATOM   175 C  "C1'" . DC  B 1 1 ? 9.990   -2.236  5.188   1.00 29.83  ? 1   DC  B "C1'" 1 
ATOM   176 N  N1    . DC  B 1 1 ? 8.969   -3.230  5.596   1.00 29.63  ? 1   DC  B N1    1 
ATOM   177 C  C2    . DC  B 1 1 ? 9.116   -4.567  5.212   1.00 28.31  ? 1   DC  B C2    1 
ATOM   178 O  O2    . DC  B 1 1 ? 10.093  -4.889  4.517   1.00 23.64  ? 1   DC  B O2    1 
ATOM   179 N  N3    . DC  B 1 1 ? 8.175   -5.470  5.595   1.00 26.18  ? 1   DC  B N3    1 
ATOM   180 C  C4    . DC  B 1 1 ? 7.135   -5.079  6.329   1.00 26.89  ? 1   DC  B C4    1 
ATOM   181 N  N4    . DC  B 1 1 ? 6.229   -6.004  6.681   1.00 32.70  ? 1   DC  B N4    1 
ATOM   182 C  C5    . DC  B 1 1 ? 6.971   -3.716  6.734   1.00 32.56  ? 1   DC  B C5    1 
ATOM   183 C  C6    . DC  B 1 1 ? 7.904   -2.838  6.354   1.00 29.93  ? 1   DC  B C6    1 
ATOM   184 P  P     . DG  B 1 2 ? 12.478  0.846   2.914   1.00 42.68  ? 2   DG  B P     1 
ATOM   185 O  OP1   . DG  B 1 2 ? 13.762  1.116   3.599   1.00 44.17  ? 2   DG  B OP1   1 
ATOM   186 O  OP2   . DG  B 1 2 ? 11.546  1.941   2.562   1.00 39.00  ? 2   DG  B OP2   1 
ATOM   187 O  "O5'" . DG  B 1 2 ? 12.802  0.094   1.552   1.00 36.80  ? 2   DG  B "O5'" 1 
ATOM   188 C  "C5'" . DG  B 1 2 ? 13.929  -0.739  1.461   1.00 30.95  ? 2   DG  B "C5'" 1 
ATOM   189 C  "C4'" . DG  B 1 2 ? 14.168  -1.149  0.025   1.00 20.69  ? 2   DG  B "C4'" 1 
ATOM   190 O  "O4'" . DG  B 1 2 ? 13.099  -2.003  -0.427  1.00 24.20  ? 2   DG  B "O4'" 1 
ATOM   191 C  "C3'" . DG  B 1 2 ? 14.239  -0.015  -0.982  1.00 21.97  ? 2   DG  B "C3'" 1 
ATOM   192 O  "O3'" . DG  B 1 2 ? 15.159  -0.395  -1.981  1.00 25.32  ? 2   DG  B "O3'" 1 
ATOM   193 C  "C2'" . DG  B 1 2 ? 12.797  0.081   -1.513  1.00 23.21  ? 2   DG  B "C2'" 1 
ATOM   194 C  "C1'" . DG  B 1 2 ? 12.339  -1.379  -1.452  1.00 25.85  ? 2   DG  B "C1'" 1 
ATOM   195 N  N9    . DG  B 1 2 ? 10.941  -1.586  -1.074  1.00 20.49  ? 2   DG  B N9    1 
ATOM   196 C  C8    . DG  B 1 2 ? 10.206  -0.855  -0.176  1.00 23.82  ? 2   DG  B C8    1 
ATOM   197 N  N7    . DG  B 1 2 ? 9.006   -1.326  0.016   1.00 24.65  ? 2   DG  B N7    1 
ATOM   198 C  C5    . DG  B 1 2 ? 8.959   -2.470  -0.777  1.00 19.15  ? 2   DG  B C5    1 
ATOM   199 C  C6    . DG  B 1 2 ? 7.902   -3.396  -0.988  1.00 19.09  ? 2   DG  B C6    1 
ATOM   200 O  O6    . DG  B 1 2 ? 6.777   -3.416  -0.468  1.00 21.77  ? 2   DG  B O6    1 
ATOM   201 N  N1    . DG  B 1 2 ? 8.271   -4.405  -1.878  1.00 18.50  ? 2   DG  B N1    1 
ATOM   202 C  C2    . DG  B 1 2 ? 9.496   -4.492  -2.497  1.00 19.96  ? 2   DG  B C2    1 
ATOM   203 N  N2    . DG  B 1 2 ? 9.668   -5.527  -3.322  1.00 17.90  ? 2   DG  B N2    1 
ATOM   204 N  N3    . DG  B 1 2 ? 10.485  -3.628  -2.315  1.00 18.30  ? 2   DG  B N3    1 
ATOM   205 C  C4    . DG  B 1 2 ? 10.143  -2.640  -1.449  1.00 18.71  ? 2   DG  B C4    1 
ATOM   206 P  P     . DT  B 1 3 ? 15.554  0.599   -3.177  1.00 33.00  ? 3   DT  B P     1 
ATOM   207 O  OP1   . DT  B 1 3 ? 16.959  0.265   -3.487  1.00 35.00  ? 3   DT  B OP1   1 
ATOM   208 O  OP2   . DT  B 1 3 ? 15.136  1.982   -2.830  1.00 38.03  ? 3   DT  B OP2   1 
ATOM   209 O  "O5'" . DT  B 1 3 ? 14.663  0.096   -4.395  1.00 24.45  ? 3   DT  B "O5'" 1 
ATOM   210 C  "C5'" . DT  B 1 3 ? 14.788  -1.243  -4.808  1.00 27.02  ? 3   DT  B "C5'" 1 
ATOM   211 C  "C4'" . DT  B 1 3 ? 13.645  -1.645  -5.709  1.00 24.33  ? 3   DT  B "C4'" 1 
ATOM   212 O  "O4'" . DT  B 1 3 ? 12.425  -1.803  -4.945  1.00 22.64  ? 3   DT  B "O4'" 1 
ATOM   213 C  "C3'" . DT  B 1 3 ? 13.302  -0.655  -6.842  1.00 21.35  ? 3   DT  B "C3'" 1 
ATOM   214 O  "O3'" . DT  B 1 3 ? 13.105  -1.390  -8.004  1.00 34.68  ? 3   DT  B "O3'" 1 
ATOM   215 C  "C2'" . DT  B 1 3 ? 11.970  -0.083  -6.381  1.00 23.88  ? 3   DT  B "C2'" 1 
ATOM   216 C  "C1'" . DT  B 1 3 ? 11.381  -1.329  -5.760  1.00 20.03  ? 3   DT  B "C1'" 1 
ATOM   217 N  N1    . DT  B 1 3 ? 10.179  -1.124  -4.945  1.00 21.76  ? 3   DT  B N1    1 
ATOM   218 C  C2    . DT  B 1 3 ? 9.180   -2.065  -5.020  1.00 20.38  ? 3   DT  B C2    1 
ATOM   219 O  O2    . DT  B 1 3 ? 9.243   -3.039  -5.744  1.00 19.99  ? 3   DT  B O2    1 
ATOM   220 N  N3    . DT  B 1 3 ? 8.099   -1.822  -4.229  1.00 23.11  ? 3   DT  B N3    1 
ATOM   221 C  C4    . DT  B 1 3 ? 7.910   -0.740  -3.389  1.00 19.98  ? 3   DT  B C4    1 
ATOM   222 O  O4    . DT  B 1 3 ? 6.900   -0.619  -2.708  1.00 24.00  ? 3   DT  B O4    1 
ATOM   223 C  C5    . DT  B 1 3 ? 9.002   0.211   -3.340  1.00 27.57  ? 3   DT  B C5    1 
ATOM   224 C  C7    . DT  B 1 3 ? 8.909   1.415   -2.447  1.00 35.73  ? 3   DT  B C7    1 
ATOM   225 C  C6    . DT  B 1 3 ? 10.075  -0.018  -4.119  1.00 22.02  ? 3   DT  B C6    1 
ATOM   226 P  P     . DA  B 1 4 ? 13.867  -1.049  -9.372  1.00 29.01  ? 4   DA  B P     1 
ATOM   227 O  OP1   . DA  B 1 4 ? 15.287  -1.422  -9.265  1.00 36.38  ? 4   DA  B OP1   1 
ATOM   228 O  OP2   . DA  B 1 4 ? 13.456  0.315   -9.788  1.00 35.93  ? 4   DA  B OP2   1 
ATOM   229 O  "O5'" . DA  B 1 4 ? 13.182  -2.085  -10.358 1.00 26.39  ? 4   DA  B "O5'" 1 
ATOM   230 C  "C5'" . DA  B 1 4 ? 13.236  -3.459  -10.046 1.00 26.44  ? 4   DA  B "C5'" 1 
ATOM   231 C  "C4'" . DA  B 1 4 ? 12.066  -4.190  -10.659 1.00 21.19  ? 4   DA  B "C4'" 1 
ATOM   232 O  "O4'" . DA  B 1 4 ? 10.887  -3.981  -9.852  1.00 21.86  ? 4   DA  B "O4'" 1 
ATOM   233 C  "C3'" . DA  B 1 4 ? 11.700  -3.760  -12.072 1.00 20.50  ? 4   DA  B "C3'" 1 
ATOM   234 O  "O3'" . DA  B 1 4 ? 11.295  -4.910  -12.798 1.00 30.19  ? 4   DA  B "O3'" 1 
ATOM   235 C  "C2'" . DA  B 1 4 ? 10.547  -2.773  -11.848 1.00 22.53  ? 4   DA  B "C2'" 1 
ATOM   236 C  "C1'" . DA  B 1 4 ? 9.873   -3.330  -10.600 1.00 22.78  ? 4   DA  B "C1'" 1 
ATOM   237 N  N9    . DA  B 1 4 ? 9.283   -2.339  -9.703  1.00 23.52  ? 4   DA  B N9    1 
ATOM   238 C  C8    . DA  B 1 4 ? 9.906   -1.253  -9.149  1.00 25.74  ? 4   DA  B C8    1 
ATOM   239 N  N7    . DA  B 1 4 ? 9.152   -0.580  -8.308  1.00 24.32  ? 4   DA  B N7    1 
ATOM   240 C  C5    . DA  B 1 4 ? 7.963   -1.291  -8.284  1.00 17.84  ? 4   DA  B C5    1 
ATOM   241 C  C6    . DA  B 1 4 ? 6.748   -1.099  -7.583  1.00 19.45  ? 4   DA  B C6    1 
ATOM   242 N  N6    . DA  B 1 4 ? 6.539   -0.081  -6.736  1.00 23.58  ? 4   DA  B N6    1 
ATOM   243 N  N1    . DA  B 1 4 ? 5.762   -1.996  -7.787  1.00 22.84  ? 4   DA  B N1    1 
ATOM   244 C  C2    . DA  B 1 4 ? 5.970   -3.009  -8.635  1.00 18.16  ? 4   DA  B C2    1 
ATOM   245 N  N3    . DA  B 1 4 ? 7.064   -3.291  -9.348  1.00 18.30  ? 4   DA  B N3    1 
ATOM   246 C  C4    . DA  B 1 4 ? 8.028   -2.382  -9.132  1.00 18.01  ? 4   DA  B C4    1 
ATOM   247 P  P     . DT  B 1 5 ? 11.166  -4.886  -14.393 1.00 28.79  ? 5   DT  B P     1 
ATOM   248 O  OP1   . DT  B 1 5 ? 11.311  -6.275  -14.871 1.00 33.96  ? 5   DT  B OP1   1 
ATOM   249 O  OP2   . DT  B 1 5 ? 12.055  -3.833  -14.925 1.00 35.82  ? 5   DT  B OP2   1 
ATOM   250 O  "O5'" . DT  B 1 5 ? 9.661   -4.407  -14.605 1.00 26.26  ? 5   DT  B "O5'" 1 
ATOM   251 C  "C5'" . DT  B 1 5 ? 8.621   -5.219  -14.131 1.00 27.70  ? 5   DT  B "C5'" 1 
ATOM   252 C  "C4'" . DT  B 1 5 ? 7.291   -4.504  -14.207 1.00 28.42  ? 5   DT  B "C4'" 1 
ATOM   253 O  "O4'" . DT  B 1 5 ? 7.169   -3.556  -13.141 1.00 23.95  ? 5   DT  B "O4'" 1 
ATOM   254 C  "C3'" . DT  B 1 5 ? 7.035   -3.709  -15.494 1.00 27.14  ? 5   DT  B "C3'" 1 
ATOM   255 O  "O3'" . DT  B 1 5 ? 6.054   -4.397  -16.239 1.00 28.33  ? 5   DT  B "O3'" 1 
ATOM   256 C  "C2'" . DT  B 1 5 ? 6.551   -2.323  -14.992 1.00 24.55  ? 5   DT  B "C2'" 1 
ATOM   257 C  "C1'" . DT  B 1 5 ? 6.208   -2.617  -13.536 1.00 23.00  ? 5   DT  B "C1'" 1 
ATOM   258 N  N1    . DT  B 1 5 ? 6.287   -1.462  -12.581 1.00 19.28  ? 5   DT  B N1    1 
ATOM   259 C  C2    . DT  B 1 5 ? 5.226   -1.234  -11.739 1.00 18.73  ? 5   DT  B C2    1 
ATOM   260 O  O2    . DT  B 1 5 ? 4.207   -1.904  -11.762 1.00 22.32  ? 5   DT  B O2    1 
ATOM   261 N  N3    . DT  B 1 5 ? 5.404   -0.200  -10.860 1.00 19.62  ? 5   DT  B N3    1 
ATOM   262 C  C4    . DT  B 1 5 ? 6.513   0.617   -10.738 1.00 20.83  ? 5   DT  B C4    1 
ATOM   263 O  O4    . DT  B 1 5 ? 6.574   1.525   -9.917  1.00 25.02  ? 5   DT  B O4    1 
ATOM   264 C  C5    . DT  B 1 5 ? 7.596   0.327   -11.652 1.00 20.78  ? 5   DT  B C5    1 
ATOM   265 C  C7    . DT  B 1 5 ? 8.853   1.144   -11.618 1.00 24.03  ? 5   DT  B C7    1 
ATOM   266 C  C6    . DT  B 1 5 ? 7.438   -0.693  -12.509 1.00 19.00  ? 5   DT  B C6    1 
ATOM   267 P  P     . DA  B 1 6 ? 5.652   -3.953  -17.733 1.00 32.29  ? 6   DA  B P     1 
ATOM   268 O  OP1   . DA  B 1 6 ? 5.333   -5.170  -18.489 1.00 37.90  ? 6   DA  B OP1   1 
ATOM   269 O  OP2   . DA  B 1 6 ? 6.647   -2.993  -18.259 1.00 40.15  ? 6   DA  B OP2   1 
ATOM   270 O  "O5'" . DA  B 1 6 ? 4.302   -3.146  -17.517 1.00 32.85  ? 6   DA  B "O5'" 1 
ATOM   271 C  "C5'" . DA  B 1 6 ? 3.199   -3.790  -16.918 1.00 34.42  ? 6   DA  B "C5'" 1 
ATOM   272 C  "C4'" . DA  B 1 6 ? 2.051   -2.825  -16.817 1.00 35.20  ? 6   DA  B "C4'" 1 
ATOM   273 O  "O4'" . DA  B 1 6 ? 2.337   -1.863  -15.769 1.00 38.33  ? 6   DA  B "O4'" 1 
ATOM   274 C  "C3'" . DA  B 1 6 ? 1.813   -2.023  -18.092 1.00 41.70  ? 6   DA  B "C3'" 1 
ATOM   275 O  "O3'" . DA  B 1 6 ? 0.431   -1.962  -18.372 1.00 40.82  ? 6   DA  B "O3'" 1 
ATOM   276 C  "C2'" . DA  B 1 6 ? 2.406   -0.646  -17.780 1.00 41.90  ? 6   DA  B "C2'" 1 
ATOM   277 C  "C1'" . DA  B 1 6 ? 2.231   -0.549  -16.271 1.00 31.14  ? 6   DA  B "C1'" 1 
ATOM   278 N  N9    . DA  B 1 6 ? 3.260   0.259   -15.622 1.00 28.90  ? 6   DA  B N9    1 
ATOM   279 C  C8    . DA  B 1 6 ? 4.536   0.471   -16.058 1.00 28.29  ? 6   DA  B C8    1 
ATOM   280 N  N7    . DA  B 1 6 ? 5.249   1.227   -15.266 1.00 25.01  ? 6   DA  B N7    1 
ATOM   281 C  C5    . DA  B 1 6 ? 4.384   1.531   -14.232 1.00 21.65  ? 6   DA  B C5    1 
ATOM   282 C  C6    . DA  B 1 6 ? 4.534   2.310   -13.068 1.00 24.96  ? 6   DA  B C6    1 
ATOM   283 N  N6    . DA  B 1 6 ? 5.669   2.943   -12.751 1.00 25.40  ? 6   DA  B N6    1 
ATOM   284 N  N1    . DA  B 1 6 ? 3.473   2.418   -12.246 1.00 18.92  ? 6   DA  B N1    1 
ATOM   285 C  C2    . DA  B 1 6 ? 2.338   1.797   -12.575 1.00 20.56  ? 6   DA  B C2    1 
ATOM   286 N  N3    . DA  B 1 6 ? 2.079   1.034   -13.638 1.00 28.76  ? 6   DA  B N3    1 
ATOM   287 C  C4    . DA  B 1 6 ? 3.151   0.950   -14.438 1.00 25.99  ? 6   DA  B C4    1 
ATOM   288 P  P     . DC  B 1 7 ? -0.084  -1.774  -19.881 1.00 40.35  ? 7   DC  B P     1 
ATOM   289 O  OP1   . DC  B 1 7 ? -1.062  -2.852  -20.132 1.00 55.44  ? 7   DC  B OP1   1 
ATOM   290 O  OP2   . DC  B 1 7 ? 1.063   -1.566  -20.785 1.00 42.73  ? 7   DC  B OP2   1 
ATOM   291 O  "O5'" . DC  B 1 7 ? -0.837  -0.359  -19.829 1.00 37.11  ? 7   DC  B "O5'" 1 
ATOM   292 C  "C5'" . DC  B 1 7 ? -1.830  -0.115  -18.840 1.00 35.88  ? 7   DC  B "C5'" 1 
ATOM   293 C  "C4'" . DC  B 1 7 ? -1.890  1.365   -18.480 1.00 27.23  ? 7   DC  B "C4'" 1 
ATOM   294 O  "O4'" . DC  B 1 7 ? -0.781  1.675   -17.617 1.00 22.39  ? 7   DC  B "O4'" 1 
ATOM   295 C  "C3'" . DC  B 1 7 ? -1.772  2.342   -19.660 1.00 29.60  ? 7   DC  B "C3'" 1 
ATOM   296 O  "O3'" . DC  B 1 7 ? -3.011  3.010   -19.911 1.00 25.21  ? 7   DC  B "O3'" 1 
ATOM   297 C  "C2'" . DC  B 1 7 ? -0.710  3.345   -19.212 1.00 36.67  ? 7   DC  B "C2'" 1 
ATOM   298 C  "C1'" . DC  B 1 7 ? -0.546  3.039   -17.733 1.00 24.62  ? 7   DC  B "C1'" 1 
ATOM   299 N  N1    . DC  B 1 7 ? 0.799   3.344   -17.253 1.00 21.02  ? 7   DC  B N1    1 
ATOM   300 C  C2    . DC  B 1 7 ? 0.961   3.938   -15.997 1.00 20.71  ? 7   DC  B C2    1 
ATOM   301 O  O2    . DC  B 1 7 ? -0.038  4.147   -15.297 1.00 21.62  ? 7   DC  B O2    1 
ATOM   302 N  N3    . DC  B 1 7 ? 2.201   4.263   -15.585 1.00 19.92  ? 7   DC  B N3    1 
ATOM   303 C  C4    . DC  B 1 7 ? 3.253   4.022   -16.372 1.00 20.54  ? 7   DC  B C4    1 
ATOM   304 N  N4    . DC  B 1 7 ? 4.460   4.357   -15.915 1.00 24.31  ? 7   DC  B N4    1 
ATOM   305 C  C5    . DC  B 1 7 ? 3.109   3.435   -17.662 1.00 26.16  ? 7   DC  B C5    1 
ATOM   306 C  C6    . DC  B 1 7 ? 1.873   3.129   -18.066 1.00 21.48  ? 7   DC  B C6    1 
ATOM   307 P  P     . DG  B 1 8 ? -3.227  3.809   -21.289 1.00 26.36  ? 8   DG  B P     1 
ATOM   308 O  OP1   . DG  B 1 8 ? -4.672  3.728   -21.616 1.00 29.04  ? 8   DG  B OP1   1 
ATOM   309 O  OP2   . DG  B 1 8 ? -2.201  3.359   -22.255 1.00 31.33  ? 8   DG  B OP2   1 
ATOM   310 O  "O5'" . DG  B 1 8 ? -2.918  5.337   -20.926 1.00 26.06  ? 8   DG  B "O5'" 1 
ATOM   311 C  "C5'" . DG  B 1 8 ? -3.870  6.092   -20.179 1.00 25.15  ? 8   DG  B "C5'" 1 
ATOM   312 C  "C4'" . DG  B 1 8 ? -3.750  7.585   -20.465 1.00 27.82  ? 8   DG  B "C4'" 1 
ATOM   313 O  "O4'" . DG  B 1 8 ? -2.435  8.032   -20.112 1.00 23.56  ? 8   DG  B "O4'" 1 
ATOM   314 C  "C3'" . DG  B 1 8 ? -3.903  7.992   -21.920 1.00 27.68  ? 8   DG  B "C3'" 1 
ATOM   315 O  "O3'" . DG  B 1 8 ? -5.280  8.174   -22.230 1.00 32.05  ? 8   DG  B "O3'" 1 
ATOM   316 C  "C2'" . DG  B 1 8 ? -3.126  9.320   -21.995 1.00 23.90  ? 8   DG  B "C2'" 1 
ATOM   317 C  "C1'" . DG  B 1 8 ? -2.171  9.245   -20.786 1.00 22.99  ? 8   DG  B "C1'" 1 
ATOM   318 N  N9    . DG  B 1 8 ? -0.754  9.268   -21.115 1.00 25.97  ? 8   DG  B N9    1 
ATOM   319 C  C8    . DG  B 1 8 ? -0.143  8.828   -22.266 1.00 24.07  ? 8   DG  B C8    1 
ATOM   320 N  N7    . DG  B 1 8 ? 1.158   8.948   -22.236 1.00 25.52  ? 8   DG  B N7    1 
ATOM   321 C  C5    . DG  B 1 8 ? 1.422   9.500   -20.992 1.00 23.39  ? 8   DG  B C5    1 
ATOM   322 C  C6    . DG  B 1 8 ? 2.648   9.874   -20.398 1.00 23.39  ? 8   DG  B C6    1 
ATOM   323 O  O6    . DG  B 1 8 ? 3.786   9.781   -20.875 1.00 27.92  ? 8   DG  B O6    1 
ATOM   324 N  N1    . DG  B 1 8 ? 2.466   10.387  -19.115 1.00 23.31  ? 8   DG  B N1    1 
ATOM   325 C  C2    . DG  B 1 8 ? 1.249   10.549  -18.499 1.00 24.14  ? 8   DG  B C2    1 
ATOM   326 N  N2    . DG  B 1 8 ? 1.264   11.071  -17.264 1.00 25.33  ? 8   DG  B N2    1 
ATOM   327 N  N3    . DG  B 1 8 ? 0.091   10.203  -19.047 1.00 22.32  ? 8   DG  B N3    1 
ATOM   328 C  C4    . DG  B 1 8 ? 0.257   9.686   -20.285 1.00 22.75  ? 8   DG  B C4    1 
ATOM   329 P  P     . DC  C 1 1 ? -11.482 14.482  10.769  1.00 94.31  ? 1   DC  D P     1 
ATOM   330 O  OP1   . DC  C 1 1 ? -11.640 15.837  10.190  1.00 93.10  ? 1   DC  D OP1   1 
ATOM   331 O  OP2   . DC  C 1 1 ? -12.225 14.124  12.000  1.00 83.45  ? 1   DC  D OP2   1 
ATOM   332 O  "O5'" . DC  C 1 1 ? -9.921  14.193  11.022  1.00 89.04  ? 1   DC  D "O5'" 1 
ATOM   333 C  "C5'" . DC  C 1 1 ? -9.101  13.623  9.988   1.00 59.52  ? 1   DC  D "C5'" 1 
ATOM   334 C  "C4'" . DC  C 1 1 ? -8.103  14.645  9.457   1.00 43.42  ? 1   DC  D "C4'" 1 
ATOM   335 O  "O4'" . DC  C 1 1 ? -7.777  15.593  10.503  1.00 34.11  ? 1   DC  D "O4'" 1 
ATOM   336 C  "C3'" . DC  C 1 1 ? -6.765  14.072  9.028   1.00 36.96  ? 1   DC  D "C3'" 1 
ATOM   337 O  "O3'" . DC  C 1 1 ? -6.117  14.960  8.120   1.00 35.23  ? 1   DC  D "O3'" 1 
ATOM   338 C  "C2'" . DC  C 1 1 ? -6.023  14.011  10.353  1.00 27.12  ? 1   DC  D "C2'" 1 
ATOM   339 C  "C1'" . DC  C 1 1 ? -6.504  15.286  11.043  1.00 29.78  ? 1   DC  D "C1'" 1 
ATOM   340 N  N1    . DC  C 1 1 ? -6.645  15.150  12.502  1.00 33.53  ? 1   DC  D N1    1 
ATOM   341 C  C2    . DC  C 1 1 ? -5.504  15.042  13.289  1.00 26.35  ? 1   DC  D C2    1 
ATOM   342 O  O2    . DC  C 1 1 ? -4.399  15.054  12.741  1.00 28.76  ? 1   DC  D O2    1 
ATOM   343 N  N3    . DC  C 1 1 ? -5.639  14.913  14.628  1.00 26.20  ? 1   DC  D N3    1 
ATOM   344 C  C4    . DC  C 1 1 ? -6.857  14.902  15.177  1.00 31.11  ? 1   DC  D C4    1 
ATOM   345 N  N4    . DC  C 1 1 ? -6.945  14.778  16.504  1.00 35.61  ? 1   DC  D N4    1 
ATOM   346 C  C5    . DC  C 1 1 ? -8.037  15.011  14.388  1.00 33.18  ? 1   DC  D C5    1 
ATOM   347 C  C6    . DC  C 1 1 ? -7.887  15.132  13.068  1.00 32.43  ? 1   DC  D C6    1 
ATOM   348 P  P     . DG  C 1 2 ? -6.131  14.663  6.536   1.00 42.70  ? 2   DG  D P     1 
ATOM   349 O  OP1   . DG  C 1 2 ? -5.885  15.966  5.877   1.00 44.33  ? 2   DG  D OP1   1 
ATOM   350 O  OP2   . DG  C 1 2 ? -7.327  13.865  6.206   1.00 41.94  ? 2   DG  D OP2   1 
ATOM   351 O  "O5'" . DG  C 1 2 ? -4.843  13.743  6.280   1.00 38.73  ? 2   DG  D "O5'" 1 
ATOM   352 C  "C5'" . DG  C 1 2 ? -3.544  14.287  6.452   1.00 32.63  ? 2   DG  D "C5'" 1 
ATOM   353 C  "C4'" . DG  C 1 2 ? -2.459  13.262  6.161   1.00 30.30  ? 2   DG  D "C4'" 1 
ATOM   354 O  "O4'" . DG  C 1 2 ? -2.316  12.349  7.275   1.00 30.52  ? 2   DG  D "O4'" 1 
ATOM   355 C  "C3'" . DG  C 1 2 ? -2.658  12.390  4.930   1.00 27.48  ? 2   DG  D "C3'" 1 
ATOM   356 O  "O3'" . DG  C 1 2 ? -1.376  12.149  4.353   1.00 33.52  ? 2   DG  D "O3'" 1 
ATOM   357 C  "C2'" . DG  C 1 2 ? -3.292  11.117  5.499   1.00 32.61  ? 2   DG  D "C2'" 1 
ATOM   358 C  "C1'" . DG  C 1 2 ? -2.652  11.029  6.887   1.00 28.60  ? 2   DG  D "C1'" 1 
ATOM   359 N  N9    . DG  C 1 2 ? -3.533  10.516  7.922   1.00 25.66  ? 2   DG  D N9    1 
ATOM   360 C  C8    . DG  C 1 2 ? -4.893  10.664  8.009   1.00 27.08  ? 2   DG  D C8    1 
ATOM   361 N  N7    . DG  C 1 2 ? -5.405  10.136  9.087   1.00 28.05  ? 2   DG  D N7    1 
ATOM   362 C  C5    . DG  C 1 2 ? -4.306  9.634   9.772   1.00 21.06  ? 2   DG  D C5    1 
ATOM   363 C  C6    . DG  C 1 2 ? -4.233  8.949   11.007  1.00 23.35  ? 2   DG  D C6    1 
ATOM   364 O  O6    . DG  C 1 2 ? -5.159  8.656   11.776  1.00 26.23  ? 2   DG  D O6    1 
ATOM   365 N  N1    . DG  C 1 2 ? -2.916  8.613   11.333  1.00 17.99  ? 2   DG  D N1    1 
ATOM   366 C  C2    . DG  C 1 2 ? -1.823  8.891   10.559  1.00 18.77  ? 2   DG  D C2    1 
ATOM   367 N  N2    . DG  C 1 2 ? -0.629  8.503   11.040  1.00 17.73  ? 2   DG  D N2    1 
ATOM   368 N  N3    . DG  C 1 2 ? -1.880  9.533   9.398   1.00 21.09  ? 2   DG  D N3    1 
ATOM   369 C  C4    . DG  C 1 2 ? -3.147  9.867   9.070   1.00 19.89  ? 2   DG  D C4    1 
ATOM   370 P  P     . DT  C 1 3 ? -1.171  11.229  3.052   1.00 34.96  ? 3   DT  D P     1 
ATOM   371 O  OP1   . DT  C 1 3 ? -0.006  11.839  2.375   1.00 36.91  ? 3   DT  D OP1   1 
ATOM   372 O  OP2   . DT  C 1 3 ? -2.450  10.996  2.342   1.00 41.05  ? 3   DT  D OP2   1 
ATOM   373 O  "O5'" . DT  C 1 3 ? -0.702  9.840   3.663   1.00 35.51  ? 3   DT  D "O5'" 1 
ATOM   374 C  "C5'" . DT  C 1 3 ? 0.387   9.829   4.533   1.00 28.75  ? 3   DT  D "C5'" 1 
ATOM   375 C  "C4'" . DT  C 1 3 ? 0.507   8.485   5.208   1.00 24.50  ? 3   DT  D "C4'" 1 
ATOM   376 O  "O4'" . DT  C 1 3 ? -0.545  8.321   6.161   1.00 26.15  ? 3   DT  D "O4'" 1 
ATOM   377 C  "C3'" . DT  C 1 3 ? 0.429   7.278   4.282   1.00 36.85  ? 3   DT  D "C3'" 1 
ATOM   378 O  "O3'" . DT  C 1 3 ? 1.664   6.628   4.355   1.00 41.87  ? 3   DT  D "O3'" 1 
ATOM   379 C  "C2'" . DT  C 1 3 ? -0.719  6.422   4.868   1.00 38.44  ? 3   DT  D "C2'" 1 
ATOM   380 C  "C1'" . DT  C 1 3 ? -0.820  6.963   6.285   1.00 26.89  ? 3   DT  D "C1'" 1 
ATOM   381 N  N1    . DT  C 1 3 ? -2.160  6.856   6.930   1.00 30.47  ? 3   DT  D N1    1 
ATOM   382 C  C2    . DT  C 1 3 ? -2.243  6.305   8.187   1.00 25.77  ? 3   DT  D C2    1 
ATOM   383 O  O2    . DT  C 1 3 ? -1.283  5.850   8.775   1.00 26.84  ? 3   DT  D O2    1 
ATOM   384 N  N3    . DT  C 1 3 ? -3.497  6.282   8.722   1.00 21.53  ? 3   DT  D N3    1 
ATOM   385 C  C4    . DT  C 1 3 ? -4.660  6.765   8.152   1.00 25.76  ? 3   DT  D C4    1 
ATOM   386 O  O4    . DT  C 1 3 ? -5.745  6.703   8.721   1.00 29.76  ? 3   DT  D O4    1 
ATOM   387 C  C5    . DT  C 1 3 ? -4.504  7.355   6.840   1.00 33.55  ? 3   DT  D C5    1 
ATOM   388 C  C7    . DT  C 1 3 ? -5.698  7.915   6.119   1.00 39.80  ? 3   DT  D C7    1 
ATOM   389 C  C6    . DT  C 1 3 ? -3.271  7.382   6.302   1.00 30.24  ? 3   DT  D C6    1 
ATOM   390 P  P     . DA  C 1 4 ? 2.052   5.447   3.352   1.00 34.93  ? 4   DA  D P     1 
ATOM   391 O  OP1   . DA  C 1 4 ? 3.275   5.906   2.667   1.00 40.41  ? 4   DA  D OP1   1 
ATOM   392 O  OP2   . DA  C 1 4 ? 0.867   5.018   2.573   1.00 47.09  ? 4   DA  D OP2   1 
ATOM   393 O  "O5'" . DA  C 1 4 ? 2.445   4.268   4.355   1.00 28.10  ? 4   DA  D "O5'" 1 
ATOM   394 C  "C5'" . DA  C 1 4 ? 3.327   4.544   5.432   1.00 24.73  ? 4   DA  D "C5'" 1 
ATOM   395 C  "C4'" . DA  C 1 4 ? 3.321   3.410   6.437   1.00 22.59  ? 4   DA  D "C4'" 1 
ATOM   396 O  "O4'" . DA  C 1 4 ? 2.048   3.380   7.135   1.00 19.76  ? 4   DA  D "O4'" 1 
ATOM   397 C  "C3'" . DA  C 1 4 ? 3.504   2.023   5.841   1.00 22.75  ? 4   DA  D "C3'" 1 
ATOM   398 O  "O3'" . DA  C 1 4 ? 4.252   1.224   6.762   1.00 22.85  ? 4   DA  D "O3'" 1 
ATOM   399 C  "C2'" . DA  C 1 4 ? 2.059   1.528   5.673   1.00 25.54  ? 4   DA  D "C2'" 1 
ATOM   400 C  "C1'" . DA  C 1 4 ? 1.367   2.164   6.878   1.00 21.72  ? 4   DA  D "C1'" 1 
ATOM   401 N  N9    . DA  C 1 4 ? -0.038  2.501   6.679   1.00 21.78  ? 4   DA  D N9    1 
ATOM   402 C  C8    . DA  C 1 4 ? -0.609  3.086   5.578   1.00 22.91  ? 4   DA  D C8    1 
ATOM   403 N  N7    . DA  C 1 4 ? -1.892  3.325   5.711   1.00 21.67  ? 4   DA  D N7    1 
ATOM   404 C  C5    . DA  C 1 4 ? -2.183  2.879   6.992   1.00 19.34  ? 4   DA  D C5    1 
ATOM   405 C  C6    . DA  C 1 4 ? -3.374  2.861   7.744   1.00 20.15  ? 4   DA  D C6    1 
ATOM   406 N  N6    . DA  C 1 4 ? -4.543  3.322   7.290   1.00 24.54  ? 4   DA  D N6    1 
ATOM   407 N  N1    . DA  C 1 4 ? -3.315  2.364   8.991   1.00 18.11  ? 4   DA  D N1    1 
ATOM   408 C  C2    . DA  C 1 4 ? -2.146  1.905   9.449   1.00 18.90  ? 4   DA  D C2    1 
ATOM   409 N  N3    . DA  C 1 4 ? -0.962  1.877   8.846   1.00 23.25  ? 4   DA  D N3    1 
ATOM   410 C  C4    . DA  C 1 4 ? -1.047  2.391   7.608   1.00 20.60  ? 4   DA  D C4    1 
ATOM   411 P  P     . DT  C 1 5 ? 4.890   -0.181  6.329   1.00 27.89  ? 5   DT  D P     1 
ATOM   412 O  OP1   . DT  C 1 5 ? 6.059   -0.405  7.212   1.00 29.54  ? 5   DT  D OP1   1 
ATOM   413 O  OP2   . DT  C 1 5 ? 5.012   -0.196  4.862   1.00 28.90  ? 5   DT  D OP2   1 
ATOM   414 O  "O5'" . DT  C 1 5 ? 3.756   -1.247  6.684   1.00 26.76  ? 5   DT  D "O5'" 1 
ATOM   415 C  "C5'" . DT  C 1 5 ? 3.325   -1.387  8.008   1.00 27.92  ? 5   DT  D "C5'" 1 
ATOM   416 C  "C4'" . DT  C 1 5 ? 2.052   -2.201  8.068   1.00 27.58  ? 5   DT  D "C4'" 1 
ATOM   417 O  "O4'" . DT  C 1 5 ? 0.936   -1.378  7.736   1.00 25.82  ? 5   DT  D "O4'" 1 
ATOM   418 C  "C3'" . DT  C 1 5 ? 1.971   -3.374  7.087   1.00 32.72  ? 5   DT  D "C3'" 1 
ATOM   419 O  "O3'" . DT  C 1 5 ? 2.266   -4.576  7.779   1.00 42.86  ? 5   DT  D "O3'" 1 
ATOM   420 C  "C2'" . DT  C 1 5 ? 0.509   -3.338  6.585   1.00 33.96  ? 5   DT  D "C2'" 1 
ATOM   421 C  "C1'" . DT  C 1 5 ? -0.115  -2.249  7.452   1.00 25.79  ? 5   DT  D "C1'" 1 
ATOM   422 N  N1    . DT  C 1 5 ? -1.191  -1.470  6.794   1.00 23.26  ? 5   DT  D N1    1 
ATOM   423 C  C2    . DT  C 1 5 ? -2.363  -1.257  7.473   1.00 20.20  ? 5   DT  D C2    1 
ATOM   424 O  O2    . DT  C 1 5 ? -2.571  -1.688  8.594   1.00 23.71  ? 5   DT  D O2    1 
ATOM   425 N  N3    . DT  C 1 5 ? -3.286  -0.509  6.798   1.00 20.59  ? 5   DT  D N3    1 
ATOM   426 C  C4    . DT  C 1 5 ? -3.157  0.027   5.534   1.00 17.84  ? 5   DT  D C4    1 
ATOM   427 O  O4    . DT  C 1 5 ? -4.050  0.690   5.009   1.00 21.46  ? 5   DT  D O4    1 
ATOM   428 C  C5    . DT  C 1 5 ? -1.899  -0.238  4.875   1.00 23.96  ? 5   DT  D C5    1 
ATOM   429 C  C7    . DT  C 1 5 ? -1.637  0.289   3.498   1.00 22.30  ? 5   DT  D C7    1 
ATOM   430 C  C6    . DT  C 1 5 ? -0.985  -0.956  5.537   1.00 27.66  ? 5   DT  D C6    1 
ATOM   431 P  P     . DA  C 1 6 ? 2.215   -6.001  7.038   1.00 35.47  ? 6   DA  D P     1 
ATOM   432 O  OP1   . DA  C 1 6 ? 3.301   -6.794  7.639   1.00 44.29  ? 6   DA  D OP1   1 
ATOM   433 O  OP2   . DA  C 1 6 ? 2.094   -5.868  5.567   1.00 35.71  ? 6   DA  D OP2   1 
ATOM   434 O  "O5'" . DA  C 1 6 ? 0.800   -6.590  7.468   1.00 34.63  ? 6   DA  D "O5'" 1 
ATOM   435 C  "C5'" . DA  C 1 6 ? 0.425   -6.666  8.824   1.00 20.97  ? 6   DA  D "C5'" 1 
ATOM   436 C  "C4'" . DA  C 1 6 ? -1.071  -6.887  8.911   1.00 19.50  ? 6   DA  D "C4'" 1 
ATOM   437 O  "O4'" . DA  C 1 6 ? -1.732  -5.686  8.488   1.00 22.48  ? 6   DA  D "O4'" 1 
ATOM   438 C  "C3'" . DA  C 1 6 ? -1.590  -7.967  7.982   1.00 23.94  ? 6   DA  D "C3'" 1 
ATOM   439 O  "O3'" . DA  C 1 6 ? -1.673  -9.184  8.685   1.00 25.72  ? 6   DA  D "O3'" 1 
ATOM   440 C  "C2'" . DA  C 1 6 ? -2.991  -7.490  7.596   1.00 32.18  ? 6   DA  D "C2'" 1 
ATOM   441 C  "C1'" . DA  C 1 6 ? -2.970  -5.995  7.888   1.00 30.06  ? 6   DA  D "C1'" 1 
ATOM   442 N  N9    . DA  C 1 6 ? -3.129  -5.160  6.702   1.00 22.68  ? 6   DA  D N9    1 
ATOM   443 C  C8    . DA  C 1 6 ? -2.242  -4.990  5.678   1.00 23.29  ? 6   DA  D C8    1 
ATOM   444 N  N7    . DA  C 1 6 ? -2.659  -4.155  4.752   1.00 23.54  ? 6   DA  D N7    1 
ATOM   445 C  C5    . DA  C 1 6 ? -3.911  -3.759  5.207   1.00 21.50  ? 6   DA  D C5    1 
ATOM   446 C  C6    . DA  C 1 6 ? -4.889  -2.881  4.686   1.00 17.04  ? 6   DA  D C6    1 
ATOM   447 N  N6    . DA  C 1 6 ? -4.749  -2.208  3.541   1.00 21.56  ? 6   DA  D N6    1 
ATOM   448 N  N1    . DA  C 1 6 ? -6.023  -2.724  5.390   1.00 20.68  ? 6   DA  D N1    1 
ATOM   449 C  C2    . DA  C 1 6 ? -6.168  -3.378  6.541   1.00 19.70  ? 6   DA  D C2    1 
ATOM   450 N  N3    . DA  C 1 6 ? -5.328  -4.227  7.129   1.00 22.26  ? 6   DA  D N3    1 
ATOM   451 C  C4    . DA  C 1 6 ? -4.208  -4.370  6.405   1.00 21.03  ? 6   DA  D C4    1 
ATOM   452 P  P     . DC  C 1 7 ? -1.522  -10.586 7.923   1.00 29.82  ? 7   DC  D P     1 
ATOM   453 O  OP1   . DC  C 1 7 ? -1.279  -11.575 8.993   1.00 28.76  ? 7   DC  D OP1   1 
ATOM   454 O  OP2   . DC  C 1 7 ? -0.554  -10.442 6.809   1.00 37.05  ? 7   DC  D OP2   1 
ATOM   455 O  "O5'" . DC  C 1 7 ? -2.965  -10.843 7.292   1.00 26.67  ? 7   DC  D "O5'" 1 
ATOM   456 C  "C5'" . DC  C 1 7 ? -4.089  -10.884 8.134   1.00 24.82  ? 7   DC  D "C5'" 1 
ATOM   457 C  "C4'" . DC  C 1 7 ? -5.342  -10.720 7.319   1.00 23.92  ? 7   DC  D "C4'" 1 
ATOM   458 O  "O4'" . DC  C 1 7 ? -5.335  -9.415  6.730   1.00 22.39  ? 7   DC  D "O4'" 1 
ATOM   459 C  "C3'" . DC  C 1 7 ? -5.468  -11.700 6.162   1.00 22.26  ? 7   DC  D "C3'" 1 
ATOM   460 O  "O3'" . DC  C 1 7 ? -6.452  -12.643 6.475   1.00 23.64  ? 7   DC  D "O3'" 1 
ATOM   461 C  "C2'" . DC  C 1 7 ? -5.887  -10.832 4.968   1.00 25.91  ? 7   DC  D "C2'" 1 
ATOM   462 C  "C1'" . DC  C 1 7 ? -6.101  -9.453  5.577   1.00 23.20  ? 7   DC  D "C1'" 1 
ATOM   463 N  N1    . DC  C 1 7 ? -5.669  -8.360  4.680   1.00 26.17  ? 7   DC  D N1    1 
ATOM   464 C  C2    . DC  C 1 7 ? -6.547  -7.307  4.419   1.00 23.47  ? 7   DC  D C2    1 
ATOM   465 O  O2    . DC  C 1 7 ? -7.656  -7.298  4.971   1.00 21.43  ? 7   DC  D O2    1 
ATOM   466 N  N3    . DC  C 1 7 ? -6.162  -6.326  3.579   1.00 19.00  ? 7   DC  D N3    1 
ATOM   467 C  C4    . DC  C 1 7 ? -4.960  -6.373  3.001   1.00 19.58  ? 7   DC  D C4    1 
ATOM   468 N  N4    . DC  C 1 7 ? -4.639  -5.398  2.159   1.00 19.08  ? 7   DC  D N4    1 
ATOM   469 C  C5    . DC  C 1 7 ? -4.043  -7.438  3.254   1.00 20.15  ? 7   DC  D C5    1 
ATOM   470 C  C6    . DC  C 1 7 ? -4.440  -8.407  4.088   1.00 18.14  ? 7   DC  D C6    1 
ATOM   471 P  P     . DG  C 1 8 ? -6.626  -13.979 5.602   1.00 30.30  ? 8   DG  D P     1 
ATOM   472 O  OP1   . DG  C 1 8 ? -7.122  -15.027 6.518   1.00 33.78  ? 8   DG  D OP1   1 
ATOM   473 O  OP2   . DG  C 1 8 ? -5.443  -14.202 4.732   1.00 34.20  ? 8   DG  D OP2   1 
ATOM   474 O  "O5'" . DG  C 1 8 ? -7.818  -13.615 4.653   1.00 39.59  ? 8   DG  D "O5'" 1 
ATOM   475 C  "C5'" . DG  C 1 8 ? -7.676  -13.821 3.331   1.00 36.08  ? 8   DG  D "C5'" 1 
ATOM   476 C  "C4'" . DG  C 1 8 ? -9.020  -14.071 2.732   1.00 29.19  ? 8   DG  D "C4'" 1 
ATOM   477 O  "O4'" . DG  C 1 8 ? -9.339  -12.959 1.881   1.00 26.63  ? 8   DG  D "O4'" 1 
ATOM   478 C  "C3'" . DG  C 1 8 ? -9.082  -15.334 1.901   1.00 28.45  ? 8   DG  D "C3'" 1 
ATOM   479 O  "O3'" . DG  C 1 8 ? -9.877  -16.321 2.587   1.00 27.36  ? 8   DG  D "O3'" 1 
ATOM   480 C  "C2'" . DG  C 1 8 ? -9.720  -14.912 0.588   1.00 24.09  ? 8   DG  D "C2'" 1 
ATOM   481 C  "C1'" . DG  C 1 8 ? -9.583  -13.390 0.574   1.00 22.55  ? 8   DG  D "C1'" 1 
ATOM   482 N  N9    . DG  C 1 8 ? -8.521  -12.865 -0.277  1.00 23.08  ? 8   DG  D N9    1 
ATOM   483 C  C8    . DG  C 1 8 ? -7.316  -13.447 -0.597  1.00 25.37  ? 8   DG  D C8    1 
ATOM   484 N  N7    . DG  C 1 8 ? -6.587  -12.711 -1.392  1.00 26.24  ? 8   DG  D N7    1 
ATOM   485 C  C5    . DG  C 1 8 ? -7.356  -11.573 -1.592  1.00 25.86  ? 8   DG  D C5    1 
ATOM   486 C  C6    . DG  C 1 8 ? -7.096  -10.398 -2.346  1.00 31.09  ? 8   DG  D C6    1 
ATOM   487 O  O6    . DG  C 1 8 ? -6.100  -10.124 -3.027  1.00 35.62  ? 8   DG  D O6    1 
ATOM   488 N  N1    . DG  C 1 8 ? -8.152  -9.491  -2.264  1.00 26.79  ? 8   DG  D N1    1 
ATOM   489 C  C2    . DG  C 1 8 ? -9.306  -9.693  -1.546  1.00 26.83  ? 8   DG  D C2    1 
ATOM   490 N  N2    . DG  C 1 8 ? -10.223 -8.720  -1.585  1.00 24.96  ? 8   DG  D N2    1 
ATOM   491 N  N3    . DG  C 1 8 ? -9.552  -10.777 -0.839  1.00 22.99  ? 8   DG  D N3    1 
ATOM   492 C  C4    . DG  C 1 8 ? -8.543  -11.668 -0.910  1.00 24.37  ? 8   DG  D C4    1 
ATOM   493 P  P     . DC  D 1 1 ? -6.720  -0.231  -2.370  1.00 84.13  ? 1   DC  E P     1 
ATOM   494 O  OP1   . DC  D 1 1 ? -7.136  -0.410  -0.963  1.00 40.45  ? 1   DC  E OP1   1 
ATOM   495 O  OP2   . DC  D 1 1 ? -5.882  0.931   -2.752  1.00 88.38  ? 1   DC  E OP2   1 
ATOM   496 O  "O5'" . DC  D 1 1 ? -8.018  -0.271  -3.313  1.00 88.72  ? 1   DC  E "O5'" 1 
ATOM   497 C  "C5'" . DC  D 1 1 ? -8.153  -1.288  -4.317  1.00 64.67  ? 1   DC  E "C5'" 1 
ATOM   498 C  "C4'" . DC  D 1 1 ? -9.609  -1.682  -4.491  1.00 38.63  ? 1   DC  E "C4'" 1 
ATOM   499 O  "O4'" . DC  D 1 1 ? -9.680  -2.941  -5.204  1.00 38.35  ? 1   DC  E "O4'" 1 
ATOM   500 C  "C3'" . DC  D 1 1 ? -10.338 -1.946  -3.190  1.00 36.77  ? 1   DC  E "C3'" 1 
ATOM   501 O  "O3'" . DC  D 1 1 ? -11.737 -1.869  -3.389  1.00 36.76  ? 1   DC  E "O3'" 1 
ATOM   502 C  "C2'" . DC  D 1 1 ? -9.898  -3.367  -2.889  1.00 31.03  ? 1   DC  E "C2'" 1 
ATOM   503 C  "C1'" . DC  D 1 1 ? -9.885  -3.996  -4.280  1.00 28.82  ? 1   DC  E "C1'" 1 
ATOM   504 N  N1    . DC  D 1 1 ? -8.812  -4.998  -4.463  1.00 31.60  ? 1   DC  E N1    1 
ATOM   505 C  C2    . DC  D 1 1 ? -8.871  -6.195  -3.748  1.00 29.52  ? 1   DC  E C2    1 
ATOM   506 O  O2    . DC  D 1 1 ? -9.808  -6.373  -2.960  1.00 21.79  ? 1   DC  E O2    1 
ATOM   507 N  N3    . DC  D 1 1 ? -7.889  -7.116  -3.917  1.00 28.73  ? 1   DC  E N3    1 
ATOM   508 C  C4    . DC  D 1 1 ? -6.889  -6.875  -4.763  1.00 30.15  ? 1   DC  E C4    1 
ATOM   509 N  N4    . DC  D 1 1 ? -5.943  -7.816  -4.895  1.00 31.84  ? 1   DC  E N4    1 
ATOM   510 C  C5    . DC  D 1 1 ? -6.814  -5.657  -5.515  1.00 29.35  ? 1   DC  E C5    1 
ATOM   511 C  C6    . DC  D 1 1 ? -7.790  -4.758  -5.338  1.00 29.03  ? 1   DC  E C6    1 
ATOM   512 P  P     . DG  D 1 2 ? -12.560 -0.594  -2.860  1.00 39.01  ? 2   DG  E P     1 
ATOM   513 O  OP1   . DG  D 1 2 ? -13.826 -0.563  -3.628  1.00 40.75  ? 2   DG  E OP1   1 
ATOM   514 O  OP2   . DG  D 1 2 ? -11.667 0.586   -2.802  1.00 36.98  ? 2   DG  E OP2   1 
ATOM   515 O  "O5'" . DG  D 1 2 ? -12.913 -0.957  -1.356  1.00 32.71  ? 2   DG  E "O5'" 1 
ATOM   516 C  "C5'" . DG  D 1 2 ? -13.942 -1.865  -1.075  1.00 27.51  ? 2   DG  E "C5'" 1 
ATOM   517 C  "C4'" . DG  D 1 2 ? -14.175 -1.937  0.419   1.00 21.22  ? 2   DG  E "C4'" 1 
ATOM   518 O  "O4'" . DG  D 1 2 ? -13.056 -2.590  1.057   1.00 23.05  ? 2   DG  E "O4'" 1 
ATOM   519 C  "C3'" . DG  D 1 2 ? -14.320 -0.603  1.127   1.00 21.64  ? 2   DG  E "C3'" 1 
ATOM   520 O  "O3'" . DG  D 1 2 ? -15.227 -0.775  2.203   1.00 25.52  ? 2   DG  E "O3'" 1 
ATOM   521 C  "C2'" . DG  D 1 2 ? -12.887 -0.293  1.605   1.00 23.00  ? 2   DG  E "C2'" 1 
ATOM   522 C  "C1'" . DG  D 1 2 ? -12.339 -1.694  1.887   1.00 24.84  ? 2   DG  E "C1'" 1 
ATOM   523 N  N9    . DG  D 1 2 ? -10.924 -1.904  1.558   1.00 19.89  ? 2   DG  E N9    1 
ATOM   524 C  C8    . DG  D 1 2 ? -10.227 -1.384  0.500   1.00 21.94  ? 2   DG  E C8    1 
ATOM   525 N  N7    . DG  D 1 2 ? -8.999  -1.810  0.427   1.00 24.08  ? 2   DG  E N7    1 
ATOM   526 C  C5    . DG  D 1 2 ? -8.886  -2.707  1.488   1.00 20.31  ? 2   DG  E C5    1 
ATOM   527 C  C6    . DG  D 1 2 ? -7.775  -3.486  1.916   1.00 20.07  ? 2   DG  E C6    1 
ATOM   528 O  O6    . DG  D 1 2 ? -6.646  -3.550  1.406   1.00 23.26  ? 2   DG  E O6    1 
ATOM   529 N  N1    . DG  D 1 2 ? -8.082  -4.253  3.043   1.00 17.23  ? 2   DG  E N1    1 
ATOM   530 C  C2    . DG  D 1 2 ? -9.318  -4.257  3.668   1.00 18.98  ? 2   DG  E C2    1 
ATOM   531 N  N2    . DG  D 1 2 ? -9.441  -5.045  4.736   1.00 16.74  ? 2   DG  E N2    1 
ATOM   532 N  N3    . DG  D 1 2 ? -10.355 -3.525  3.274   1.00 18.11  ? 2   DG  E N3    1 
ATOM   533 C  C4    . DG  D 1 2 ? -10.067 -2.779  2.185   1.00 17.87  ? 2   DG  E C4    1 
ATOM   534 P  P     . DT  D 1 3 ? -15.662 0.464   3.126   1.00 31.46  ? 3   DT  E P     1 
ATOM   535 O  OP1   . DT  D 1 3 ? -17.047 0.163   3.542   1.00 36.08  ? 3   DT  E OP1   1 
ATOM   536 O  OP2   . DT  D 1 3 ? -15.308 1.728   2.428   1.00 35.17  ? 3   DT  E OP2   1 
ATOM   537 O  "O5'" . DT  D 1 3 ? -14.747 0.329   4.419   1.00 23.52  ? 3   DT  E "O5'" 1 
ATOM   538 C  "C5'" . DT  D 1 3 ? -14.821 -0.860  5.165   1.00 28.04  ? 3   DT  E "C5'" 1 
ATOM   539 C  "C4'" . DT  D 1 3 ? -13.666 -0.972  6.123   1.00 25.15  ? 3   DT  E "C4'" 1 
ATOM   540 O  "O4'" . DT  D 1 3 ? -12.437 -1.264  5.408   1.00 21.50  ? 3   DT  E "O4'" 1 
ATOM   541 C  "C3'" . DT  D 1 3 ? -13.373 0.291   6.950   1.00 23.20  ? 3   DT  E "C3'" 1 
ATOM   542 O  "O3'" . DT  D 1 3 ? -13.125 -0.097  8.261   1.00 35.47  ? 3   DT  E "O3'" 1 
ATOM   543 C  "C2'" . DT  D 1 3 ? -12.085 0.795   6.326   1.00 22.59  ? 3   DT  E "C2'" 1 
ATOM   544 C  "C1'" . DT  D 1 3 ? -11.422 -0.531  6.050   1.00 21.53  ? 3   DT  E "C1'" 1 
ATOM   545 N  N1    . DT  D 1 3 ? -10.231 -0.469  5.196   1.00 22.34  ? 3   DT  E N1    1 
ATOM   546 C  C2    . DT  D 1 3 ? -9.176  -1.298  5.494   1.00 21.99  ? 3   DT  E C2    1 
ATOM   547 O  O2    . DT  D 1 3 ? -9.187  -2.067  6.436   1.00 22.20  ? 3   DT  E O2    1 
ATOM   548 N  N3    . DT  D 1 3 ? -8.106  -1.189  4.659   1.00 24.30  ? 3   DT  E N3    1 
ATOM   549 C  C4    . DT  D 1 3 ? -7.979  -0.340  3.574   1.00 20.92  ? 3   DT  E C4    1 
ATOM   550 O  O4    . DT  D 1 3 ? -6.973  -0.325  2.875   1.00 24.11  ? 3   DT  E O4    1 
ATOM   551 C  C5    . DT  D 1 3 ? -9.125  0.501   3.301   1.00 27.85  ? 3   DT  E C5    1 
ATOM   552 C  C7    . DT  D 1 3 ? -9.098  1.455   2.141   1.00 32.59  ? 3   DT  E C7    1 
ATOM   553 C  C6    . DT  D 1 3 ? -10.186 0.405   4.124   1.00 23.91  ? 3   DT  E C6    1 
ATOM   554 P  P     . DA  D 1 4 ? -13.968 0.486   9.490   1.00 29.93  ? 4   DA  E P     1 
ATOM   555 O  OP1   . DA  D 1 4 ? -15.342 -0.027  9.408   1.00 34.45  ? 4   DA  E OP1   1 
ATOM   556 O  OP2   . DA  D 1 4 ? -13.694 1.940   9.586   1.00 37.52  ? 4   DA  E OP2   1 
ATOM   557 O  "O5'" . DA  D 1 4 ? -13.250 -0.223  10.722  1.00 27.34  ? 4   DA  E "O5'" 1 
ATOM   558 C  "C5'" . DA  D 1 4 ? -13.187 -1.636  10.755  1.00 25.46  ? 4   DA  E "C5'" 1 
ATOM   559 C  "C4'" . DA  D 1 4 ? -11.965 -2.093  11.512  1.00 20.45  ? 4   DA  E "C4'" 1 
ATOM   560 O  "O4'" . DA  D 1 4 ? -10.803 -1.997  10.665  1.00 22.60  ? 4   DA  E "O4'" 1 
ATOM   561 C  "C3'" . DA  D 1 4 ? -11.643 -1.301  12.767  1.00 22.33  ? 4   DA  E "C3'" 1 
ATOM   562 O  "O3'" . DA  D 1 4 ? -11.138 -2.200  13.735  1.00 29.22  ? 4   DA  E "O3'" 1 
ATOM   563 C  "C2'" . DA  D 1 4 ? -10.580 -0.303  12.286  1.00 22.31  ? 4   DA  E "C2'" 1 
ATOM   564 C  "C1'" . DA  D 1 4 ? -9.843  -1.118  11.231  1.00 22.83  ? 4   DA  E "C1'" 1 
ATOM   565 N  N9    . DA  D 1 4 ? -9.292  -0.356  10.124  1.00 23.37  ? 4   DA  E N9    1 
ATOM   566 C  C8    . DA  D 1 4 ? -9.955  0.538   9.330   1.00 24.83  ? 4   DA  E C8    1 
ATOM   567 N  N7    . DA  D 1 4 ? -9.223  1.023   8.353   1.00 25.79  ? 4   DA  E N7    1 
ATOM   568 C  C5    . DA  D 1 4 ? -8.008  0.371   8.491   1.00 18.94  ? 4   DA  E C5    1 
ATOM   569 C  C6    . DA  D 1 4 ? -6.798  0.444   7.766   1.00 21.49  ? 4   DA  E C6    1 
ATOM   570 N  N6    . DA  D 1 4 ? -6.625  1.236   6.699   1.00 25.20  ? 4   DA  E N6    1 
ATOM   571 N  N1    . DA  D 1 4 ? -5.779  -0.337  8.169   1.00 21.63  ? 4   DA  E N1    1 
ATOM   572 C  C2    . DA  D 1 4 ? -5.950  -1.129  9.236   1.00 18.41  ? 4   DA  E C2    1 
ATOM   573 N  N3    . DA  D 1 4 ? -7.033  -1.282  9.997   1.00 22.21  ? 4   DA  E N3    1 
ATOM   574 C  C4    . DA  D 1 4 ? -8.034  -0.486  9.573   1.00 20.18  ? 4   DA  E C4    1 
ATOM   575 P  P     . DT  D 1 5 ? -11.026 -1.780  15.272  1.00 28.66  ? 5   DT  E P     1 
ATOM   576 O  OP1   . DT  D 1 5 ? -11.103 -3.038  16.047  1.00 34.45  ? 5   DT  E OP1   1 
ATOM   577 O  OP2   . DT  D 1 5 ? -11.978 -0.688  15.558  1.00 34.48  ? 5   DT  E OP2   1 
ATOM   578 O  "O5'" . DT  D 1 5 ? -9.554  -1.178  15.360  1.00 25.74  ? 5   DT  E "O5'" 1 
ATOM   579 C  "C5'" . DT  D 1 5 ? -8.466  -2.017  15.094  1.00 25.73  ? 5   DT  E "C5'" 1 
ATOM   580 C  "C4'" . DT  D 1 5 ? -7.184  -1.233  14.997  1.00 25.44  ? 5   DT  E "C4'" 1 
ATOM   581 O  "O4'" . DT  D 1 5 ? -7.097  -0.577  13.729  1.00 25.60  ? 5   DT  E "O4'" 1 
ATOM   582 C  "C3'" . DT  D 1 5 ? -6.991  -0.134  16.047  1.00 26.66  ? 5   DT  E "C3'" 1 
ATOM   583 O  "O3'" . DT  D 1 5 ? -5.960  -0.550  16.924  1.00 28.62  ? 5   DT  E "O3'" 1 
ATOM   584 C  "C2'" . DT  D 1 5 ? -6.606  1.116   15.215  1.00 24.00  ? 5   DT  E "C2'" 1 
ATOM   585 C  "C1'" . DT  D 1 5 ? -6.219  0.495   13.877  1.00 20.66  ? 5   DT  E "C1'" 1 
ATOM   586 N  N1    . DT  D 1 5 ? -6.366  1.366   12.663  1.00 19.19  ? 5   DT  E N1    1 
ATOM   587 C  C2    . DT  D 1 5 ? -5.311  1.439   11.782  1.00 19.61  ? 5   DT  E C2    1 
ATOM   588 O  O2    . DT  D 1 5 ? -4.253  0.858   11.963  1.00 23.14  ? 5   DT  E O2    1 
ATOM   589 N  N3    . DT  D 1 5 ? -5.542  2.211   10.677  1.00 18.85  ? 5   DT  E N3    1 
ATOM   590 C  C4    . DT  D 1 5 ? -6.698  2.906   10.359  1.00 20.27  ? 5   DT  E C4    1 
ATOM   591 O  O4    . DT  D 1 5 ? -6.797  3.583   9.334   1.00 24.67  ? 5   DT  E O4    1 
ATOM   592 C  C5    . DT  D 1 5 ? -7.773  2.792   11.323  1.00 22.38  ? 5   DT  E C5    1 
ATOM   593 C  C7    . DT  D 1 5 ? -9.075  3.503   11.089  1.00 26.51  ? 5   DT  E C7    1 
ATOM   594 C  C6    . DT  D 1 5 ? -7.564  2.030   12.413  1.00 19.04  ? 5   DT  E C6    1 
ATOM   595 P  P     . DA  D 1 6 ? -5.598  0.263   18.262  1.00 32.43  ? 6   DA  E P     1 
ATOM   596 O  OP1   . DA  D 1 6 ? -5.178  -0.736  19.255  1.00 36.55  ? 6   DA  E OP1   1 
ATOM   597 O  OP2   . DA  D 1 6 ? -6.661  1.246   18.574  1.00 37.13  ? 6   DA  E OP2   1 
ATOM   598 O  "O5'" . DA  D 1 6 ? -4.307  1.081   17.841  1.00 30.90  ? 6   DA  E "O5'" 1 
ATOM   599 C  "C5'" . DA  D 1 6 ? -3.159  0.383   17.403  1.00 30.27  ? 6   DA  E "C5'" 1 
ATOM   600 C  "C4'" . DA  D 1 6 ? -2.067  1.361   17.051  1.00 30.51  ? 6   DA  E "C4'" 1 
ATOM   601 O  "O4'" . DA  D 1 6 ? -2.405  2.012   15.795  1.00 33.98  ? 6   DA  E "O4'" 1 
ATOM   602 C  "C3'" . DA  D 1 6 ? -1.881  2.478   18.073  1.00 37.31  ? 6   DA  E "C3'" 1 
ATOM   603 O  "O3'" . DA  D 1 6 ? -0.510  2.786   18.202  1.00 42.48  ? 6   DA  E "O3'" 1 
ATOM   604 C  "C2'" . DA  D 1 6 ? -2.658  3.638   17.461  1.00 35.95  ? 6   DA  E "C2'" 1 
ATOM   605 C  "C1'" . DA  D 1 6 ? -2.418  3.409   15.976  1.00 29.83  ? 6   DA  E "C1'" 1 
ATOM   606 N  N9    . DA  D 1 6 ? -3.473  3.961   15.130  1.00 28.62  ? 6   DA  E N9    1 
ATOM   607 C  C8    . DA  D 1 6 ? -4.768  4.200   15.484  1.00 28.91  ? 6   DA  E C8    1 
ATOM   608 N  N7    . DA  D 1 6 ? -5.501  4.690   14.517  1.00 27.37  ? 6   DA  E N7    1 
ATOM   609 C  C5    . DA  D 1 6 ? -4.628  4.774   13.446  1.00 21.97  ? 6   DA  E C5    1 
ATOM   610 C  C6    . DA  D 1 6 ? -4.790  5.231   12.119  1.00 22.87  ? 6   DA  E C6    1 
ATOM   611 N  N6    . DA  D 1 6 ? -5.951  5.695   11.636  1.00 26.08  ? 6   DA  E N6    1 
ATOM   612 N  N1    . DA  D 1 6 ? -3.715  5.189   11.308  1.00 20.93  ? 6   DA  E N1    1 
ATOM   613 C  C2    . DA  D 1 6 ? -2.556  4.732   11.796  1.00 21.79  ? 6   DA  E C2    1 
ATOM   614 N  N3    . DA  D 1 6 ? -2.284  4.284   13.022  1.00 28.79  ? 6   DA  E N3    1 
ATOM   615 C  C4    . DA  D 1 6 ? -3.369  4.340   13.807  1.00 28.73  ? 6   DA  E C4    1 
ATOM   616 P  P     . DC  D 1 7 ? 0.034   3.125   19.695  1.00 42.30  ? 7   DC  E P     1 
ATOM   617 O  OP1   . DC  D 1 7 ? 0.654   1.924   20.206  1.00 50.58  ? 7   DC  E OP1   1 
ATOM   618 O  OP2   . DC  D 1 7 ? -0.972  3.796   20.455  1.00 33.46  ? 7   DC  E OP2   1 
ATOM   619 O  "O5'" . DC  D 1 7 ? 1.117   4.249   19.400  1.00 41.79  ? 7   DC  E "O5'" 1 
ATOM   620 C  "C5'" . DC  D 1 7 ? 0.699   5.593   19.383  1.00 33.57  ? 7   DC  E "C5'" 1 
ATOM   621 C  "C4'" . DC  D 1 7 ? 1.252   6.278   18.160  1.00 24.72  ? 7   DC  E "C4'" 1 
ATOM   622 O  "O4'" . DC  D 1 7 ? 0.389   6.028   17.045  1.00 22.78  ? 7   DC  E "O4'" 1 
ATOM   623 C  "C3'" . DC  D 1 7 ? 1.332   7.793   18.288  1.00 24.63  ? 7   DC  E "C3'" 1 
ATOM   624 O  "O3'" . DC  D 1 7 ? 2.628   8.208   18.681  1.00 24.16  ? 7   DC  E "O3'" 1 
ATOM   625 C  "C2'" . DC  D 1 7 ? 1.099   8.273   16.876  1.00 32.54  ? 7   DC  E "C2'" 1 
ATOM   626 C  "C1'" . DC  D 1 7 ? 0.385   7.145   16.186  1.00 22.12  ? 7   DC  E "C1'" 1 
ATOM   627 N  N1    . DC  D 1 7 ? -0.994  7.427   15.823  1.00 20.35  ? 7   DC  E N1    1 
ATOM   628 C  C2    . DC  D 1 7 ? -1.268  7.727   14.495  1.00 19.69  ? 7   DC  E C2    1 
ATOM   629 O  O2    . DC  D 1 7 ? -0.335  7.807   13.704  1.00 21.69  ? 7   DC  E O2    1 
ATOM   630 N  N3    . DC  D 1 7 ? -2.546  7.911   14.108  1.00 19.67  ? 7   DC  E N3    1 
ATOM   631 C  C4    . DC  D 1 7 ? -3.529  7.802   14.993  1.00 22.33  ? 7   DC  E C4    1 
ATOM   632 N  N4    . DC  D 1 7 ? -4.775  7.988   14.566  1.00 23.98  ? 7   DC  E N4    1 
ATOM   633 C  C5    . DC  D 1 7 ? -3.278  7.491   16.360  1.00 28.56  ? 7   DC  E C5    1 
ATOM   634 C  C6    . DC  D 1 7 ? -2.006  7.317   16.728  1.00 22.79  ? 7   DC  E C6    1 
ATOM   635 P  P     . DG  D 1 8 ? 2.759   9.273   19.781  1.00 26.04  ? 8   DG  E P     1 
ATOM   636 O  OP1   . DG  D 1 8 ? 4.199   9.387   20.132  1.00 28.33  ? 8   DG  E OP1   1 
ATOM   637 O  OP2   . DG  D 1 8 ? 1.727   9.010   20.809  1.00 30.34  ? 8   DG  E OP2   1 
ATOM   638 O  "O5'" . DG  D 1 8 ? 2.364   10.634  19.045  1.00 26.14  ? 8   DG  E "O5'" 1 
ATOM   639 C  "C5'" . DG  D 1 8 ? 3.230   11.176  18.058  1.00 25.32  ? 8   DG  E "C5'" 1 
ATOM   640 C  "C4'" . DG  D 1 8 ? 3.065   12.688  17.964  1.00 27.35  ? 8   DG  E "C4'" 1 
ATOM   641 O  "O4'" . DG  D 1 8 ? 1.739   12.991  17.498  1.00 22.76  ? 8   DG  E "O4'" 1 
ATOM   642 C  "C3'" . DG  D 1 8 ? 3.192   13.432  19.281  1.00 25.46  ? 8   DG  E "C3'" 1 
ATOM   643 O  "O3'" . DG  D 1 8 ? 4.557   13.786  19.500  1.00 28.89  ? 8   DG  E "O3'" 1 
ATOM   644 C  "C2'" . DG  D 1 8 ? 2.306   14.681  19.081  1.00 23.37  ? 8   DG  E "C2'" 1 
ATOM   645 C  "C1'" . DG  D 1 8 ? 1.386   14.296  17.906  1.00 22.60  ? 8   DG  E "C1'" 1 
ATOM   646 N  N9    . DG  D 1 8 ? -0.048  14.296  18.206  1.00 24.29  ? 8   DG  E N9    1 
ATOM   647 C  C8    . DG  D 1 8 ? -0.664  14.106  19.423  1.00 23.93  ? 8   DG  E C8    1 
ATOM   648 N  N7    . DG  D 1 8 ? -1.970  14.126  19.349  1.00 24.29  ? 8   DG  E N7    1 
ATOM   649 C  C5    . DG  D 1 8 ? -2.229  14.340  18.003  1.00 26.25  ? 8   DG  E C5    1 
ATOM   650 C  C6    . DG  D 1 8 ? -3.456  14.463  17.322  1.00 23.67  ? 8   DG  E C6    1 
ATOM   651 O  O6    . DG  D 1 8 ? -4.602  14.407  17.797  1.00 28.02  ? 8   DG  E O6    1 
ATOM   652 N  N1    . DG  D 1 8 ? -3.270  14.664  15.959  1.00 22.98  ? 8   DG  E N1    1 
ATOM   653 C  C2    . DG  D 1 8 ? -2.052  14.755  15.337  1.00 22.28  ? 8   DG  E C2    1 
ATOM   654 N  N2    . DG  D 1 8 ? -2.066  14.956  14.014  1.00 23.85  ? 8   DG  E N2    1 
ATOM   655 N  N3    . DG  D 1 8 ? -0.892  14.636  15.966  1.00 22.13  ? 8   DG  E N3    1 
ATOM   656 C  C4    . DG  D 1 8 ? -1.060  14.431  17.289  1.00 22.75  ? 8   DG  E C4    1 
HETATM 657 C  CAI   . VZX E 2 . ? 6.823   -10.242 1.133   1.00 26.29  ? 101 VZX A CAI   1 
HETATM 658 C  CAJ   . VZX E 2 . ? 8.028   -9.751  0.629   1.00 27.65  ? 101 VZX A CAJ   1 
HETATM 659 C  CAK   . VZX E 2 . ? 8.352   -8.404  0.808   1.00 25.69  ? 101 VZX A CAK   1 
HETATM 660 C  CAL   . VZX E 2 . ? 7.487   -7.507  1.513   1.00 22.52  ? 101 VZX A CAL   1 
HETATM 661 C  CAM   . VZX E 2 . ? 6.308   -8.005  2.005   1.00 24.88  ? 101 VZX A CAM   1 
HETATM 662 C  CAN   . VZX E 2 . ? 5.970   -9.383  1.814   1.00 32.47  ? 101 VZX A CAN   1 
HETATM 663 C  CAO   . VZX E 2 . ? 5.663   -5.911  2.918   1.00 29.31  ? 101 VZX A CAO   1 
HETATM 664 C  CAP   . VZX E 2 . ? 6.821   -5.338  2.459   1.00 25.31  ? 101 VZX A CAP   1 
HETATM 665 C  CAQ   . VZX E 2 . ? 7.800   -6.113  1.741   1.00 21.67  ? 101 VZX A CAQ   1 
HETATM 666 C  CAR   . VZX E 2 . ? 7.063   -3.949  2.692   1.00 27.33  ? 101 VZX A CAR   1 
HETATM 667 C  CAS   . VZX E 2 . ? 6.133   -3.186  3.398   1.00 29.07  ? 101 VZX A CAS   1 
HETATM 668 C  CAU   . VZX E 2 . ? 4.952   -3.778  3.861   1.00 33.55  ? 101 VZX A CAU   1 
HETATM 669 C  CAV   . VZX E 2 . ? 4.702   -5.129  3.631   1.00 27.39  ? 101 VZX A CAV   1 
HETATM 670 C  CBB   . VZX E 2 . ? 10.285  -5.948  0.972   1.00 20.33  ? 101 VZX A CBB   1 
HETATM 671 C  CBC   . VZX E 2 . ? 11.383  -4.884  1.081   1.00 17.38  ? 101 VZX A CBC   1 
HETATM 672 N  NAA   . VZX E 2 . ? 5.410   -7.226  2.687   1.00 24.45  ? 101 VZX A NAA   1 
HETATM 673 N  NAB   . VZX E 2 . ? 8.993   -5.397  1.305   1.00 23.05  ? 101 VZX A NAB   1 
HETATM 674 C  CAI   . VZX F 2 . ? 18.816  -7.374  -2.586  1.00 29.12  ? 101 VZX B CAI   1 
HETATM 675 C  CAJ   . VZX F 2 . ? 17.964  -7.045  -1.527  1.00 28.60  ? 101 VZX B CAJ   1 
HETATM 676 C  CAK   . VZX F 2 . ? 16.589  -7.215  -1.684  1.00 25.08  ? 101 VZX B CAK   1 
HETATM 677 C  CAL   . VZX F 2 . ? 16.008  -7.718  -2.894  1.00 25.33  ? 101 VZX B CAL   1 
HETATM 678 C  CAM   . VZX F 2 . ? 16.868  -8.030  -3.917  1.00 23.84  ? 101 VZX B CAM   1 
HETATM 679 C  CAN   . VZX F 2 . ? 18.281  -7.861  -3.769  1.00 27.39  ? 101 VZX B CAN   1 
HETATM 680 C  CAO   . VZX F 2 . ? 15.108  -8.724  -5.367  1.00 24.29  ? 101 VZX B CAO   1 
HETATM 681 C  CAP   . VZX F 2 . ? 14.177  -8.444  -4.405  1.00 23.24  ? 101 VZX B CAP   1 
HETATM 682 C  CAQ   . VZX F 2 . ? 14.583  -7.915  -3.122  1.00 19.68  ? 101 VZX B CAQ   1 
HETATM 683 C  CAR   . VZX F 2 . ? 12.802  -8.667  -4.713  1.00 20.84  ? 101 VZX B CAR   1 
HETATM 684 C  CAS   . VZX F 2 . ? 12.417  -9.167  -5.957  1.00 25.26  ? 101 VZX B CAS   1 
HETATM 685 C  CAU   . VZX F 2 . ? 13.381  -9.467  -6.934  1.00 26.96  ? 101 VZX B CAU   1 
HETATM 686 C  CAV   . VZX F 2 . ? 14.725  -9.245  -6.648  1.00 28.51  ? 101 VZX B CAV   1 
HETATM 687 C  CBB   . VZX F 2 . ? 13.663  -7.025  -0.859  1.00 23.56  ? 101 VZX B CBB   1 
HETATM 688 C  CBC   . VZX F 2 . ? 12.497  -6.115  -0.527  1.00 28.77  ? 101 VZX B CBC   1 
HETATM 689 N  NAA   . VZX F 2 . ? 16.421  -8.517  -5.104  1.00 24.26  ? 101 VZX B NAA   1 
HETATM 690 N  NAB   . VZX F 2 . ? 13.522  -7.649  -2.165  1.00 22.34  ? 101 VZX B NAB   1 
HETATM 691 C  C1    . VZX F 2 . ? 12.771  -5.298  0.736   1.00 24.58  ? 101 VZX B C1    1 
HETATM 692 MG MG    . MG  G 3 . ? 13.745  -3.035  -15.922 1.00 31.83  ? 102 MG  B MG    1 
HETATM 693 C  CAI   . VZX H 2 . ? -6.266  -10.528 1.537   1.00 27.27  ? 101 VZX D CAI   1 
HETATM 694 C  CAJ   . VZX H 2 . ? -7.502  -9.997  1.921   1.00 28.69  ? 101 VZX D CAJ   1 
HETATM 695 C  CAK   . VZX H 2 . ? -7.909  -8.760  1.412   1.00 25.57  ? 101 VZX D CAK   1 
HETATM 696 C  CAL   . VZX H 2 . ? -7.095  -8.020  0.494   1.00 23.71  ? 101 VZX D CAL   1 
HETATM 697 C  CAM   . VZX H 2 . ? -5.882  -8.554  0.124   1.00 25.13  ? 101 VZX D CAM   1 
HETATM 698 C  CAN   . VZX H 2 . ? -5.463  -9.820  0.649   1.00 33.01  ? 101 VZX D CAN   1 
HETATM 699 C  CAO   . VZX H 2 . ? -5.372  -6.712  -1.293  1.00 31.31  ? 101 VZX D CAO   1 
HETATM 700 C  CAP   . VZX H 2 . ? -6.563  -6.117  -0.970  1.00 27.92  ? 101 VZX D CAP   1 
HETATM 701 C  CAQ   . VZX H 2 . ? -7.494  -6.749  -0.069  1.00 24.07  ? 101 VZX D CAQ   1 
HETATM 702 C  CAR   . VZX H 2 . ? -6.888  -4.851  -1.542  1.00 23.31  ? 101 VZX D CAR   1 
HETATM 703 C  CAS   . VZX H 2 . ? -6.011  -4.227  -2.431  1.00 26.08  ? 101 VZX D CAS   1 
HETATM 704 C  CAU   . VZX H 2 . ? -4.794  -4.835  -2.755  1.00 33.29  ? 101 VZX D CAU   1 
HETATM 705 C  CAV   . VZX H 2 . ? -4.464  -6.068  -2.194  1.00 29.82  ? 101 VZX D CAV   1 
HETATM 706 C  CBB   . VZX H 2 . ? -9.998  -6.583  0.660   1.00 21.85  ? 101 VZX D CBB   1 
HETATM 707 C  CBC   . VZX H 2 . ? -11.181 -5.667  0.340   1.00 16.01  ? 101 VZX D CBC   1 
HETATM 708 N  NAA   . VZX H 2 . ? -5.034  -7.915  -0.746  1.00 24.81  ? 101 VZX D NAA   1 
HETATM 709 N  NAB   . VZX H 2 . ? -8.740  -6.028  0.205   1.00 23.14  ? 101 VZX D NAB   1 
HETATM 710 C  CAI   . VZX I 2 . ? -18.461 -7.584  4.530   1.00 31.28  ? 101 VZX E CAI   1 
HETATM 711 C  CAJ   . VZX I 2 . ? -17.616 -7.467  3.423   1.00 26.23  ? 101 VZX E CAJ   1 
HETATM 712 C  CAK   . VZX I 2 . ? -16.234 -7.521  3.620   1.00 22.03  ? 101 VZX E CAK   1 
HETATM 713 C  CAL   . VZX I 2 . ? -15.647 -7.692  4.916   1.00 23.02  ? 101 VZX E CAL   1 
HETATM 714 C  CAM   . VZX I 2 . ? -16.495 -7.807  5.986   1.00 25.24  ? 101 VZX E CAM   1 
HETATM 715 C  CAN   . VZX I 2 . ? -17.914 -7.754  5.798   1.00 30.02  ? 101 VZX E CAN   1 
HETATM 716 C  CAO   . VZX I 2 . ? -14.710 -8.043  7.558   1.00 26.49  ? 101 VZX E CAO   1 
HETATM 717 C  CAP   . VZX I 2 . ? -13.790 -7.938  6.549   1.00 25.36  ? 101 VZX E CAP   1 
HETATM 718 C  CAQ   . VZX I 2 . ? -14.217 -7.750  5.181   1.00 23.42  ? 101 VZX E CAQ   1 
HETATM 719 C  CAR   . VZX I 2 . ? -12.400 -8.003  6.882   1.00 20.55  ? 101 VZX E CAR   1 
HETATM 720 C  CAS   . VZX I 2 . ? -11.991 -8.187  8.208   1.00 26.61  ? 101 VZX E CAS   1 
HETATM 721 C  CAU   . VZX I 2 . ? -12.944 -8.300  9.232   1.00 23.76  ? 101 VZX E CAU   1 
HETATM 722 C  CAV   . VZX I 2 . ? -14.298 -8.230  8.921   1.00 24.25  ? 101 VZX E CAV   1 
HETATM 723 C  CBB   . VZX I 2 . ? -13.316 -7.389  2.761   1.00 23.48  ? 101 VZX E CBB   1 
HETATM 724 C  CBC   . VZX I 2 . ? -12.214 -6.495  2.222   1.00 29.39  ? 101 VZX E CBC   1 
HETATM 725 N  NAA   . VZX I 2 . ? -16.033 -7.979  7.256   1.00 25.89  ? 101 VZX E NAA   1 
HETATM 726 N  NAB   . VZX I 2 . ? -13.162 -7.649  4.188   1.00 22.77  ? 101 VZX E NAB   1 
HETATM 727 C  C1    . VZX I 2 . ? -12.555 -5.963  0.832   1.00 23.36  ? 101 VZX E C1    1 
HETATM 728 MG MG    . MG  J 3 . ? -13.732 0.273   16.395  1.00 35.84  ? 102 MG  E MG    1 
HETATM 729 O  O     . HOH K 4 . ? -3.909  -1.955  -2.708  1.00 34.09  ? 201 HOH A O     1 
HETATM 730 O  O     . HOH K 4 . ? 10.572  7.603   -11.692 1.00 35.76  ? 202 HOH A O     1 
HETATM 731 O  O     . HOH K 4 . ? 1.442   -4.425  -1.423  1.00 32.14  ? 203 HOH A O     1 
HETATM 732 O  O     . HOH K 4 . ? 7.247   5.364   -13.455 1.00 38.60  ? 204 HOH A O     1 
HETATM 733 O  O     . HOH K 4 . ? -6.609  -4.223  -8.771  1.00 40.20  ? 205 HOH A O     1 
HETATM 734 O  O     . HOH K 4 . ? -0.837  -2.047  -10.166 1.00 29.28  ? 206 HOH A O     1 
HETATM 735 O  O     . HOH K 4 . ? 7.455   7.847   -12.005 1.00 36.33  ? 207 HOH A O     1 
HETATM 736 O  O     . HOH K 4 . ? -1.214  -5.068  -1.808  1.00 25.86  ? 208 HOH A O     1 
HETATM 737 O  O     . HOH K 4 . ? 10.747  -8.709  -2.056  1.00 23.33  ? 209 HOH A O     1 
HETATM 738 O  O     . HOH K 4 . ? 2.358   -5.688  0.794   1.00 29.17  ? 210 HOH A O     1 
HETATM 739 O  O     . HOH K 4 . ? 2.704   -2.495  -0.689  1.00 31.83  ? 211 HOH A O     1 
HETATM 740 O  O     . HOH K 4 . ? 4.466   3.369   -5.209  1.00 39.07  ? 212 HOH A O     1 
HETATM 741 O  O     . HOH K 4 . ? 8.371   5.341   -11.067 1.00 31.49  ? 213 HOH A O     1 
HETATM 742 O  O     . HOH K 4 . ? -1.507  -2.464  -2.811  1.00 32.76  ? 214 HOH A O     1 
HETATM 743 O  O     . HOH K 4 . ? 8.645   8.720   -9.583  1.00 36.19  ? 215 HOH A O     1 
HETATM 744 O  O     . HOH L 4 . ? 8.576   -1.910  -18.744 1.00 28.59  ? 201 HOH B O     1 
HETATM 745 O  O     . HOH L 4 . ? 4.952   -1.629  0.450   1.00 32.51  ? 202 HOH B O     1 
HETATM 746 O  O     . HOH L 4 . ? 14.794  -4.037  -14.224 1.00 40.89  ? 203 HOH B O     1 
HETATM 747 O  O     . HOH L 4 . ? 6.562   -5.728  -10.717 1.00 35.93  ? 204 HOH B O     1 
HETATM 748 O  O     . HOH L 4 . ? 14.051  -0.940  -14.903 1.00 47.46  ? 205 HOH B O     1 
HETATM 749 O  O     . HOH L 4 . ? -4.709  7.863   -26.029 1.00 37.08  ? 206 HOH B O     1 
HETATM 750 O  O     . HOH M 4 . ? 3.542   -1.120  2.982   1.00 46.91  ? 201 HOH D O     1 
HETATM 751 O  O     . HOH M 4 . ? -7.691  8.139   11.851  1.00 36.89  ? 202 HOH D O     1 
HETATM 752 O  O     . HOH M 4 . ? -1.271  -3.838  2.533   1.00 34.60  ? 203 HOH D O     1 
HETATM 753 O  O     . HOH M 4 . ? 0.238   14.470  1.843   1.00 43.20  ? 204 HOH D O     1 
HETATM 754 O  O     . HOH M 4 . ? 0.954   0.714   10.401  1.00 27.43  ? 205 HOH D O     1 
HETATM 755 O  O     . HOH M 4 . ? 6.628   -1.547  9.637   1.00 39.73  ? 206 HOH D O     1 
HETATM 756 O  O     . HOH M 4 . ? -2.215  -5.792  0.627   1.00 30.12  ? 207 HOH D O     1 
HETATM 757 O  O     . HOH M 4 . ? -8.212  10.270  9.922   1.00 35.71  ? 208 HOH D O     1 
HETATM 758 O  O     . HOH M 4 . ? -2.681  -2.232  1.304   1.00 34.88  ? 209 HOH D O     1 
HETATM 759 O  O     . HOH M 4 . ? 1.490   -4.373  2.968   1.00 27.00  ? 210 HOH D O     1 
HETATM 760 O  O     . HOH M 4 . ? -8.754  7.539   9.290   1.00 38.57  ? 211 HOH D O     1 
HETATM 761 O  O     . HOH M 4 . ? -9.412  10.436  7.230   1.00 38.78  ? 212 HOH D O     1 
HETATM 762 O  O     . HOH N 4 . ? -8.701  2.299   18.653  1.00 29.34  ? 201 HOH E O     1 
HETATM 763 O  O     . HOH N 4 . ? -4.929  -2.033  0.031   1.00 30.06  ? 202 HOH E O     1 
HETATM 764 O  O     . HOH N 4 . ? -6.326  -3.019  11.930  1.00 34.17  ? 203 HOH E O     1 
HETATM 765 O  O     . HOH N 4 . ? 0.730   10.594  14.014  1.00 21.73  ? 204 HOH E O     1 
HETATM 766 O  O     . HOH N 4 . ? -13.720 1.838   15.061  1.00 37.46  ? 205 HOH E O     1 
HETATM 767 O  O     . HOH N 4 . ? -10.602 2.549   14.392  1.00 34.03  ? 206 HOH E O     1 
# 
loop_
_atom_site_anisotrop.id 
_atom_site_anisotrop.type_symbol 
_atom_site_anisotrop.pdbx_label_atom_id 
_atom_site_anisotrop.pdbx_label_alt_id 
_atom_site_anisotrop.pdbx_label_comp_id 
_atom_site_anisotrop.pdbx_label_asym_id 
_atom_site_anisotrop.pdbx_label_seq_id 
_atom_site_anisotrop.pdbx_PDB_ins_code 
_atom_site_anisotrop.U[1][1] 
_atom_site_anisotrop.U[2][2] 
_atom_site_anisotrop.U[3][3] 
_atom_site_anisotrop.U[1][2] 
_atom_site_anisotrop.U[1][3] 
_atom_site_anisotrop.U[2][3] 
_atom_site_anisotrop.pdbx_auth_seq_id 
_atom_site_anisotrop.pdbx_auth_comp_id 
_atom_site_anisotrop.pdbx_auth_asym_id 
_atom_site_anisotrop.pdbx_auth_atom_id 
1   P P     . DC A 1 ? 1.2720 1.4069 1.4043 -0.1226 -0.1385 0.1906  1 DC A P     
2   O OP1   . DC A 1 ? 1.2063 1.3629 1.3845 -0.1416 -0.1514 0.2277  1 DC A OP1   
3   O OP2   . DC A 1 ? 1.1608 1.3328 1.3081 -0.1123 -0.1322 0.1841  1 DC A OP2   
4   O "O5'" . DC A 1 ? 1.0962 1.2378 1.2019 -0.0989 -0.1083 0.1730  1 DC A "O5'" 
5   C "C5'" . DC A 1 ? 0.6413 0.7388 0.6973 -0.0864 -0.1001 0.1412  1 DC A "C5'" 
6   C "C4'" . DC A 1 ? 0.5199 0.5593 0.5373 -0.0897 -0.1040 0.1362  1 DC A "C4'" 
7   O "O4'" . DC A 1 ? 0.4389 0.5102 0.4745 -0.0843 -0.0898 0.1508  1 DC A "O4'" 
8   C "C3'" . DC A 1 ? 0.4740 0.4762 0.4452 -0.0726 -0.0900 0.1091  1 DC A "C3'" 
9   O "O3'" . DC A 1 ? 0.5045 0.4396 0.4321 -0.0755 -0.0990 0.1058  1 DC A "O3'" 
10  C "C2'" . DC A 1 ? 0.3307 0.3839 0.3194 -0.0544 -0.0643 0.1064  1 DC A "C2'" 
11  C "C1'" . DC A 1 ? 0.3906 0.4686 0.4055 -0.0623 -0.0662 0.1317  1 DC A "C1'" 
12  N N1    . DC A 1 ? 0.3806 0.5286 0.4284 -0.0471 -0.0481 0.1398  1 DC A N1    
13  C C2    . DC A 1 ? 0.2771 0.4411 0.3130 -0.0255 -0.0292 0.1240  1 DC A C2    
14  O O2    . DC A 1 ? 0.3648 0.4903 0.3707 -0.0210 -0.0259 0.1067  1 DC A O2    
15  N N3    . DC A 1 ? 0.2480 0.4687 0.3048 -0.0080 -0.0158 0.1294  1 DC A N3    
16  C C4    . DC A 1 ? 0.2974 0.5617 0.3862 -0.0093 -0.0160 0.1522  1 DC A C4    
17  N N4    . DC A 1 ? 0.2808 0.5970 0.3806 0.0144  -0.0009 0.1569  1 DC A N4    
18  C C5    . DC A 1 ? 0.2999 0.5559 0.4106 -0.0327 -0.0327 0.1724  1 DC A C5    
19  C C6    . DC A 1 ? 0.3823 0.5780 0.4712 -0.0523 -0.0507 0.1642  1 DC A C6    
20  P P     . DG A 2 ? 0.6617 0.5194 0.5373 -0.0789 -0.1191 0.0933  2 DG A P     
21  O OP1   . DG A 2 ? 0.8040 0.5963 0.6380 -0.0812 -0.1315 0.0954  2 DG A OP1   
22  O OP2   . DG A 2 ? 0.6672 0.5352 0.5651 -0.0944 -0.1409 0.0994  2 DG A OP2   
23  O "O5'" . DG A 2 ? 0.6354 0.4865 0.4836 -0.0556 -0.0948 0.0723  2 DG A "O5'" 
24  C "C5'" . DG A 2 ? 0.5306 0.3690 0.3561 -0.0381 -0.0737 0.0662  2 DG A "C5'" 
25  C "C4'" . DG A 2 ? 0.5296 0.3661 0.3408 -0.0190 -0.0533 0.0525  2 DG A "C4'" 
26  O "O4'" . DG A 2 ? 0.4748 0.3781 0.3342 -0.0162 -0.0400 0.0494  2 DG A "O4'" 
27  C "C3'" . DG A 2 ? 0.4884 0.2806 0.2650 -0.0166 -0.0627 0.0450  2 DG A "C3'" 
28  O "O3'" . DG A 2 ? 0.6006 0.3695 0.3477 0.0057  -0.0408 0.0390  2 DG A "O3'" 
29  C "C2'" . DG A 2 ? 0.4654 0.3103 0.2870 -0.0248 -0.0649 0.0438  2 DG A "C2'" 
30  C "C1'" . DG A 2 ? 0.4306 0.3372 0.2949 -0.0174 -0.0440 0.0430  2 DG A "C1'" 
31  N N9    . DG A 2 ? 0.3709 0.3359 0.2816 -0.0251 -0.0483 0.0464  2 DG A N9    
32  C C8    . DG A 2 ? 0.4023 0.3825 0.3321 -0.0406 -0.0661 0.0580  2 DG A C8    
33  N N7    . DG A 2 ? 0.3580 0.3960 0.3273 -0.0385 -0.0614 0.0613  2 DG A N7    
34  C C5    . DG A 2 ? 0.2528 0.3099 0.2267 -0.0222 -0.0434 0.0484  2 DG A C5    
35  C C6    . DG A 2 ? 0.2613 0.3683 0.2636 -0.0105 -0.0349 0.0429  2 DG A C6    
36  O O6    . DG A 2 ? 0.3023 0.4500 0.3288 -0.0087 -0.0375 0.0494  2 DG A O6    
37  N N1    . DG A 2 ? 0.2095 0.3150 0.2096 0.0019  -0.0234 0.0298  2 DG A N1    
38  C C2    . DG A 2 ? 0.2262 0.2946 0.2047 0.0042  -0.0163 0.0264  2 DG A C2    
39  N N2    . DG A 2 ? 0.2128 0.2917 0.2032 0.0154  -0.0065 0.0180  2 DG A N2    
40  N N3    . DG A 2 ? 0.2949 0.3170 0.2416 -0.0022 -0.0197 0.0321  2 DG A N3    
41  C C4    . DG A 2 ? 0.2725 0.2885 0.2164 -0.0158 -0.0353 0.0410  2 DG A C4    
42  P P     . DT A 3 ? 0.6443 0.3605 0.3428 0.0193  -0.0406 0.0333  3 DT A P     
43  O OP1   . DT A 3 ? 0.7081 0.3796 0.3587 0.0431  -0.0229 0.0347  3 DT A OP1   
44  O OP2   . DT A 3 ? 0.7460 0.4290 0.4243 0.0046  -0.0717 0.0316  3 DT A OP2   
45  O "O5'" . DT A 3 ? 0.6148 0.3832 0.3567 0.0244  -0.0216 0.0309  3 DT A "O5'" 
46  C "C5'" . DT A 3 ? 0.5499 0.3610 0.3278 0.0333  0.0016  0.0330  3 DT A "C5'" 
47  C "C4'" . DT A 3 ? 0.4152 0.2763 0.2425 0.0302  0.0071  0.0295  3 DT A "C4'" 
48  O "O4'" . DT A 3 ? 0.3929 0.2957 0.2560 0.0138  -0.0083 0.0263  3 DT A "O4'" 
49  C "C3'" . DT A 3 ? 0.5741 0.4138 0.3866 0.0349  0.0074  0.0282  3 DT A "C3'" 
50  O "O3'" . DT A 3 ? 0.6650 0.5296 0.5085 0.0450  0.0269  0.0313  3 DT A "O3'" 
51  C "C2'" . DT A 3 ? 0.5872 0.4540 0.4256 0.0175  -0.0127 0.0230  3 DT A "C2'" 
52  C "C1'" . DT A 3 ? 0.4288 0.3493 0.3123 0.0113  -0.0116 0.0218  3 DT A "C1'" 
53  N N1    . DT A 3 ? 0.4163 0.3696 0.3248 -0.0026 -0.0283 0.0216  3 DT A N1    
54  C C2    . DT A 3 ? 0.3166 0.3217 0.2664 -0.0010 -0.0255 0.0175  3 DT A C2    
55  O O2    . DT A 3 ? 0.3177 0.3398 0.2863 0.0080  -0.0145 0.0120  3 DT A O2    
56  N N3    . DT A 3 ? 0.3040 0.3390 0.2726 -0.0090 -0.0376 0.0213  3 DT A N3    
57  C C4    . DT A 3 ? 0.2708 0.2937 0.2309 -0.0220 -0.0536 0.0312  3 DT A C4    
58  O O4    . DT A 3 ? 0.3582 0.4169 0.3442 -0.0276 -0.0615 0.0392  3 DT A O4    
59  C C5    . DT A 3 ? 0.4167 0.3808 0.3347 -0.0267 -0.0613 0.0331  3 DT A C5    
60  C C7    . DT A 3 ? 0.5830 0.5237 0.4900 -0.0430 -0.0859 0.0431  3 DT A C7    
61  C C6    . DT A 3 ? 0.4099 0.3405 0.2996 -0.0147 -0.0475 0.0272  3 DT A C6    
62  P P     . DA A 4 ? 0.5622 0.3971 0.3843 0.0620  0.0433  0.0391  4 DA A P     
63  O OP1   . DA A 4 ? 0.6181 0.4287 0.4136 0.0825  0.0650  0.0506  4 DA A OP1   
64  O OP2   . DA A 4 ? 0.7376 0.5383 0.5235 0.0590  0.0280  0.0347  4 DA A OP2   
65  O "O5'" . DA A 4 ? 0.4291 0.3147 0.3168 0.0585  0.0510  0.0405  4 DA A "O5'" 
66  C "C5'" . DA A 4 ? 0.3280 0.2548 0.2611 0.0558  0.0550  0.0406  4 DA A "C5'" 
67  C "C4'" . DA A 4 ? 0.2951 0.2625 0.2836 0.0468  0.0466  0.0341  4 DA A "C4'" 
68  O "O4'" . DA A 4 ? 0.2569 0.2404 0.2477 0.0346  0.0262  0.0202  4 DA A "O4'" 
69  C "C3'" . DA A 4 ? 0.2821 0.2415 0.2832 0.0502  0.0528  0.0407  4 DA A "C3'" 
70  O "O3'" . DA A 4 ? 0.2850 0.2788 0.3453 0.0462  0.0501  0.0408  4 DA A "O3'" 
71  C "C2'" . DA A 4 ? 0.3049 0.2535 0.2839 0.0418  0.0356  0.0294  4 DA A "C2'" 
72  C "C1'" . DA A 4 ? 0.2655 0.2448 0.2592 0.0312  0.0191  0.0167  4 DA A "C1'" 
73  N N9    . DA A 4 ? 0.2950 0.2651 0.2612 0.0234  0.0043  0.0117  4 DA A N9    
74  C C8    . DA A 4 ? 0.3565 0.2870 0.2761 0.0230  0.0007  0.0157  4 DA A C8    
75  N N7    . DA A 4 ? 0.3047 0.2398 0.2186 0.0120  -0.0173 0.0129  4 DA A N7    
76  C C5    . DA A 4 ? 0.2768 0.2595 0.2327 0.0083  -0.0216 0.0072  4 DA A C5    
77  C C6    . DA A 4 ? 0.2636 0.2779 0.2372 0.0011  -0.0349 0.0060  4 DA A C6    
78  N N6    . DA A 4 ? 0.3154 0.3209 0.2753 -0.0088 -0.0491 0.0127  4 DA A N6    
79  N N1    . DA A 4 ? 0.2148 0.2689 0.2208 0.0062  -0.0343 -0.0005 4 DA A N1    
80  C C2    . DA A 4 ? 0.2096 0.2691 0.2326 0.0139  -0.0262 -0.0069 4 DA A C2    
81  N N3    . DA A 4 ? 0.2563 0.2935 0.2758 0.0172  -0.0147 -0.0039 4 DA A N3    
82  C C4    . DA A 4 ? 0.2688 0.2693 0.2529 0.0157  -0.0104 0.0041  4 DA A C4    
83  P P     . DT A 5 ? 0.3142 0.3070 0.4083 0.0492  0.0588  0.0541  5 DT A P     
84  O OP1   . DT A 5 ? 0.2503 0.2745 0.4063 0.0460  0.0570  0.0605  5 DT A OP1   
85  O OP2   . DT A 5 ? 0.3688 0.3259 0.4211 0.0636  0.0800  0.0708  5 DT A OP2   
86  O "O5'" . DT A 5 ? 0.2939 0.2879 0.3906 0.0401  0.0397  0.0390  5 DT A "O5'" 
87  C "C5'" . DT A 5 ? 0.3186 0.3388 0.4407 0.0318  0.0186  0.0212  5 DT A "C5'" 
88  C "C4'" . DT A 5 ? 0.2965 0.3123 0.4050 0.0284  0.0052  0.0094  5 DT A "C4'" 
89  O "O4'" . DT A 5 ? 0.2809 0.2892 0.3472 0.0270  0.0019  0.0047  5 DT A "O4'" 
90  C "C3'" . DT A 5 ? 0.3155 0.3084 0.4200 0.0311  0.0124  0.0193  5 DT A "C3'" 
91  O "O3'" . DT A 5 ? 0.4286 0.4317 0.5771 0.0282  0.0030  0.0168  5 DT A "O3'" 
92  C "C2'" . DT A 5 ? 0.3745 0.3549 0.4378 0.0298  0.0037  0.0114  5 DT A "C2'" 
93  C "C1'" . DT A 5 ? 0.2850 0.2862 0.3406 0.0253  -0.0068 0.0003  5 DT A "C1'" 
94  N N1    . DT A 5 ? 0.2482 0.2350 0.2628 0.0223  -0.0112 0.0012  5 DT A N1    
95  C C2    . DT A 5 ? 0.2442 0.2533 0.2607 0.0173  -0.0254 -0.0059 5 DT A C2    
96  O O2    . DT A 5 ? 0.2561 0.2945 0.2986 0.0195  -0.0325 -0.0145 5 DT A O2    
97  N N3    . DT A 5 ? 0.2775 0.2725 0.2642 0.0116  -0.0323 -0.0013 5 DT A N3    
98  C C4    . DT A 5 ? 0.2831 0.2366 0.2299 0.0118  -0.0296 0.0056  5 DT A C4    
99  O O4    . DT A 5 ? 0.3052 0.2429 0.2270 0.0049  -0.0425 0.0085  5 DT A O4    
100 C C5    . DT A 5 ? 0.3239 0.2527 0.2612 0.0223  -0.0115 0.0112  5 DT A C5    
101 C C7    . DT A 5 ? 0.3508 0.2297 0.2357 0.0307  -0.0050 0.0189  5 DT A C7    
102 C C6    . DT A 5 ? 0.3051 0.2556 0.2812 0.0261  -0.0020 0.0108  5 DT A C6    
103 P P     . DA A 6 ? 0.3967 0.3809 0.5520 0.0300  0.0063  0.0258  6 DA A P     
104 O OP1   . DA A 6 ? 0.4998 0.4936 0.7135 0.0257  0.0005  0.0316  6 DA A OP1   
105 O OP2   . DA A 6 ? 0.4193 0.3763 0.5349 0.0383  0.0261  0.0419  6 DA A OP2   
106 O "O5'" . DA A 6 ? 0.3498 0.3364 0.4865 0.0287  -0.0121 0.0070  6 DA A "O5'" 
107 C "C5'" . DA A 6 ? 0.2273 0.2344 0.3809 0.0275  -0.0315 -0.0115 6 DA A "C5'" 
108 C "C4'" . DA A 6 ? 0.2275 0.2382 0.3548 0.0308  -0.0413 -0.0221 6 DA A "C4'" 
109 O "O4'" . DA A 6 ? 0.2542 0.2696 0.3488 0.0290  -0.0368 -0.0198 6 DA A "O4'" 
110 C "C3'" . DA A 6 ? 0.2670 0.2571 0.3847 0.0326  -0.0387 -0.0152 6 DA A "C3'" 
111 O "O3'" . DA A 6 ? 0.3046 0.2940 0.4463 0.0360  -0.0515 -0.0238 6 DA A "O3'" 
112 C "C2'" . DA A 6 ? 0.3319 0.3261 0.4143 0.0332  -0.0425 -0.0173 6 DA A "C2'" 
113 C "C1'" . DA A 6 ? 0.3319 0.3409 0.4028 0.0295  -0.0408 -0.0185 6 DA A "C1'" 
114 N N9    . DA A 6 ? 0.3010 0.2894 0.3381 0.0259  -0.0334 -0.0081 6 DA A N9    
115 C C8    . DA A 6 ? 0.2932 0.2536 0.3150 0.0284  -0.0187 0.0032  6 DA A C8    
116 N N7    . DA A 6 ? 0.3025 0.2406 0.2834 0.0279  -0.0182 0.0080  6 DA A N7    
117 C C5    . DA A 6 ? 0.2799 0.2364 0.2581 0.0207  -0.0349 0.0015  6 DA A C5    
118 C C6    . DA A 6 ? 0.2953 0.2415 0.2449 0.0141  -0.0470 0.0039  6 DA A C6    
119 N N6    . DA A 6 ? 0.3362 0.2419 0.2434 0.0154  -0.0465 0.0093  6 DA A N6    
120 N N1    . DA A 6 ? 0.2846 0.2622 0.2511 0.0076  -0.0611 0.0022  6 DA A N1    
121 C C2    . DA A 6 ? 0.2510 0.2645 0.2510 0.0119  -0.0610 -0.0039 6 DA A C2    
122 N N3    . DA A 6 ? 0.2743 0.2932 0.2950 0.0195  -0.0534 -0.0108 6 DA A N3    
123 C C4    . DA A 6 ? 0.2536 0.2439 0.2661 0.0212  -0.0414 -0.0069 6 DA A C4    
124 P P     . DC A 7 ? 0.3256 0.2903 0.4778 0.0372  -0.0479 -0.0131 7 DC A P     
125 O OP1   . DC A 7 ? 0.3167 0.2789 0.5003 0.0392  -0.0655 -0.0243 7 DC A OP1   
126 O OP2   . DC A 7 ? 0.4173 0.3669 0.5715 0.0350  -0.0275 0.0085  7 DC A OP2   
127 O "O5'" . DC A 7 ? 0.3335 0.2945 0.4491 0.0421  -0.0491 -0.0140 7 DC A "O5'" 
128 C "C5'" . DC A 7 ? 0.3234 0.3026 0.4326 0.0481  -0.0634 -0.0281 7 DC A "C5'" 
129 C "C4'" . DC A 7 ? 0.2954 0.2764 0.3740 0.0491  -0.0632 -0.0225 7 DC A "C4'" 
130 O "O4'" . DC A 7 ? 0.2680 0.2505 0.3258 0.0419  -0.0570 -0.0162 7 DC A "O4'" 
131 C "C3'" . DC A 7 ? 0.3153 0.2692 0.3824 0.0513  -0.0583 -0.0116 7 DC A "C3'" 
132 O "O3'" . DC A 7 ? 0.3143 0.2747 0.3811 0.0593  -0.0688 -0.0165 7 DC A "O3'" 
133 C "C2'" . DC A 7 ? 0.3671 0.3085 0.3980 0.0472  -0.0529 -0.0014 7 DC A "C2'" 
134 C "C1'" . DC A 7 ? 0.2861 0.2519 0.3149 0.0410  -0.0577 -0.0073 7 DC A "C1'" 
135 N N1    . DC A 7 ? 0.3192 0.2664 0.3207 0.0359  -0.0505 0.0002  7 DC A N1    
136 C C2    . DC A 7 ? 0.3208 0.2734 0.3014 0.0294  -0.0608 0.0011  7 DC A C2    
137 O O2    . DC A 7 ? 0.2915 0.2716 0.2837 0.0275  -0.0735 -0.0011 7 DC A O2    
138 N N3    . DC A 7 ? 0.3202 0.2470 0.2698 0.0265  -0.0571 0.0062  7 DC A N3    
139 C C4    . DC A 7 ? 0.3359 0.2368 0.2739 0.0331  -0.0400 0.0118  7 DC A C4    
140 N N4    . DC A 7 ? 0.3628 0.2343 0.2625 0.0348  -0.0363 0.0165  7 DC A N4    
141 C C5    . DC A 7 ? 0.3295 0.2320 0.2954 0.0394  -0.0266 0.0150  7 DC A C5    
142 C C6    . DC A 7 ? 0.3111 0.2348 0.3087 0.0389  -0.0344 0.0083  7 DC A C6    
143 P P     . DG A 8 ? 0.3937 0.3276 0.4575 0.0652  -0.0670 -0.0083 8 DG A P     
144 O OP1   . DG A 8 ? 0.4834 0.4216 0.5670 0.0745  -0.0779 -0.0192 8 DG A OP1   
145 O OP2   . DG A 8 ? 0.4110 0.3176 0.4738 0.0620  -0.0516 0.0062  8 DG A OP2   
146 O "O5'" . DG A 8 ? 0.4980 0.4348 0.5312 0.0669  -0.0725 -0.0024 8 DG A "O5'" 
147 C "C5'" . DG A 8 ? 0.4642 0.3758 0.4673 0.0646  -0.0665 0.0093  8 DG A "C5'" 
148 C "C4'" . DG A 8 ? 0.4109 0.3211 0.3914 0.0683  -0.0786 0.0136  8 DG A "C4'" 
149 O "O4'" . DG A 8 ? 0.3907 0.2883 0.3374 0.0620  -0.0839 0.0186  8 DG A "O4'" 
150 C "C3'" . DG A 8 ? 0.3960 0.2781 0.3656 0.0784  -0.0744 0.0221  8 DG A "C3'" 
151 O "O3'" . DG A 8 ? 0.3904 0.2897 0.3796 0.0859  -0.0836 0.0173  8 DG A "O3'" 
152 C "C2'" . DG A 8 ? 0.4275 0.2861 0.3517 0.0796  -0.0812 0.0305  8 DG A "C2'" 
153 C "C1'" . DG A 8 ? 0.4210 0.2836 0.3312 0.0689  -0.0852 0.0275  8 DG A "C1'" 
154 N N9    . DG A 8 ? 0.4454 0.2730 0.3248 0.0721  -0.0705 0.0336  8 DG A N9    
155 C C8    . DG A 8 ? 0.4570 0.2646 0.3391 0.0811  -0.0479 0.0428  8 DG A C8    
156 N N7    . DG A 8 ? 0.4830 0.2629 0.3307 0.0867  -0.0360 0.0499  8 DG A N7    
157 C C5    . DG A 8 ? 0.4906 0.2669 0.3089 0.0794  -0.0550 0.0420  8 DG A C5    
158 C C6    . DG A 8 ? 0.5904 0.3356 0.3616 0.0822  -0.0560 0.0428  8 DG A C6    
159 O O6    . DG A 8 ? 0.6417 0.3567 0.3827 0.0957  -0.0363 0.0514  8 DG A O6    
160 N N1    . DG A 8 ? 0.5226 0.2727 0.2827 0.0691  -0.0833 0.0343  8 DG A N1    
161 C C2    . DG A 8 ? 0.4926 0.2807 0.2881 0.0564  -0.1033 0.0297  8 DG A C2    
162 N N2    . DG A 8 ? 0.4980 0.2900 0.2863 0.0434  -0.1284 0.0274  8 DG A N2    
163 N N3    . DG A 8 ? 0.4633 0.2829 0.2991 0.0574  -0.0992 0.0293  8 DG A N3    
164 C C4    . DG A 8 ? 0.4656 0.2736 0.3080 0.0687  -0.0764 0.0338  8 DG A C4    
165 P P     . DC B 1 ? 1.2426 1.1077 1.0914 -0.0203 0.0719  0.0034  1 DC B P     
166 O OP1   . DC B 1 ? 1.2089 1.0977 1.0863 -0.0351 0.0572  0.0005  1 DC B OP1   
167 O OP2   . DC B 1 ? 1.1241 0.9634 0.9578 -0.0079 0.0858  0.0049  1 DC B OP2   
168 O "O5'" . DC B 1 ? 1.1805 1.0267 0.9840 -0.0237 0.0616  -0.0062 1 DC B "O5'" 
169 C "C5'" . DC B 1 ? 0.8176 0.6697 0.6099 -0.0156 0.0663  -0.0019 1 DC B "C5'" 
170 C "C4'" . DC B 1 ? 0.5883 0.4401 0.3599 -0.0288 0.0471  -0.0106 1 DC B "C4'" 
171 O "O4'" . DC B 1 ? 0.6790 0.5366 0.4384 -0.0195 0.0525  -0.0059 1 DC B "O4'" 
172 C "C3'" . DC B 1 ? 0.5460 0.4308 0.3525 -0.0460 0.0329  -0.0099 1 DC B "C3'" 
173 O "O3'" . DC B 1 ? 0.5730 0.4547 0.3608 -0.0595 0.0142  -0.0155 1 DC B "O3'" 
174 C "C2'" . DC B 1 ? 0.4743 0.3856 0.3072 -0.0392 0.0400  -0.0011 1 DC B "C2'" 
175 C "C1'" . DC B 1 ? 0.4802 0.3740 0.2790 -0.0270 0.0487  0.0007  1 DC B "C1'" 
176 N N1    . DC B 1 ? 0.4656 0.3729 0.2873 -0.0121 0.0660  0.0155  1 DC B N1    
177 C C2    . DC B 1 ? 0.4260 0.3628 0.2867 -0.0159 0.0616  0.0231  1 DC B C2    
178 O O2    . DC B 1 ? 0.3589 0.3103 0.2290 -0.0286 0.0454  0.0159  1 DC B O2    
179 N N3    . DC B 1 ? 0.3858 0.3344 0.2747 -0.0042 0.0744  0.0401  1 DC B N3    
180 C C4    . DC B 1 ? 0.4015 0.3389 0.2813 0.0124  0.0944  0.0519  1 DC B C4    
181 N N4    . DC B 1 ? 0.4572 0.4120 0.3734 0.0232  0.1069  0.0744  1 DC B N4    
182 C C5    . DC B 1 ? 0.4986 0.4060 0.3323 0.0202  0.1016  0.0430  1 DC B C5    
183 C C6    . DC B 1 ? 0.4802 0.3709 0.2860 0.0067  0.0853  0.0236  1 DC B C6    
184 P P     . DG B 2 ? 0.6489 0.5295 0.4431 -0.0766 -0.0025 -0.0173 2 DG B P     
185 O OP1   . DG B 2 ? 0.6782 0.5495 0.4508 -0.0887 -0.0223 -0.0198 2 DG B OP1   
186 O OP2   . DG B 2 ? 0.6118 0.4683 0.4015 -0.0724 0.0042  -0.0199 2 DG B OP2   
187 O "O5'" . DG B 2 ? 0.5452 0.4704 0.3826 -0.0814 -0.0036 -0.0094 2 DG B "O5'" 
188 C "C5'" . DG B 2 ? 0.4581 0.4122 0.3057 -0.0872 -0.0133 -0.0052 2 DG B "C5'" 
189 C "C4'" . DG B 2 ? 0.3049 0.2955 0.1855 -0.0864 -0.0146 0.0014  2 DG B "C4'" 
190 O "O4'" . DG B 2 ? 0.3417 0.3384 0.2393 -0.0728 -0.0041 -0.0004 2 DG B "O4'" 
191 C "C3'" . DG B 2 ? 0.3163 0.3103 0.2082 -0.0929 -0.0182 0.0062  2 DG B "C3'" 
192 O "O3'" . DG B 2 ? 0.3385 0.3720 0.2514 -0.0930 -0.0241 0.0162  2 DG B "O3'" 
193 C "C2'" . DG B 2 ? 0.3327 0.3159 0.2334 -0.0819 -0.0053 0.0019  2 DG B "C2'" 
194 C "C1'" . DG B 2 ? 0.3581 0.3541 0.2701 -0.0697 -0.0001 0.0000  2 DG B "C1'" 
195 N N9    . DG B 2 ? 0.2953 0.2725 0.2108 -0.0604 0.0121  -0.0022 2 DG B N9    
196 C C8    . DG B 2 ? 0.3539 0.3009 0.2502 -0.0584 0.0221  -0.0037 2 DG B C8    
197 N N7    . DG B 2 ? 0.3615 0.3040 0.2713 -0.0474 0.0339  0.0002  2 DG B N7    
198 C C5    . DG B 2 ? 0.2734 0.2405 0.2139 -0.0442 0.0276  0.0027  2 DG B C5    
199 C C6    . DG B 2 ? 0.2603 0.2330 0.2321 -0.0353 0.0303  0.0090  2 DG B C6    
200 O O6    . DG B 2 ? 0.2938 0.2566 0.2767 -0.0284 0.0424  0.0176  2 DG B O6    
201 N N1    . DG B 2 ? 0.2394 0.2314 0.2319 -0.0331 0.0157  0.0065  2 DG B N1    
202 C C2    . DG B 2 ? 0.2562 0.2643 0.2379 -0.0359 0.0044  0.0005  2 DG B C2    
203 N N2    . DG B 2 ? 0.2201 0.2425 0.2177 -0.0277 -0.0089 -0.0023 2 DG B N2    
204 N N3    . DG B 2 ? 0.2424 0.2522 0.2006 -0.0447 0.0047  -0.0010 2 DG B N3    
205 C C4    . DG B 2 ? 0.2614 0.2483 0.2012 -0.0500 0.0146  -0.0006 2 DG B C4    
206 P P     . DT B 3 ? 0.4234 0.4758 0.3547 -0.0978 -0.0278 0.0285  3 DT B P     
207 O OP1   . DT B 3 ? 0.4319 0.5224 0.3757 -0.1012 -0.0363 0.0434  3 DT B OP1   
208 O OP2   . DT B 3 ? 0.5015 0.5197 0.4238 -0.1090 -0.0304 0.0265  3 DT B OP2   
209 O "O5'" . DT B 3 ? 0.3054 0.3728 0.2506 -0.0802 -0.0185 0.0258  3 DT B "O5'" 
210 C "C5'" . DT B 3 ? 0.3289 0.4186 0.2790 -0.0650 -0.0184 0.0234  3 DT B "C5'" 
211 C "C4'" . DT B 3 ? 0.2928 0.3799 0.2516 -0.0492 -0.0144 0.0161  3 DT B "C4'" 
212 O "O4'" . DT B 3 ? 0.2827 0.3382 0.2395 -0.0502 -0.0086 0.0066  3 DT B "O4'" 
213 C "C3'" . DT B 3 ? 0.2499 0.3436 0.2176 -0.0463 -0.0118 0.0218  3 DT B "C3'" 
214 O "O3'" . DT B 3 ? 0.4108 0.5231 0.3838 -0.0259 -0.0147 0.0197  3 DT B "O3'" 
215 C "C2'" . DT B 3 ? 0.2939 0.3525 0.2609 -0.0513 -0.0048 0.0139  3 DT B "C2'" 
216 C "C1'" . DT B 3 ? 0.2485 0.2965 0.2159 -0.0443 -0.0048 0.0049  3 DT B "C1'" 
217 N N1    . DT B 3 ? 0.2804 0.2986 0.2476 -0.0467 0.0040  0.0010  3 DT B N1    
218 C C2    . DT B 3 ? 0.2590 0.2725 0.2428 -0.0369 0.0038  -0.0016 3 DT B C2    
219 O O2    . DT B 3 ? 0.2456 0.2729 0.2410 -0.0267 -0.0065 -0.0041 3 DT B O2    
220 N N3    . DT B 3 ? 0.2998 0.2913 0.2869 -0.0376 0.0147  0.0004  3 DT B N3    
221 C C4    . DT B 3 ? 0.2739 0.2438 0.2416 -0.0437 0.0257  0.0015  3 DT B C4    
222 O O4    . DT B 3 ? 0.3298 0.2829 0.2990 -0.0390 0.0373  0.0051  3 DT B O4    
223 C C5    . DT B 3 ? 0.3774 0.3461 0.3240 -0.0543 0.0212  -0.0001 3 DT B C5    
224 C C7    . DT B 3 ? 0.4996 0.4375 0.4203 -0.0600 0.0266  -0.0019 3 DT B C7    
225 C C6    . DT B 3 ? 0.2970 0.2916 0.2483 -0.0570 0.0106  0.0016  3 DT B C6    
226 P P     . DA B 4 ? 0.3254 0.4749 0.3020 -0.0124 -0.0155 0.0332  4 DA B P     
227 O OP1   . DA B 4 ? 0.4090 0.5897 0.3836 -0.0109 -0.0179 0.0455  4 DA B OP1   
228 O OP2   . DA B 4 ? 0.4120 0.5564 0.3970 -0.0211 -0.0100 0.0410  4 DA B OP2   
229 O "O5'" . DA B 4 ? 0.2934 0.4435 0.2659 0.0139  -0.0219 0.0212  4 DA B "O5'" 
230 C "C5'" . DA B 4 ? 0.2978 0.4427 0.2641 0.0241  -0.0306 0.0103  4 DA B "C5'" 
231 C "C4'" . DA B 4 ? 0.2371 0.3617 0.2064 0.0400  -0.0413 -0.0043 4 DA B "C4'" 
232 O "O4'" . DA B 4 ? 0.2509 0.3447 0.2350 0.0236  -0.0380 -0.0092 4 DA B "O4'" 
233 C "C3'" . DA B 4 ? 0.2268 0.3599 0.1921 0.0587  -0.0442 -0.0040 4 DA B "C3'" 
234 O "O3'" . DA B 4 ? 0.3555 0.4788 0.3127 0.0835  -0.0624 -0.0179 4 DA B "O3'" 
235 C "C2'" . DA B 4 ? 0.2546 0.3658 0.2356 0.0418  -0.0370 -0.0037 4 DA B "C2'" 
236 C "C1'" . DA B 4 ? 0.2628 0.3469 0.2557 0.0269  -0.0377 -0.0104 4 DA B "C1'" 
237 N N9    . DA B 4 ? 0.2753 0.3418 0.2765 0.0060  -0.0240 -0.0057 4 DA B N9    
238 C C8    . DA B 4 ? 0.3048 0.3746 0.2986 -0.0098 -0.0128 0.0027  4 DA B C8    
239 N N7    . DA B 4 ? 0.2941 0.3393 0.2908 -0.0227 -0.0037 0.0027  4 DA B N7    
240 C C5    . DA B 4 ? 0.2118 0.2424 0.2234 -0.0158 -0.0063 -0.0025 4 DA B C5    
241 C C6    . DA B 4 ? 0.2359 0.2437 0.2593 -0.0202 0.0022  -0.0010 4 DA B C6    
242 N N6    . DA B 4 ? 0.2973 0.2884 0.3103 -0.0300 0.0159  0.0024  4 DA B N6    
243 N N1    . DA B 4 ? 0.2729 0.2752 0.3198 -0.0123 -0.0053 -0.0016 4 DA B N1    
244 C C2    . DA B 4 ? 0.2084 0.2204 0.2613 -0.0006 -0.0235 -0.0077 4 DA B C2    
245 N N3    . DA B 4 ? 0.2100 0.2400 0.2453 0.0082  -0.0324 -0.0128 4 DA B N3    
246 C C4    . DA B 4 ? 0.2085 0.2503 0.2254 -0.0001 -0.0211 -0.0080 4 DA B C4    
247 P P     . DT B 5 ? 0.3402 0.4734 0.2803 0.1149  -0.0716 -0.0212 5 DT B P     
248 O OP1   . DT B 5 ? 0.4155 0.5370 0.3380 0.1407  -0.0909 -0.0359 5 DT B OP1   
249 O OP2   . DT B 5 ? 0.4192 0.5892 0.3526 0.1181  -0.0552 -0.0021 5 DT B OP2   
250 O "O5'" . DT B 5 ? 0.3113 0.4168 0.2699 0.1063  -0.0762 -0.0275 5 DT B "O5'" 
251 C "C5'" . DT B 5 ? 0.3343 0.4070 0.3110 0.1001  -0.0913 -0.0391 5 DT B "C5'" 
252 C "C4'" . DT B 5 ? 0.3416 0.3964 0.3418 0.0881  -0.0894 -0.0375 5 DT B "C4'" 
253 O "O4'" . DT B 5 ? 0.2804 0.3350 0.2946 0.0609  -0.0669 -0.0264 5 DT B "O4'" 
254 C "C3'" . DT B 5 ? 0.3258 0.3897 0.3157 0.1035  -0.0898 -0.0361 5 DT B "C3'" 
255 O "O3'" . DT B 5 ? 0.3469 0.3875 0.3419 0.1192  -0.1155 -0.0486 5 DT B "O3'" 
256 C "C2'" . DT B 5 ? 0.2868 0.3512 0.2946 0.0791  -0.0676 -0.0237 5 DT B "C2'" 
257 C "C1'" . DT B 5 ? 0.2667 0.3137 0.2937 0.0563  -0.0613 -0.0226 5 DT B "C1'" 
258 N N1    . DT B 5 ? 0.2181 0.2649 0.2494 0.0334  -0.0382 -0.0119 5 DT B N1    
259 C C2    . DT B 5 ? 0.2115 0.2373 0.2630 0.0198  -0.0307 -0.0091 5 DT B C2    
260 O O2    . DT B 5 ? 0.2545 0.2659 0.3275 0.0231  -0.0413 -0.0112 5 DT B O2    
261 N N3    . DT B 5 ? 0.2263 0.2473 0.2721 0.0036  -0.0120 -0.0021 5 DT B N3    
262 C C4    . DT B 5 ? 0.2434 0.2768 0.2712 -0.0038 -0.0038 0.0027  5 DT B C4    
263 O O4    . DT B 5 ? 0.3023 0.3236 0.3246 -0.0178 0.0079  0.0070  5 DT B O4    
264 C C5    . DT B 5 ? 0.2374 0.2983 0.2538 0.0081  -0.0117 0.0039  5 DT B C5    
265 C C7    . DT B 5 ? 0.2752 0.3562 0.2815 0.0001  -0.0050 0.0152  5 DT B C7    
266 C C6    . DT B 5 ? 0.2131 0.2800 0.2288 0.0277  -0.0265 -0.0037 5 DT B C6    
267 P P     . DA B 6 ? 0.4015 0.4448 0.3807 0.1435  -0.1258 -0.0523 6 DA B P     
268 O OP1   . DA B 6 ? 0.4874 0.5008 0.4516 0.1559  -0.1457 -0.0689 6 DA B OP1   
269 O OP2   . DA B 6 ? 0.4966 0.5755 0.4533 0.1520  -0.1045 -0.0397 6 DA B OP2   
270 O "O5'" . DA B 6 ? 0.4021 0.4300 0.4159 0.1226  -0.1201 -0.0460 6 DA B "O5'" 
271 C "C5'" . DA B 6 ? 0.4199 0.4200 0.4680 0.1096  -0.1346 -0.0489 6 DA B "C5'" 
272 C "C4'" . DA B 6 ? 0.4219 0.4161 0.4992 0.0939  -0.1235 -0.0384 6 DA B "C4'" 
273 O "O4'" . DA B 6 ? 0.4563 0.4615 0.5385 0.0714  -0.0912 -0.0257 6 DA B "O4'" 
274 C "C3'" . DA B 6 ? 0.5065 0.5083 0.5695 0.1095  -0.1254 -0.0389 6 DA B "C3'" 
275 O "O3'" . DA B 6 ? 0.4913 0.4744 0.5852 0.1059  -0.1390 -0.0373 6 DA B "O3'" 
276 C "C2'" . DA B 6 ? 0.5041 0.5287 0.5590 0.0963  -0.0917 -0.0253 6 DA B "C2'" 
277 C "C1'" . DA B 6 ? 0.3635 0.3794 0.4404 0.0698  -0.0749 -0.0181 6 DA B "C1'" 
278 N N9    . DA B 6 ? 0.3348 0.3666 0.3964 0.0574  -0.0509 -0.0101 6 DA B N9    
279 C C8    . DA B 6 ? 0.3274 0.3837 0.3636 0.0661  -0.0463 -0.0076 6 DA B C8    
280 N N7    . DA B 6 ? 0.2843 0.3485 0.3175 0.0489  -0.0280 0.0017  6 DA B N7    
281 C C5    . DA B 6 ? 0.2436 0.2844 0.2946 0.0306  -0.0192 0.0029  6 DA B C5    
282 C C6    . DA B 6 ? 0.2890 0.3196 0.3398 0.0109  -0.0025 0.0088  6 DA B C6    
283 N N6    . DA B 6 ? 0.2954 0.3373 0.3324 0.0020  0.0051  0.0150  6 DA B N6    
284 N N1    . DA B 6 ? 0.2152 0.2231 0.2805 0.0026  0.0047  0.0096  6 DA B N1    
285 C C2    . DA B 6 ? 0.2314 0.2310 0.3187 0.0099  -0.0046 0.0079  6 DA B C2    
286 N N3    . DA B 6 ? 0.3313 0.3364 0.4251 0.0247  -0.0244 0.0020  6 DA B N3    
287 C C4    . DA B 6 ? 0.2976 0.3218 0.3683 0.0359  -0.0309 -0.0021 6 DA B C4    
288 P P     . DC B 7 ? 0.4921 0.4707 0.5705 0.1256  -0.1560 -0.0441 7 DC B P     
289 O OP1   . DC B 7 ? 0.6885 0.6372 0.7809 0.1194  -0.1801 -0.0524 7 DC B OP1   
290 O OP2   . DC B 7 ? 0.5313 0.5303 0.5618 0.1470  -0.1488 -0.0488 7 DC B OP2   
291 O "O5'" . DC B 7 ? 0.4401 0.4270 0.5429 0.1137  -0.1356 -0.0289 7 DC B "O5'" 
292 C "C5'" . DC B 7 ? 0.4139 0.3901 0.5593 0.0897  -0.1245 -0.0166 7 DC B "C5'" 
293 C "C4'" . DC B 7 ? 0.2996 0.2880 0.4469 0.0757  -0.0903 -0.0029 7 DC B "C4'" 
294 O "O4'" . DC B 7 ? 0.2412 0.2406 0.3689 0.0655  -0.0676 -0.0006 7 DC B "O4'" 
295 C "C3'" . DC B 7 ? 0.3317 0.3336 0.4596 0.0888  -0.0861 -0.0013 7 DC B "C3'" 
296 O "O3'" . DC B 7 ? 0.2693 0.2637 0.4249 0.0839  -0.0843 0.0074  7 DC B "O3'" 
297 C "C2'" . DC B 7 ? 0.4217 0.4418 0.5297 0.0794  -0.0567 0.0066  7 DC B "C2'" 
298 C "C1'" . DC B 7 ? 0.2688 0.2792 0.3873 0.0599  -0.0450 0.0084  7 DC B "C1'" 
299 N N1    . DC B 7 ? 0.2264 0.2510 0.3210 0.0542  -0.0304 0.0101  7 DC B N1    
300 C C2    . DC B 7 ? 0.2243 0.2408 0.3219 0.0344  -0.0103 0.0164  7 DC B C2    
301 O O2    . DC B 7 ? 0.2350 0.2338 0.3526 0.0252  -0.0026 0.0206  7 DC B O2    
302 N N3    . DC B 7 ? 0.2170 0.2447 0.2954 0.0277  -0.0011 0.0188  7 DC B N3    
303 C C4    . DC B 7 ? 0.2226 0.2746 0.2834 0.0402  -0.0076 0.0187  7 DC B C4    
304 N N4    . DC B 7 ? 0.2698 0.3352 0.3186 0.0317  0.0009  0.0253  7 DC B N4    
305 C C5    . DC B 7 ? 0.2925 0.3554 0.3460 0.0642  -0.0242 0.0133  7 DC B C5    
306 C C6    . DC B 7 ? 0.2337 0.2797 0.3024 0.0702  -0.0366 0.0074  7 DC B C6    
307 P P     . DG B 8 ? 0.2848 0.2893 0.4273 0.1004  -0.0879 0.0087  8 DG B P     
308 O OP1   . DG B 8 ? 0.3124 0.3015 0.4894 0.0996  -0.1041 0.0123  8 DG B OP1   
309 O OP2   . DG B 8 ? 0.3569 0.3748 0.4588 0.1254  -0.1013 -0.0020 8 DG B OP2   
310 O "O5'" . DG B 8 ? 0.2776 0.2952 0.4175 0.0867  -0.0530 0.0231  8 DG B "O5'" 
311 C "C5'" . DG B 8 ? 0.2604 0.2661 0.4292 0.0693  -0.0357 0.0346  8 DG B "C5'" 
312 C "C4'" . DG B 8 ? 0.2933 0.3078 0.4558 0.0657  -0.0138 0.0456  8 DG B "C4'" 
313 O "O4'" . DG B 8 ? 0.2433 0.2696 0.3821 0.0601  0.0004  0.0474  8 DG B "O4'" 
314 C "C3'" . DG B 8 ? 0.2895 0.3181 0.4440 0.0837  -0.0232 0.0474  8 DG B "C3'" 
315 O "O3'" . DG B 8 ? 0.3395 0.3567 0.5218 0.0842  -0.0299 0.0518  8 DG B "O3'" 
316 C "C2'" . DG B 8 ? 0.2409 0.2842 0.3830 0.0781  -0.0001 0.0595  8 DG B "C2'" 
317 C "C1'" . DG B 8 ? 0.2336 0.2732 0.3667 0.0621  0.0120  0.0584  8 DG B "C1'" 
318 N N9    . DG B 8 ? 0.2707 0.3345 0.3814 0.0677  0.0137  0.0616  8 DG B N9    
319 C C8    . DG B 8 ? 0.2445 0.3337 0.3362 0.0910  0.0027  0.0613  8 DG B C8    
320 N N7    . DG B 8 ? 0.2600 0.3719 0.3378 0.0917  0.0098  0.0695  8 DG B N7    
321 C C5    . DG B 8 ? 0.2343 0.3315 0.3228 0.0652  0.0229  0.0733  8 DG B C5    
322 C C6    . DG B 8 ? 0.2317 0.3401 0.3167 0.0523  0.0316  0.0833  8 DG B C6    
323 O O6    . DG B 8 ? 0.2816 0.4215 0.3577 0.0614  0.0318  0.0943  8 DG B O6    
324 N N1    . DG B 8 ? 0.2378 0.3172 0.3307 0.0281  0.0395  0.0811  8 DG B N1    
325 C C2    . DG B 8 ? 0.2558 0.3033 0.3579 0.0206  0.0431  0.0730  8 DG B C2    
326 N N2    . DG B 8 ? 0.2800 0.3010 0.3812 0.0026  0.0515  0.0718  8 DG B N2    
327 N N3    . DG B 8 ? 0.2316 0.2736 0.3429 0.0318  0.0377  0.0676  8 DG B N3    
328 C C4    . DG B 8 ? 0.2312 0.2974 0.3357 0.0523  0.0260  0.0672  8 DG B C4    
329 P P     . DC C 1 ? 1.0833 1.1568 1.3433 0.0986  -0.1362 -0.1403 1 DC D P     
330 O OP1   . DC C 1 ? 1.0786 1.1133 1.3456 0.1084  -0.1567 -0.1418 1 DC D OP1   
331 O OP2   . DC C 1 ? 0.9166 1.0407 1.2136 0.0881  -0.1130 -0.1617 1 DC D OP2   
332 O "O5'" . DC C 1 ? 1.0366 1.1024 1.2441 0.0878  -0.1151 -0.1237 1 DC D "O5'" 
333 C "C5'" . DC C 1 ? 0.6953 0.7207 0.8457 0.0840  -0.1201 -0.0984 1 DC D "C5'" 
334 C "C4'" . DC C 1 ? 0.5177 0.4980 0.6340 0.0858  -0.1230 -0.0884 1 DC D "C4'" 
335 O "O4'" . DC C 1 ? 0.3845 0.3860 0.5256 0.0859  -0.1089 -0.1030 1 DC D "O4'" 
336 C "C3'" . DC C 1 ? 0.4616 0.4185 0.5241 0.0745  -0.1081 -0.0688 1 DC D "C3'" 
337 O "O3'" . DC C 1 ? 0.4695 0.3735 0.4956 0.0754  -0.1167 -0.0588 1 DC D "O3'" 
338 C "C2'" . DC C 1 ? 0.3193 0.3159 0.3953 0.0660  -0.0821 -0.0753 1 DC D "C2'" 
339 C "C1'" . DC C 1 ? 0.3364 0.3457 0.4493 0.0734  -0.0852 -0.0945 1 DC D "C1'" 
340 N N1    . DC C 1 ? 0.3566 0.4174 0.4998 0.0652  -0.0660 -0.1107 1 DC D N1    
341 C C2    . DC C 1 ? 0.2675 0.3406 0.3930 0.0524  -0.0465 -0.1056 1 DC D C2    
342 O O2    . DC C 1 ? 0.3188 0.3628 0.4113 0.0499  -0.0442 -0.0893 1 DC D O2    
343 N N3    . DC C 1 ? 0.2453 0.3605 0.3898 0.0407  -0.0310 -0.1192 1 DC D N3    
344 C C4    . DC C 1 ? 0.2849 0.4311 0.4660 0.0411  -0.0299 -0.1399 1 DC D C4    
345 N N4    . DC C 1 ? 0.3258 0.5100 0.5173 0.0248  -0.0117 -0.1541 1 DC D N4    
346 C C5    . DC C 1 ? 0.3044 0.4428 0.5135 0.0561  -0.0478 -0.1475 1 DC D C5    
347 C C6    . DC C 1 ? 0.3163 0.4110 0.5047 0.0681  -0.0677 -0.1312 1 DC D C6    
348 P P     . DG C 2 ? 0.6005 0.4468 0.5752 0.0722  -0.1347 -0.0418 2 DG D P     
349 O OP1   . DG C 2 ? 0.6459 0.4417 0.5969 0.0743  -0.1503 -0.0373 2 DG D OP1   
350 O OP2   . DG C 2 ? 0.5820 0.4389 0.5727 0.0767  -0.1527 -0.0432 2 DG D OP2   
351 O "O5'" . DG C 2 ? 0.5664 0.4050 0.5003 0.0577  -0.1084 -0.0298 2 DG D "O5'" 
352 C "C5'" . DG C 2 ? 0.4989 0.3258 0.4152 0.0506  -0.0888 -0.0269 2 DG D "C5'" 
353 C "C4'" . DG C 2 ? 0.4788 0.3022 0.3702 0.0379  -0.0653 -0.0186 2 DG D "C4'" 
354 O "O4'" . DG C 2 ? 0.4518 0.3286 0.3793 0.0372  -0.0509 -0.0222 2 DG D "O4'" 
355 C "C3'" . DG C 2 ? 0.4676 0.2567 0.3199 0.0308  -0.0699 -0.0100 2 DG D "C3'" 
356 O "O3'" . DG C 2 ? 0.5639 0.3264 0.3832 0.0172  -0.0466 -0.0051 2 DG D "O3'" 
357 C "C2'" . DG C 2 ? 0.5073 0.3408 0.3910 0.0340  -0.0689 -0.0125 2 DG D "C2'" 
358 C "C1'" . DG C 2 ? 0.4275 0.3093 0.3497 0.0340  -0.0506 -0.0175 2 DG D "C1'" 
359 N N9    . DG C 2 ? 0.3606 0.2915 0.3228 0.0387  -0.0553 -0.0244 2 DG D N9    
360 C C8    . DG C 2 ? 0.3674 0.3113 0.3502 0.0470  -0.0738 -0.0323 2 DG D C8    
361 N N7    . DG C 2 ? 0.3525 0.3436 0.3696 0.0460  -0.0692 -0.0398 2 DG D N7    
362 C C5    . DG C 2 ? 0.2588 0.2665 0.2748 0.0365  -0.0501 -0.0341 2 DG D C5    
363 C C6    . DG C 2 ? 0.2663 0.3165 0.3044 0.0282  -0.0404 -0.0358 2 DG D C6    
364 O O6    . DG C 2 ? 0.2841 0.3678 0.3449 0.0259  -0.0425 -0.0446 2 DG D O6    
365 N N1    . DG C 2 ? 0.2006 0.2505 0.2324 0.0200  -0.0274 -0.0263 2 DG D N1    
366 C C2    . DG C 2 ? 0.2281 0.2449 0.2402 0.0201  -0.0206 -0.0194 2 DG D C2    
367 N N2    . DG C 2 ? 0.2097 0.2345 0.2295 0.0122  -0.0092 -0.0126 2 DG D N2    
368 N N3    . DG C 2 ? 0.2792 0.2561 0.2662 0.0255  -0.0252 -0.0193 2 DG D N3    
369 C C4    . DG C 2 ? 0.2650 0.2379 0.2528 0.0335  -0.0418 -0.0254 2 DG D C4    
370 P P     . DT C 3 ? 0.6114 0.3337 0.3831 0.0034  -0.0397 0.0007  3 DT D P     
371 O OP1   . DT C 3 ? 0.6632 0.3434 0.3958 -0.0109 -0.0212 0.0020  3 DT D OP1   
372 O OP2   . DT C 3 ? 0.7018 0.4038 0.4540 0.0063  -0.0676 0.0044  3 DT D OP2   
373 O "O5'" . DT C 3 ? 0.5929 0.3579 0.3986 0.0021  -0.0188 -0.0015 3 DT D "O5'" 
374 C "C5'" . DT C 3 ? 0.4866 0.2810 0.3248 0.0011  0.0020  -0.0043 3 DT D "C5'" 
375 C "C4'" . DT C 3 ? 0.4069 0.2420 0.2822 0.0019  0.0104  -0.0041 3 DT D "C4'" 
376 O "O4'" . DT C 3 ? 0.4045 0.2795 0.3098 0.0118  -0.0068 -0.0048 3 DT D "O4'" 
377 C "C3'" . DT C 3 ? 0.5761 0.3919 0.4321 -0.0055 0.0169  -0.0029 3 DT D "C3'" 
378 O "O3'" . DT C 3 ? 0.6311 0.4529 0.5071 -0.0127 0.0414  -0.0052 3 DT D "O3'" 
379 C "C2'" . DT C 3 ? 0.5764 0.4269 0.4571 0.0023  0.0002  -0.0011 3 DT D "C2'" 
380 C "C1'" . DT C 3 ? 0.4024 0.2968 0.3224 0.0101  -0.0054 -0.0024 3 DT D "C1'" 
381 N N1    . DT C 3 ? 0.4313 0.3561 0.3703 0.0175  -0.0241 -0.0048 3 DT D N1    
382 C C2    . DT C 3 ? 0.3451 0.3151 0.3193 0.0167  -0.0225 -0.0050 3 DT D C2    
383 O O2    . DT C 3 ? 0.3483 0.3327 0.3391 0.0112  -0.0109 -0.0009 3 DT D O2    
384 N N3    . DT C 3 ? 0.2772 0.2733 0.2675 0.0208  -0.0359 -0.0103 3 DT D N3    
385 C C4    . DT C 3 ? 0.3367 0.3213 0.3209 0.0282  -0.0526 -0.0160 3 DT D C4    
386 O O4    . DT C 3 ? 0.3696 0.3830 0.3782 0.0313  -0.0619 -0.0236 3 DT D O4    
387 C C5    . DT C 3 ? 0.4642 0.3987 0.4116 0.0301  -0.0591 -0.0129 3 DT D C5    
388 C C7    . DT C 3 ? 0.5531 0.4668 0.4924 0.0374  -0.0837 -0.0161 3 DT D C7    
389 C C6    . DT C 3 ? 0.4401 0.3462 0.3626 0.0233  -0.0435 -0.0074 3 DT D C6    
390 P P     . DA C 4 ? 0.5560 0.3536 0.4176 -0.0235 0.0591  -0.0087 4 DA D P     
391 O OP1   . DA C 4 ? 0.6414 0.4078 0.4864 -0.0359 0.0851  -0.0156 4 DA D OP1   
392 O OP2   . DA C 4 ? 0.7292 0.5057 0.5546 -0.0244 0.0431  -0.0066 4 DA D OP2   
393 O "O5'" . DA C 4 ? 0.4345 0.2773 0.3558 -0.0191 0.0635  -0.0072 4 DA D "O5'" 
394 C "C5'" . DA C 4 ? 0.3668 0.2407 0.3322 -0.0162 0.0679  -0.0058 4 DA D "C5'" 
395 C "C4'" . DA C 4 ? 0.3107 0.2237 0.3237 -0.0128 0.0602  0.0000  4 DA D "C4'" 
396 O "O4'" . DA C 4 ? 0.2683 0.2052 0.2773 -0.0068 0.0379  0.0057  4 DA D "O4'" 
397 C "C3'" . DA C 4 ? 0.3118 0.2159 0.3369 -0.0170 0.0701  -0.0023 4 DA D "C3'" 
398 O "O3'" . DA C 4 ? 0.2844 0.2177 0.3661 -0.0163 0.0690  0.0022  4 DA D "O3'" 
399 C "C2'" . DA C 4 ? 0.3550 0.2604 0.3550 -0.0140 0.0525  0.0016  4 DA D "C2'" 
400 C "C1'" . DA C 4 ? 0.2921 0.2312 0.3018 -0.0074 0.0326  0.0079  4 DA D "C1'" 
401 N N9    . DA C 4 ? 0.3028 0.2401 0.2844 -0.0032 0.0160  0.0075  4 DA D N9    
402 C C8    . DA C 4 ? 0.3430 0.2454 0.2823 -0.0029 0.0123  0.0037  4 DA D C8    
403 N N7    . DA C 4 ? 0.3263 0.2383 0.2589 0.0028  -0.0073 0.0038  4 DA D N7    
404 C C5    . DA C 4 ? 0.2696 0.2262 0.2389 0.0046  -0.0127 0.0061  4 DA D C5    
405 C C6    . DA C 4 ? 0.2645 0.2523 0.2489 0.0080  -0.0276 0.0043  4 DA D C6    
406 N N6    . DA C 4 ? 0.3263 0.3071 0.2991 0.0134  -0.0426 -0.0009 4 DA D N6    
407 N N1    . DA C 4 ? 0.2168 0.2419 0.2297 0.0037  -0.0270 0.0071  4 DA D N1    
408 C C2    . DA C 4 ? 0.2199 0.2499 0.2483 -0.0017 -0.0173 0.0137  4 DA D C2    
409 N N3    . DA C 4 ? 0.2836 0.2896 0.3102 -0.0025 -0.0046 0.0153  4 DA D N3    
410 C C4    . DA C 4 ? 0.2724 0.2426 0.2678 0.0003  -0.0003 0.0101  4 DA D C4    
411 P P     . DT C 5 ? 0.3385 0.2656 0.4558 -0.0200 0.0818  -0.0021 5 DT D P     
412 O OP1   . DT C 5 ? 0.3311 0.2809 0.5102 -0.0194 0.0813  0.0011  5 DT D OP1   
413 O OP2   . DT C 5 ? 0.3764 0.2630 0.4585 -0.0271 0.1051  -0.0156 5 DT D OP2   
414 O "O5'" . DT C 5 ? 0.3200 0.2614 0.4355 -0.0176 0.0623  0.0069  5 DT D "O5'" 
415 C "C5'" . DT C 5 ? 0.3172 0.2926 0.4513 -0.0154 0.0397  0.0198  5 DT D "C5'" 
416 C "C4'" . DT C 5 ? 0.3160 0.2981 0.4336 -0.0157 0.0255  0.0249  5 DT D "C4'" 
417 O "O4'" . DT C 5 ? 0.3101 0.2872 0.3836 -0.0130 0.0199  0.0216  5 DT D "O4'" 
418 C "C3'" . DT C 5 ? 0.3883 0.3486 0.5064 -0.0180 0.0349  0.0196  5 DT D "C3'" 
419 O "O3'" . DT C 5 ? 0.4971 0.4726 0.6587 -0.0198 0.0257  0.0281  5 DT D "O3'" 
420 C "C2'" . DT C 5 ? 0.4215 0.3748 0.4940 -0.0176 0.0256  0.0186  5 DT D "C2'" 
421 C "C1'" . DT C 5 ? 0.3140 0.2906 0.3753 -0.0141 0.0114  0.0228  5 DT D "C1'" 
422 N N1    . DT C 5 ? 0.3001 0.2637 0.3199 -0.0110 0.0054  0.0175  5 DT D N1    
423 C C2    . DT C 5 ? 0.2536 0.2424 0.2717 -0.0089 -0.0112 0.0194  5 DT D C2    
424 O O2    . DT C 5 ? 0.2799 0.2998 0.3212 -0.0122 -0.0187 0.0253  5 DT D O2    
425 N N3    . DT C 5 ? 0.2730 0.2474 0.2617 -0.0047 -0.0191 0.0137  5 DT D N3    
426 C C4    . DT C 5 ? 0.2637 0.1975 0.2167 -0.0044 -0.0149 0.0092  5 DT D C4    
427 O O4    . DT C 5 ? 0.3221 0.2422 0.2510 -0.0010 -0.0283 0.0064  5 DT D O4    
428 C C5    . DT C 5 ? 0.3521 0.2591 0.2994 -0.0101 0.0057  0.0073  5 DT D C5    
429 C C7    . DT C 5 ? 0.3629 0.2209 0.2634 -0.0158 0.0148  0.0015  5 DT D C7    
430 C C6    . DT C 5 ? 0.3802 0.3053 0.3654 -0.0120 0.0160  0.0101  5 DT D C6    
431 P P     . DA C 6 ? 0.4047 0.3629 0.5801 -0.0223 0.0323  0.0237  6 DA D P     
432 O OP1   . DA C 6 ? 0.4925 0.4594 0.7308 -0.0224 0.0294  0.0287  6 DA D OP1   
433 O OP2   . DA C 6 ? 0.4315 0.3553 0.5701 -0.0245 0.0535  0.0082  6 DA D OP2   
434 O "O5'" . DA C 6 ? 0.3966 0.3688 0.5504 -0.0244 0.0121  0.0333  6 DA D "O5'" 
435 C "C5'" . DA C 6 ? 0.2097 0.2120 0.3751 -0.0275 -0.0090 0.0477  6 DA D "C5'" 
436 C "C4'" . DA C 6 ? 0.1983 0.2104 0.3322 -0.0305 -0.0204 0.0497  6 DA D "C4'" 
437 O "O4'" . DA C 6 ? 0.2487 0.2591 0.3464 -0.0260 -0.0171 0.0413  6 DA D "O4'" 
438 C "C3'" . DA C 6 ? 0.2635 0.2564 0.3899 -0.0320 -0.0168 0.0452  6 DA D "C3'" 
439 O "O3'" . DA C 6 ? 0.2739 0.2768 0.4266 -0.0385 -0.0295 0.0564  6 DA D "O3'" 
440 C "C2'" . DA C 6 ? 0.3804 0.3760 0.4663 -0.0314 -0.0225 0.0400  6 DA D "C2'" 
441 C "C1'" . DA C 6 ? 0.3551 0.3603 0.4268 -0.0265 -0.0222 0.0370  6 DA D "C1'" 
442 N N9    . DA C 6 ? 0.2819 0.2601 0.3198 -0.0217 -0.0143 0.0265  6 DA D N9    
443 C C8    . DA C 6 ? 0.3043 0.2498 0.3307 -0.0216 0.0028  0.0191  6 DA D C8    
444 N N7    . DA C 6 ? 0.3292 0.2502 0.3150 -0.0205 0.0038  0.0125  6 DA D N7    
445 C C5    . DA C 6 ? 0.2988 0.2406 0.2774 -0.0171 -0.0156 0.0150  6 DA D C5    
446 C C6    . DA C 6 ? 0.2558 0.1872 0.2046 -0.0135 -0.0285 0.0112  6 DA D C6    
447 N N6    . DA C 6 ? 0.3395 0.2309 0.2487 -0.0149 -0.0260 0.0068  6 DA D N6    
448 N N1    . DA C 6 ? 0.2872 0.2491 0.2495 -0.0102 -0.0451 0.0116  6 DA D N1    
449 C C2    . DA C 6 ? 0.2521 0.2504 0.2461 -0.0132 -0.0465 0.0160  6 DA D C2    
450 N N3    . DA C 6 ? 0.2744 0.2816 0.2899 -0.0183 -0.0381 0.0228  6 DA D N3    
451 C C4    . DA C 6 ? 0.2701 0.2484 0.2805 -0.0184 -0.0238 0.0219  6 DA D C4    
452 P P     . DC C 7 ? 0.3276 0.3078 0.4978 -0.0401 -0.0243 0.0532  7 DC D P     
453 O OP1   . DC C 7 ? 0.2982 0.2905 0.5040 -0.0467 -0.0421 0.0693  7 DC D OP1   
454 O OP2   . DC C 7 ? 0.4255 0.3784 0.6038 -0.0352 -0.0013 0.0384  7 DC D OP2   
455 O "O5'" . DC C 7 ? 0.3023 0.2783 0.4327 -0.0430 -0.0273 0.0482  7 DC D "O5'" 
456 C "C5'" . DC C 7 ? 0.2743 0.2760 0.3928 -0.0489 -0.0437 0.0563  7 DC D "C5'" 
457 C "C4'" . DC C 7 ? 0.2761 0.2728 0.3598 -0.0484 -0.0445 0.0470  7 DC D "C4'" 
458 O "O4'" . DC C 7 ? 0.2675 0.2564 0.3267 -0.0409 -0.0380 0.0378  7 DC D "O4'" 
459 C "C3'" . DC C 7 ? 0.2675 0.2349 0.3432 -0.0502 -0.0379 0.0399  7 DC D "C3'" 
460 O "O3'" . DC C 7 ? 0.2810 0.2594 0.3581 -0.0579 -0.0500 0.0449  7 DC D "O3'" 
461 C "C2'" . DC C 7 ? 0.3346 0.2804 0.3695 -0.0461 -0.0320 0.0275  7 DC D "C2'" 
462 C "C1'" . DC C 7 ? 0.2953 0.2627 0.3236 -0.0405 -0.0380 0.0288  7 DC D "C1'" 
463 N N1    . DC C 7 ? 0.3504 0.2926 0.3512 -0.0354 -0.0287 0.0206  7 DC D N1    
464 C C2    . DC C 7 ? 0.3244 0.2678 0.2995 -0.0315 -0.0396 0.0169  7 DC D C2    
465 O O2    . DC C 7 ? 0.2874 0.2570 0.2699 -0.0313 -0.0546 0.0183  7 DC D O2    
466 N N3    . DC C 7 ? 0.2874 0.2020 0.2326 -0.0290 -0.0338 0.0114  7 DC D N3    
467 C C4    . DC C 7 ? 0.3057 0.1934 0.2446 -0.0320 -0.0138 0.0075  7 DC D C4    
468 N N4    . DC C 7 ? 0.3219 0.1785 0.2246 -0.0331 -0.0077 0.0021  7 DC D N4    
469 C C5    . DC C 7 ? 0.3013 0.1911 0.2733 -0.0351 0.0005  0.0080  7 DC D C5    
470 C C6    . DC C 7 ? 0.2568 0.1730 0.2594 -0.0359 -0.0097 0.0156  7 DC D C6    
471 P P     . DG C 8 ? 0.3740 0.3264 0.4508 -0.0628 -0.0467 0.0405  8 DG D P     
472 O OP1   . DG C 8 ? 0.4058 0.3756 0.5020 -0.0722 -0.0605 0.0525  8 DG D OP1   
473 O OP2   . DG C 8 ? 0.4308 0.3515 0.5169 -0.0594 -0.0281 0.0314  8 DG D OP2   
474 O "O5'" . DG C 8 ? 0.5078 0.4517 0.5447 -0.0634 -0.0507 0.0306  8 DG D "O5'" 
475 C "C5'" . DG C 8 ? 0.4838 0.3914 0.4958 -0.0644 -0.0404 0.0193  8 DG D "C5'" 
476 C "C4'" . DG C 8 ? 0.4069 0.3106 0.3915 -0.0696 -0.0532 0.0153  8 DG D "C4'" 
477 O "O4'" . DG C 8 ? 0.3930 0.2796 0.3392 -0.0666 -0.0561 0.0081  8 DG D "O4'" 
478 C "C3'" . DG C 8 ? 0.4095 0.2846 0.3870 -0.0781 -0.0478 0.0093  8 DG D "C3'" 
479 O "O3'" . DG C 8 ? 0.3815 0.2783 0.3799 -0.0841 -0.0606 0.0169  8 DG D "O3'" 
480 C "C2'" . DG C 8 ? 0.3812 0.2260 0.3083 -0.0821 -0.0511 -0.0009 8 DG D "C2'" 
481 C "C1'" . DG C 8 ? 0.3665 0.2143 0.2759 -0.0743 -0.0537 -0.0008 8 DG D "C1'" 
482 N N9    . DG C 8 ? 0.3942 0.2056 0.2771 -0.0758 -0.0342 -0.0089 8 DG D N9    
483 C C8    . DG C 8 ? 0.4264 0.2165 0.3209 -0.0794 -0.0088 -0.0163 8 DG D C8    
484 N N7    . DG C 8 ? 0.4581 0.2174 0.3215 -0.0830 0.0076  -0.0252 8 DG D N7    
485 C C5    . DG C 8 ? 0.4659 0.2238 0.2927 -0.0807 -0.0114 -0.0207 8 DG D C5    
486 C C6    . DG C 8 ? 0.5579 0.2854 0.3381 -0.0842 -0.0085 -0.0242 8 DG D C6    
487 O O6    . DG C 8 ? 0.6337 0.3288 0.3907 -0.0923 0.0155  -0.0337 8 DG D O6    
488 N N1    . DG C 8 ? 0.5064 0.2428 0.2687 -0.0789 -0.0371 -0.0167 8 DG D N1    
489 C C2    . DG C 8 ? 0.4852 0.2586 0.2756 -0.0715 -0.0615 -0.0098 8 DG D C2    
490 N N2    . DG C 8 ? 0.4640 0.2422 0.2423 -0.0663 -0.0870 -0.0062 8 DG D N2    
491 N N3    . DG C 8 ? 0.4137 0.2163 0.2436 -0.0705 -0.0610 -0.0074 8 DG D N3    
492 C C4    . DG C 8 ? 0.4304 0.2216 0.2740 -0.0752 -0.0371 -0.0117 8 DG D C4    
493 P P     . DC D 1 ? 1.1685 1.0202 1.0080 0.0459  0.0361  0.0174  1 DC E P     
494 O OP1   . DC D 1 ? 0.5893 0.4811 0.4666 0.0523  0.0259  0.0165  1 DC E OP1   
495 O OP2   . DC D 1 ? 1.2404 1.0591 1.0585 0.0422  0.0457  0.0193  1 DC E OP2   
496 O "O5'" . DC D 1 ? 1.2433 1.0811 1.0466 0.0509  0.0195  0.0182  1 DC E "O5'" 
497 C "C5'" . DC D 1 ? 0.9488 0.7757 0.7328 0.0424  0.0251  0.0167  1 DC E "C5'" 
498 C "C4'" . DC D 1 ? 0.6168 0.4567 0.3941 0.0509  0.0037  0.0160  1 DC E "C4'" 
499 O "O4'" . DC D 1 ? 0.6159 0.4558 0.3855 0.0421  0.0114  0.0133  1 DC E "O4'" 
500 C "C3'" . DC D 1 ? 0.5641 0.4493 0.3838 0.0610  -0.0076 0.0125  1 DC E "C3'" 
501 O "O3'" . DC D 1 ? 0.5636 0.4557 0.3772 0.0706  -0.0290 0.0096  1 DC E "O3'" 
502 C "C2'" . DC D 1 ? 0.4753 0.3832 0.3204 0.0525  0.0053  0.0104  1 DC E "C2'" 
503 C "C1'" . DC D 1 ? 0.4669 0.3486 0.2794 0.0443  0.0117  0.0098  1 DC E "C1'" 
504 N N1    . DC D 1 ? 0.4966 0.3785 0.3256 0.0318  0.0335  0.0069  1 DC E N1    
505 C C2    . DC D 1 ? 0.4465 0.3612 0.3138 0.0307  0.0339  0.0047  1 DC E C2    
506 O O2    . DC D 1 ? 0.3345 0.2771 0.2162 0.0382  0.0183  0.0053  1 DC E O2    
507 N N3    . DC D 1 ? 0.4289 0.3433 0.3191 0.0203  0.0513  0.0011  1 DC E N3    
508 C C4    . DC D 1 ? 0.4610 0.3464 0.3383 0.0104  0.0710  -0.0033 1 DC E C4    
509 N N4    . DC D 1 ? 0.4705 0.3587 0.3805 0.0004  0.0885  -0.0103 1 DC E N4    
510 C C5    . DC D 1 ? 0.4775 0.3282 0.3094 0.0089  0.0736  -0.0015 1 DC E C5    
511 C C6    . DC D 1 ? 0.4819 0.3309 0.2902 0.0202  0.0529  0.0049  1 DC E C6    
512 P P     . DG D 2 ? 0.5873 0.4841 0.4107 0.0843  -0.0484 0.0066  2 DG E P     
513 O OP1   . DG D 2 ? 0.6173 0.5052 0.4260 0.0919  -0.0711 0.0044  2 DG E OP1   
514 O OP2   . DG D 2 ? 0.5735 0.4453 0.3860 0.0840  -0.0423 0.0115  2 DG E OP2   
515 O "O5'" . DG D 2 ? 0.4759 0.4214 0.3457 0.0865  -0.0466 -0.0015 2 DG E "O5'" 
516 C "C5'" . DG D 2 ? 0.3939 0.3697 0.2816 0.0877  -0.0538 -0.0091 2 DG E "C5'" 
517 C "C4'" . DG D 2 ? 0.2891 0.3041 0.2129 0.0854  -0.0504 -0.0173 2 DG E "C4'" 
518 O "O4'" . DG D 2 ? 0.3074 0.3296 0.2389 0.0733  -0.0346 -0.0108 2 DG E "O4'" 
519 C "C3'" . DG D 2 ? 0.2883 0.3072 0.2268 0.0920  -0.0547 -0.0234 2 DG E "C3'" 
520 O "O3'" . DG D 2 ? 0.3147 0.3715 0.2836 0.0902  -0.0567 -0.0376 2 DG E "O3'" 
521 C "C2'" . DG D 2 ? 0.3101 0.3185 0.2454 0.0843  -0.0396 -0.0145 2 DG E "C2'" 
522 C "C1'" . DG D 2 ? 0.3269 0.3490 0.2678 0.0719  -0.0291 -0.0097 2 DG E "C1'" 
523 N N9    . DG D 2 ? 0.2738 0.2748 0.2069 0.0650  -0.0161 0.0006  2 DG E N9    
524 C C8    . DG D 2 ? 0.3196 0.2854 0.2287 0.0667  -0.0104 0.0061  2 DG E C8    
525 N N7    . DG D 2 ? 0.3482 0.3046 0.2622 0.0579  0.0039  0.0110  2 DG E N7    
526 C C5    . DG D 2 ? 0.2808 0.2667 0.2241 0.0510  0.0038  0.0109  2 DG E C5    
527 C C6    . DG D 2 ? 0.2687 0.2584 0.2353 0.0410  0.0121  0.0151  2 DG E C6    
528 O O6    . DG D 2 ? 0.3140 0.2847 0.2851 0.0367  0.0244  0.0170  2 DG E O6    
529 N N1    . DG D 2 ? 0.2166 0.2339 0.2040 0.0343  0.0042  0.0159  2 DG E N1    
530 C C2    . DG D 2 ? 0.2323 0.2722 0.2166 0.0354  -0.0058 0.0106  2 DG E C2    
531 N N2    . DG D 2 ? 0.1919 0.2531 0.1911 0.0241  -0.0112 0.0119  2 DG E N2    
532 N N3    . DG D 2 ? 0.2261 0.2663 0.1957 0.0456  -0.0110 0.0035  2 DG E N3    
533 C C4    . DG D 2 ? 0.2390 0.2508 0.1892 0.0539  -0.0077 0.0052  2 DG E C4    
534 P P     . DT D 3 ? 0.3768 0.4479 0.3709 0.0949  -0.0595 -0.0510 3 DT E P     
535 O OP1   . DT D 3 ? 0.4153 0.5184 0.4370 0.0960  -0.0659 -0.0698 3 DT E OP1   
536 O OP2   . DT D 3 ? 0.4395 0.4765 0.4204 0.1064  -0.0673 -0.0453 3 DT E OP2   
537 O "O5'" . DT D 3 ? 0.2689 0.3553 0.2695 0.0796  -0.0433 -0.0486 3 DT E "O5'" 
538 C "C5'" . DT D 3 ? 0.3160 0.4271 0.3221 0.0646  -0.0366 -0.0497 3 DT E "C5'" 
539 C "C4'" . DT D 3 ? 0.2800 0.3917 0.2838 0.0501  -0.0264 -0.0408 3 DT E "C4'" 
540 O "O4'" . DT D 3 ? 0.2475 0.3326 0.2366 0.0511  -0.0230 -0.0238 3 DT E "O4'" 
541 C "C3'" . DT D 3 ? 0.2521 0.3651 0.2643 0.0490  -0.0226 -0.0468 3 DT E "C3'" 
542 O "O3'" . DT D 3 ? 0.4002 0.5315 0.4159 0.0293  -0.0163 -0.0485 3 DT E "O3'" 
543 C "C2'" . DT D 3 ? 0.2594 0.3409 0.2579 0.0549  -0.0198 -0.0314 3 DT E "C2'" 
544 C "C1'" . DT D 3 ? 0.2500 0.3270 0.2412 0.0465  -0.0172 -0.0189 3 DT E "C1'" 
545 N N1    . DT D 3 ? 0.2735 0.3212 0.2540 0.0501  -0.0122 -0.0063 3 DT E N1    
546 C C2    . DT D 3 ? 0.2674 0.3132 0.2550 0.0391  -0.0074 0.0034  3 DT E C2    
547 O O2    . DT D 3 ? 0.2605 0.3246 0.2585 0.0265  -0.0102 0.0045  3 DT E O2    
548 N N3    . DT D 3 ? 0.3068 0.3268 0.2898 0.0418  0.0002  0.0106  3 DT E N3    
549 C C4    . DT D 3 ? 0.2793 0.2724 0.2430 0.0516  0.0041  0.0106  3 DT E C4    
550 O O4    . DT D 3 ? 0.3290 0.2993 0.2878 0.0498  0.0141  0.0151  3 DT E O4    
551 C C5    . DT D 3 ? 0.3713 0.3638 0.3228 0.0626  -0.0050 0.0037  3 DT E C5    
552 C C7    . DT D 3 ? 0.4514 0.4098 0.3770 0.0718  -0.0063 0.0056  3 DT E C7    
553 C C6    . DT D 3 ? 0.3075 0.3286 0.2723 0.0626  -0.0129 -0.0052 3 DT E C6    
554 P P     . DA D 4 ? 0.3161 0.4746 0.3465 0.0182  -0.0113 -0.0694 4 DA E P     
555 O OP1   . DA D 4 ? 0.3617 0.5430 0.4044 0.0182  -0.0130 -0.0860 4 DA E OP1   
556 O OP2   . DA D 4 ? 0.4128 0.5617 0.4511 0.0274  -0.0093 -0.0746 4 DA E OP2   
557 O "O5'" . DA D 4 ? 0.2853 0.4499 0.3034 -0.0082 -0.0068 -0.0611 4 DA E "O5'" 
558 C "C5'" . DA D 4 ? 0.2638 0.4310 0.2724 -0.0198 -0.0105 -0.0512 4 DA E "C5'" 
559 C "C4'" . DA D 4 ? 0.2079 0.3635 0.2055 -0.0373 -0.0133 -0.0340 4 DA E "C4'" 
560 O "O4'" . DA D 4 ? 0.2422 0.3737 0.2428 -0.0233 -0.0160 -0.0179 4 DA E "O4'" 
561 C "C3'" . DA D 4 ? 0.2322 0.3916 0.2246 -0.0543 -0.0092 -0.0389 4 DA E "C3'" 
562 O "O3'" . DA D 4 ? 0.3254 0.4821 0.3028 -0.0801 -0.0158 -0.0275 4 DA E "O3'" 
563 C "C2'" . DA D 4 ? 0.2367 0.3755 0.2354 -0.0383 -0.0087 -0.0301 4 DA E "C2'" 
564 C "C1'" . DA D 4 ? 0.2484 0.3693 0.2496 -0.0270 -0.0143 -0.0131 4 DA E "C1'" 
565 N N9    . DA D 4 ? 0.2602 0.3616 0.2660 -0.0057 -0.0110 -0.0094 4 DA E N9    
566 C C8    . DA D 4 ? 0.2797 0.3777 0.2860 0.0124  -0.0082 -0.0191 4 DA E C8    
567 N N7    . DA D 4 ? 0.3011 0.3747 0.3043 0.0258  -0.0063 -0.0114 4 DA E N7    
568 C C5    . DA D 4 ? 0.2165 0.2801 0.2230 0.0171  -0.0055 0.0019  4 DA E C5    
569 C C6    . DA D 4 ? 0.2559 0.2957 0.2650 0.0219  -0.0006 0.0114  4 DA E C6    
570 N N6    . DA D 4 ? 0.3136 0.3316 0.3124 0.0350  0.0053  0.0108  4 DA E N6    
571 N N1    . DA D 4 ? 0.2537 0.2913 0.2769 0.0108  -0.0026 0.0208  4 DA E N1    
572 C C2    . DA D 4 ? 0.2057 0.2598 0.2340 -0.0046 -0.0118 0.0236  4 DA E C2    
573 N N3    . DA D 4 ? 0.2505 0.3246 0.2687 -0.0133 -0.0159 0.0165  4 DA E N3    
574 C C4    . DA D 4 ? 0.2257 0.3056 0.2357 -0.0012 -0.0108 0.0043  4 DA E C4    
575 P P     . DT D 5 ? 0.3225 0.4838 0.2828 -0.1094 -0.0134 -0.0328 5 DT E P     
576 O OP1   . DT D 5 ? 0.4030 0.5636 0.3425 -0.1375 -0.0224 -0.0244 5 DT E OP1   
577 O OP2   . DT D 5 ? 0.3876 0.5675 0.3549 -0.1078 0.0011  -0.0584 5 DT E OP2   
578 O "O5'" . DT D 5 ? 0.2915 0.4312 0.2554 -0.1051 -0.0196 -0.0166 5 DT E "O5'" 
579 C "C5'" . DT D 5 ? 0.2961 0.4169 0.2645 -0.1047 -0.0333 0.0053  5 DT E "C5'" 
580 C "C4'" . DT D 5 ? 0.2941 0.3979 0.2746 -0.0959 -0.0353 0.0149  5 DT E "C4'" 
581 O "O4'" . DT D 5 ? 0.2925 0.3913 0.2890 -0.0671 -0.0259 0.0111  5 DT E "O4'" 
582 C "C3'" . DT D 5 ? 0.3127 0.4180 0.2825 -0.1097 -0.0311 0.0080  5 DT E "C3'" 
583 O "O3'" . DT D 5 ? 0.3446 0.4351 0.3078 -0.1304 -0.0470 0.0241  5 DT E "O3'" 
584 C "C2'" . DT D 5 ? 0.2755 0.3743 0.2622 -0.0836 -0.0206 0.0031  5 DT E "C2'" 
585 C "C1'" . DT D 5 ? 0.2317 0.3193 0.2340 -0.0627 -0.0228 0.0129  5 DT E "C1'" 
586 N N1    . DT D 5 ? 0.2126 0.2937 0.2228 -0.0364 -0.0120 0.0064  5 DT E N1    
587 C C2    . DT D 5 ? 0.2208 0.2818 0.2427 -0.0238 -0.0106 0.0161  5 DT E C2    
588 O O2    . DT D 5 ? 0.2647 0.3161 0.2986 -0.0310 -0.0172 0.0278  5 DT E O2    
589 N N3    . DT D 5 ? 0.2150 0.2660 0.2351 -0.0038 -0.0018 0.0106  5 DT E N3    
590 C C4    . DT D 5 ? 0.2331 0.2914 0.2459 0.0069  0.0016  -0.0023 5 DT E C4    
591 O O4    . DT D 5 ? 0.2952 0.3379 0.3041 0.0235  0.0051  -0.0041 5 DT E O4    
592 C C5    . DT D 5 ? 0.2521 0.3351 0.2628 -0.0047 -0.0001 -0.0143 5 DT E C5    
593 C C7    . DT D 5 ? 0.2994 0.3943 0.3135 0.0060  0.0026  -0.0320 5 DT E C7    
594 C C6    . DT D 5 ? 0.2077 0.3011 0.2146 -0.0268 -0.0048 -0.0100 5 DT E C6    
595 P P     . DA D 6 ? 0.4002 0.4877 0.3443 -0.1546 -0.0485 0.0218  6 DA E P     
596 O OP1   . DA D 6 ? 0.4632 0.5381 0.3876 -0.1850 -0.0696 0.0374  6 DA E OP1   
597 O OP2   . DA D 6 ? 0.4568 0.5631 0.3910 -0.1568 -0.0289 -0.0022 6 DA E OP2   
598 O "O5'" . DA D 6 ? 0.3780 0.4504 0.3458 -0.1371 -0.0496 0.0299  6 DA E "O5'" 
599 C "C5'" . DA D 6 ? 0.3680 0.4234 0.3587 -0.1306 -0.0646 0.0479  6 DA E "C5'" 
600 C "C4'" . DA D 6 ? 0.3674 0.4117 0.3800 -0.1158 -0.0600 0.0497  6 DA E "C4'" 
601 O "O4'" . DA D 6 ? 0.4067 0.4542 0.4304 -0.0877 -0.0410 0.0394  6 DA E "O4'" 
602 C "C3'" . DA D 6 ? 0.4587 0.5032 0.4560 -0.1299 -0.0572 0.0439  6 DA E "C3'" 
603 O "O3'" . DA D 6 ? 0.5226 0.5513 0.5403 -0.1292 -0.0666 0.0544  6 DA E "O3'" 
604 C "C2'" . DA D 6 ? 0.4380 0.4937 0.4343 -0.1106 -0.0341 0.0257  6 DA E "C2'" 
605 C "C1'" . DA D 6 ? 0.3552 0.4039 0.3742 -0.0828 -0.0287 0.0290  6 DA E "C1'" 
606 N N9    . DA D 6 ? 0.3382 0.3955 0.3536 -0.0639 -0.0136 0.0151  6 DA E N9    
607 C C8    . DA D 6 ? 0.3405 0.4157 0.3424 -0.0683 -0.0070 -0.0003 6 DA E C8    
608 N N7    . DA D 6 ? 0.3182 0.3960 0.3258 -0.0471 0.0019  -0.0102 6 DA E N7    
609 C C5    . DA D 6 ? 0.2531 0.3108 0.2708 -0.0297 0.0026  0.0002  6 DA E C5    
610 C C6    . DA D 6 ? 0.2679 0.3129 0.2881 -0.0069 0.0088  -0.0016 6 DA E C6    
611 N N6    . DA D 6 ? 0.3076 0.3589 0.3246 0.0052  0.0116  -0.0138 6 DA E N6    
612 N N1    . DA D 6 ? 0.2482 0.2722 0.2748 0.0010  0.0112  0.0086  6 DA E N1    
613 C C2    . DA D 6 ? 0.2569 0.2757 0.2956 -0.0102 0.0068  0.0186  6 DA E C2    
614 N N3    . DA D 6 ? 0.3414 0.3702 0.3824 -0.0295 -0.0035 0.0230  6 DA E N3    
615 C C4    . DA D 6 ? 0.3397 0.3866 0.3655 -0.0396 -0.0047 0.0140  6 DA E C4    
616 P P     . DC D 7 ? 0.5286 0.5484 0.5302 -0.1580 -0.0828 0.0612  7 DC E P     
617 O OP1   . DC D 7 ? 0.6364 0.6414 0.6440 -0.1691 -0.1093 0.0791  7 DC E OP1   
618 O OP2   . DC D 7 ? 0.4246 0.4571 0.3895 -0.1761 -0.0713 0.0468  7 DC E OP2   
619 O "O5'" . DC D 7 ? 0.5167 0.5281 0.5431 -0.1432 -0.0754 0.0597  7 DC E "O5'" 
620 C "C5'" . DC D 7 ? 0.4136 0.4327 0.4294 -0.1360 -0.0545 0.0444  7 DC E "C5'" 
621 C "C4'" . DC D 7 ? 0.2943 0.3074 0.3376 -0.1065 -0.0390 0.0405  7 DC E "C4'" 
622 O "O4'" . DC D 7 ? 0.2677 0.2872 0.3107 -0.0874 -0.0268 0.0343  7 DC E "O4'" 
623 C "C3'" . DC D 7 ? 0.2947 0.3080 0.3332 -0.1011 -0.0233 0.0288  7 DC E "C3'" 
624 O "O3'" . DC D 7 ? 0.2877 0.2885 0.3416 -0.1065 -0.0306 0.0357  7 DC E "O3'" 
625 C "C2'" . DC D 7 ? 0.3926 0.4027 0.4409 -0.0727 -0.0056 0.0215  7 DC E "C2'" 
626 C "C1'" . DC D 7 ? 0.2591 0.2746 0.3068 -0.0666 -0.0089 0.0248  7 DC E "C1'" 
627 N N1    . DC D 7 ? 0.2376 0.2656 0.2700 -0.0578 0.0013  0.0118  7 DC E N1    
628 C C2    . DC D 7 ? 0.2304 0.2503 0.2676 -0.0343 0.0115  0.0084  7 DC E C2    
629 O O2    . DC D 7 ? 0.2573 0.2598 0.3070 -0.0244 0.0147  0.0152  7 DC E O2    
630 N N3    . DC D 7 ? 0.2297 0.2595 0.2581 -0.0250 0.0169  -0.0030 7 DC E N3    
631 C C4    . DC D 7 ? 0.2597 0.3099 0.2789 -0.0384 0.0160  -0.0137 7 DC E C4    
632 N N4    . DC D 7 ? 0.2771 0.3380 0.2960 -0.0278 0.0208  -0.0273 7 DC E N4    
633 C C5    . DC D 7 ? 0.3389 0.3974 0.3487 -0.0651 0.0094  -0.0117 7 DC E C5    
634 C C6    . DC D 7 ? 0.2686 0.3141 0.2833 -0.0740 0.0005  0.0026  7 DC E C6    
635 P P     . DG D 8 ? 0.3165 0.3186 0.3541 -0.1233 -0.0287 0.0290  8 DG E P     
636 O OP1   . DG D 8 ? 0.3432 0.3311 0.4023 -0.1295 -0.0419 0.0395  8 DG E OP1   
637 O OP2   . DG D 8 ? 0.3781 0.3928 0.3818 -0.1472 -0.0316 0.0227  8 DG E OP2   
638 O "O5'" . DG D 8 ? 0.3165 0.3201 0.3567 -0.1014 -0.0042 0.0137  8 DG E "O5'" 
639 C "C5'" . DG D 8 ? 0.3032 0.2923 0.3666 -0.0811 0.0044  0.0159  8 DG E "C5'" 
640 C "C4'" . DG D 8 ? 0.3314 0.3176 0.3903 -0.0718 0.0214  0.0031  8 DG E "C4'" 
641 O "O4'" . DG D 8 ? 0.2742 0.2692 0.3212 -0.0601 0.0318  -0.0088 8 DG E "O4'" 
642 C "C3'" . DG D 8 ? 0.3092 0.3011 0.3570 -0.0920 0.0199  -0.0031 8 DG E "C3'" 
643 O "O3'" . DG D 8 ? 0.3516 0.3305 0.4157 -0.0958 0.0149  0.0043  8 DG E "O3'" 
644 C "C2'" . DG D 8 ? 0.2832 0.2798 0.3247 -0.0806 0.0380  -0.0209 8 DG E "C2'" 
645 C "C1'" . DG D 8 ? 0.2728 0.2704 0.3155 -0.0597 0.0428  -0.0230 8 DG E "C1'" 
646 N N9    . DG D 8 ? 0.2912 0.3075 0.3241 -0.0625 0.0470  -0.0379 8 DG E N9    
647 C C8    . DG D 8 ? 0.2852 0.3197 0.3045 -0.0866 0.0462  -0.0479 8 DG E C8    
648 N N7    . DG D 8 ? 0.2843 0.3348 0.3036 -0.0834 0.0531  -0.0639 8 DG E N7    
649 C C5    . DG D 8 ? 0.3082 0.3485 0.3408 -0.0544 0.0551  -0.0621 8 DG E C5    
650 C C6    . DG D 8 ? 0.2701 0.3179 0.3115 -0.0382 0.0585  -0.0746 8 DG E C6    
651 O O6    . DG D 8 ? 0.3168 0.3856 0.3621 -0.0454 0.0628  -0.0927 8 DG E O6    
652 N N1    . DG D 8 ? 0.2665 0.2935 0.3132 -0.0130 0.0560  -0.0654 8 DG E N1    
653 C C2    . DG D 8 ? 0.2665 0.2698 0.3104 -0.0060 0.0550  -0.0490 8 DG E C2    
654 N N2    . DG D 8 ? 0.2939 0.2759 0.3364 0.0144  0.0546  -0.0432 8 DG E N2    
655 N N3    . DG D 8 ? 0.2664 0.2657 0.3087 -0.0200 0.0539  -0.0396 8 DG E N3    
656 C C4    . DG D 8 ? 0.2698 0.2878 0.3066 -0.0430 0.0522  -0.0458 8 DG E C4    
# 
